data_2E44
#
_entry.id   2E44
#
_entity_poly.entity_id   1
_entity_poly.type   'polypeptide(L)'
_entity_poly.pdbx_seq_one_letter_code
;GSSGSSGSVPKRQRIRKLQIRNIPPHLQWEVLDSLLVQYGVVESCEQVNTDSETAVVNVTYSSKDQARQALDKLNGFQLE
NFTLKVAYIPDEMAAQ
;
_entity_poly.pdbx_strand_id   A
#
# COMPACT_ATOMS: atom_id res chain seq x y z
N GLY A 1 26.46 1.94 8.68
CA GLY A 1 27.05 1.97 10.01
C GLY A 1 28.02 0.84 10.25
N SER A 2 28.89 1.00 11.23
CA SER A 2 29.88 -0.02 11.55
C SER A 2 29.21 -1.38 11.76
N SER A 3 30.03 -2.43 11.82
CA SER A 3 29.52 -3.78 12.00
C SER A 3 29.65 -4.21 13.46
N GLY A 4 28.63 -3.92 14.26
CA GLY A 4 28.64 -4.29 15.65
C GLY A 4 27.33 -4.91 16.11
N SER A 5 26.96 -6.03 15.49
CA SER A 5 25.73 -6.72 15.83
C SER A 5 25.90 -8.23 15.73
N SER A 6 25.41 -8.95 16.74
CA SER A 6 25.52 -10.40 16.77
C SER A 6 24.16 -11.03 17.07
N GLY A 7 23.61 -11.74 16.08
CA GLY A 7 22.32 -12.39 16.27
C GLY A 7 21.46 -12.32 15.03
N SER A 8 20.15 -12.37 15.21
CA SER A 8 19.21 -12.31 14.09
C SER A 8 18.60 -10.92 13.96
N VAL A 9 19.15 -10.13 13.05
CA VAL A 9 18.66 -8.78 12.81
C VAL A 9 17.19 -8.79 12.38
N PRO A 10 16.46 -7.74 12.76
CA PRO A 10 15.04 -7.61 12.42
C PRO A 10 14.82 -7.33 10.94
N LYS A 11 13.56 -7.32 10.52
CA LYS A 11 13.21 -7.08 9.13
C LYS A 11 12.34 -5.83 9.00
N ARG A 12 12.77 -4.75 9.62
CA ARG A 12 12.02 -3.49 9.57
C ARG A 12 12.73 -2.47 8.69
N GLN A 13 13.25 -2.94 7.55
CA GLN A 13 13.95 -2.07 6.62
C GLN A 13 13.30 -2.09 5.24
N ARG A 14 13.57 -1.07 4.44
CA ARG A 14 13.01 -0.98 3.10
C ARG A 14 11.49 -1.02 3.14
N ILE A 15 10.92 -0.21 4.03
CA ILE A 15 9.47 -0.14 4.18
C ILE A 15 8.90 1.11 3.51
N ARG A 16 8.67 1.03 2.20
CA ARG A 16 8.14 2.16 1.45
C ARG A 16 6.61 2.10 1.41
N LYS A 17 6.01 1.83 2.56
CA LYS A 17 4.56 1.75 2.66
C LYS A 17 3.89 2.77 1.74
N LEU A 18 2.75 2.39 1.18
CA LEU A 18 2.01 3.27 0.28
C LEU A 18 0.60 3.51 0.79
N GLN A 19 0.13 4.75 0.67
CA GLN A 19 -1.22 5.10 1.12
C GLN A 19 -2.15 5.30 -0.07
N ILE A 20 -3.28 4.59 -0.06
CA ILE A 20 -4.25 4.69 -1.14
C ILE A 20 -5.59 5.21 -0.63
N ARG A 21 -6.10 6.25 -1.28
CA ARG A 21 -7.38 6.84 -0.89
C ARG A 21 -8.30 7.00 -2.10
N ASN A 22 -9.46 7.61 -1.88
CA ASN A 22 -10.43 7.81 -2.95
C ASN A 22 -10.96 6.48 -3.47
N ILE A 23 -11.08 5.51 -2.57
CA ILE A 23 -11.58 4.19 -2.95
C ILE A 23 -13.08 4.10 -2.77
N PRO A 24 -13.77 3.56 -3.79
CA PRO A 24 -15.23 3.41 -3.77
C PRO A 24 -15.68 2.34 -2.78
N PRO A 25 -16.59 2.73 -1.88
CA PRO A 25 -17.13 1.83 -0.85
C PRO A 25 -18.04 0.76 -1.45
N HIS A 26 -18.19 0.77 -2.77
CA HIS A 26 -19.03 -0.19 -3.46
C HIS A 26 -18.22 -1.42 -3.87
N LEU A 27 -17.04 -1.19 -4.41
CA LEU A 27 -16.17 -2.28 -4.84
C LEU A 27 -15.95 -3.28 -3.71
N GLN A 28 -15.75 -4.55 -4.08
CA GLN A 28 -15.53 -5.60 -3.09
C GLN A 28 -14.04 -5.77 -2.80
N TRP A 29 -13.72 -6.02 -1.53
CA TRP A 29 -12.33 -6.20 -1.13
C TRP A 29 -11.63 -7.24 -2.01
N GLU A 30 -12.25 -8.40 -2.16
CA GLU A 30 -11.70 -9.47 -2.98
C GLU A 30 -11.17 -8.92 -4.30
N VAL A 31 -11.75 -7.81 -4.74
CA VAL A 31 -11.32 -7.18 -5.99
C VAL A 31 -10.06 -6.36 -5.80
N LEU A 32 -10.03 -5.57 -4.72
CA LEU A 32 -8.88 -4.72 -4.42
C LEU A 32 -7.60 -5.55 -4.37
N ASP A 33 -7.61 -6.60 -3.55
CA ASP A 33 -6.46 -7.48 -3.41
C ASP A 33 -5.85 -7.81 -4.77
N SER A 34 -6.67 -8.35 -5.67
CA SER A 34 -6.21 -8.70 -7.00
C SER A 34 -5.51 -7.53 -7.67
N LEU A 35 -6.14 -6.35 -7.61
CA LEU A 35 -5.57 -5.16 -8.21
C LEU A 35 -4.17 -4.87 -7.66
N LEU A 36 -4.00 -5.09 -6.36
CA LEU A 36 -2.72 -4.86 -5.70
C LEU A 36 -1.67 -5.83 -6.23
N VAL A 37 -1.81 -7.11 -5.87
CA VAL A 37 -0.87 -8.14 -6.30
C VAL A 37 -0.59 -8.03 -7.79
N GLN A 38 -1.62 -7.67 -8.56
CA GLN A 38 -1.47 -7.52 -10.01
C GLN A 38 -0.24 -6.70 -10.35
N TYR A 39 -0.02 -5.62 -9.60
CA TYR A 39 1.12 -4.75 -9.84
C TYR A 39 2.42 -5.43 -9.44
N GLY A 40 2.46 -5.94 -8.21
CA GLY A 40 3.65 -6.62 -7.72
C GLY A 40 3.36 -7.55 -6.56
N VAL A 41 4.38 -7.82 -5.75
CA VAL A 41 4.22 -8.70 -4.60
C VAL A 41 3.96 -7.89 -3.33
N VAL A 42 2.68 -7.67 -3.03
CA VAL A 42 2.30 -6.91 -1.85
C VAL A 42 2.61 -7.69 -0.58
N GLU A 43 3.62 -7.23 0.16
CA GLU A 43 4.02 -7.88 1.40
C GLU A 43 2.83 -8.00 2.36
N SER A 44 2.12 -6.89 2.55
CA SER A 44 0.97 -6.87 3.44
C SER A 44 0.07 -5.68 3.12
N CYS A 45 -1.23 -5.86 3.35
CA CYS A 45 -2.21 -4.80 3.09
C CYS A 45 -2.90 -4.38 4.38
N GLU A 46 -2.42 -3.29 4.98
CA GLU A 46 -2.99 -2.78 6.21
C GLU A 46 -4.14 -1.81 5.92
N GLN A 47 -5.03 -1.67 6.89
CA GLN A 47 -6.18 -0.77 6.75
C GLN A 47 -5.88 0.61 7.33
N VAL A 48 -6.58 1.62 6.82
CA VAL A 48 -6.38 2.98 7.29
C VAL A 48 -7.65 3.81 7.13
N ASN A 49 -7.84 4.78 8.02
CA ASN A 49 -9.02 5.64 7.98
C ASN A 49 -8.63 7.10 7.99
N THR A 50 -8.74 7.76 6.84
CA THR A 50 -8.39 9.17 6.72
C THR A 50 -9.61 10.06 7.01
N ASP A 51 -10.55 9.53 7.78
CA ASP A 51 -11.75 10.28 8.13
C ASP A 51 -12.47 10.77 6.88
N SER A 52 -12.53 9.91 5.87
CA SER A 52 -13.19 10.26 4.61
C SER A 52 -14.16 9.16 4.18
N GLU A 53 -15.14 9.53 3.37
CA GLU A 53 -16.14 8.58 2.89
C GLU A 53 -15.47 7.39 2.21
N THR A 54 -14.73 7.66 1.14
CA THR A 54 -14.05 6.62 0.40
C THR A 54 -13.18 5.77 1.33
N ALA A 55 -12.91 4.53 0.91
CA ALA A 55 -12.09 3.62 1.70
C ALA A 55 -10.62 3.97 1.57
N VAL A 56 -9.86 3.74 2.65
CA VAL A 56 -8.43 4.02 2.65
C VAL A 56 -7.64 2.84 3.20
N VAL A 57 -6.59 2.45 2.48
CA VAL A 57 -5.75 1.33 2.89
C VAL A 57 -4.29 1.60 2.58
N ASN A 58 -3.40 0.88 3.25
CA ASN A 58 -1.96 1.04 3.05
C ASN A 58 -1.36 -0.21 2.43
N VAL A 59 -0.69 -0.04 1.30
CA VAL A 59 -0.05 -1.16 0.60
C VAL A 59 1.44 -1.23 0.92
N THR A 60 1.92 -2.43 1.21
CA THR A 60 3.32 -2.64 1.53
C THR A 60 3.95 -3.70 0.62
N TYR A 61 4.61 -3.25 -0.43
CA TYR A 61 5.25 -4.16 -1.37
C TYR A 61 6.63 -4.58 -0.87
N SER A 62 7.17 -5.63 -1.47
CA SER A 62 8.49 -6.14 -1.09
C SER A 62 9.60 -5.37 -1.81
N SER A 63 9.41 -5.16 -3.11
CA SER A 63 10.40 -4.44 -3.91
C SER A 63 9.95 -3.00 -4.17
N LYS A 64 10.92 -2.13 -4.42
CA LYS A 64 10.62 -0.72 -4.68
C LYS A 64 10.02 -0.55 -6.08
N ASP A 65 10.66 -1.16 -7.07
CA ASP A 65 10.20 -1.07 -8.46
C ASP A 65 8.73 -1.47 -8.55
N GLN A 66 8.38 -2.60 -7.96
CA GLN A 66 7.01 -3.09 -7.98
C GLN A 66 6.04 -2.04 -7.42
N ALA A 67 6.46 -1.40 -6.34
CA ALA A 67 5.63 -0.38 -5.70
C ALA A 67 5.48 0.84 -6.60
N ARG A 68 6.56 1.22 -7.27
CA ARG A 68 6.55 2.36 -8.17
C ARG A 68 5.37 2.29 -9.13
N GLN A 69 5.24 1.15 -9.81
CA GLN A 69 4.15 0.95 -10.76
C GLN A 69 2.79 1.11 -10.09
N ALA A 70 2.52 0.26 -9.11
CA ALA A 70 1.25 0.31 -8.39
C ALA A 70 0.76 1.76 -8.24
N LEU A 71 1.59 2.59 -7.63
CA LEU A 71 1.24 3.99 -7.42
C LEU A 71 1.19 4.74 -8.75
N ASP A 72 2.25 4.62 -9.53
CA ASP A 72 2.31 5.28 -10.84
C ASP A 72 0.98 5.16 -11.57
N LYS A 73 0.24 4.10 -11.28
CA LYS A 73 -1.05 3.86 -11.91
C LYS A 73 -2.19 4.21 -10.97
N LEU A 74 -2.29 3.47 -9.88
CA LEU A 74 -3.34 3.70 -8.88
C LEU A 74 -3.49 5.19 -8.58
N ASN A 75 -2.35 5.86 -8.38
CA ASN A 75 -2.34 7.29 -8.08
C ASN A 75 -3.43 8.01 -8.87
N GLY A 76 -3.75 7.47 -10.05
CA GLY A 76 -4.78 8.09 -10.88
C GLY A 76 -5.68 7.06 -11.54
N PHE A 77 -5.64 5.83 -11.03
CA PHE A 77 -6.46 4.75 -11.57
C PHE A 77 -7.93 4.98 -11.26
N GLN A 78 -8.67 5.51 -12.22
CA GLN A 78 -10.10 5.77 -12.05
C GLN A 78 -10.87 4.47 -11.84
N LEU A 79 -11.59 4.38 -10.73
CA LEU A 79 -12.38 3.20 -10.42
C LEU A 79 -13.74 3.59 -9.87
N GLU A 80 -14.79 3.31 -10.64
CA GLU A 80 -16.16 3.62 -10.22
C GLU A 80 -16.33 5.13 -10.04
N ASN A 81 -15.73 5.90 -10.94
CA ASN A 81 -15.83 7.36 -10.88
C ASN A 81 -15.10 7.89 -9.65
N PHE A 82 -14.11 7.14 -9.17
CA PHE A 82 -13.33 7.54 -8.01
C PHE A 82 -11.83 7.44 -8.30
N THR A 83 -11.25 8.55 -8.73
CA THR A 83 -9.83 8.59 -9.04
C THR A 83 -8.99 8.21 -7.83
N LEU A 84 -8.53 6.96 -7.79
CA LEU A 84 -7.72 6.47 -6.68
C LEU A 84 -6.47 7.34 -6.51
N LYS A 85 -6.25 7.82 -5.29
CA LYS A 85 -5.09 8.65 -4.99
C LYS A 85 -4.05 7.86 -4.19
N VAL A 86 -2.80 7.91 -4.64
CA VAL A 86 -1.72 7.21 -3.97
C VAL A 86 -0.55 8.15 -3.67
N ALA A 87 0.07 7.97 -2.51
CA ALA A 87 1.20 8.79 -2.11
C ALA A 87 2.19 8.01 -1.26
N TYR A 88 3.48 8.24 -1.48
CA TYR A 88 4.52 7.55 -0.75
C TYR A 88 4.46 7.91 0.74
N ILE A 89 4.32 6.90 1.59
CA ILE A 89 4.26 7.11 3.03
C ILE A 89 5.65 7.20 3.63
N PRO A 90 5.83 8.15 4.56
CA PRO A 90 7.12 8.35 5.24
C PRO A 90 7.47 7.20 6.19
N ASP A 91 8.75 7.04 6.47
CA ASP A 91 9.21 5.98 7.37
C ASP A 91 9.17 6.45 8.81
N GLU A 92 9.13 5.50 9.75
CA GLU A 92 9.09 5.81 11.17
C GLU A 92 10.48 6.11 11.70
N MET A 93 10.71 7.36 12.09
CA MET A 93 12.01 7.77 12.62
C MET A 93 11.91 8.13 14.10
N ALA A 94 13.02 8.04 14.80
CA ALA A 94 13.06 8.36 16.22
C ALA A 94 13.15 9.86 16.45
N ALA A 95 12.35 10.62 15.69
CA ALA A 95 12.34 12.07 15.80
C ALA A 95 10.93 12.62 15.61
N GLN A 96 10.66 13.78 16.20
CA GLN A 96 9.36 14.42 16.09
C GLN A 96 8.86 14.41 14.65
N GLY A 1 22.65 -17.51 19.94
CA GLY A 1 23.65 -16.76 20.67
C GLY A 1 23.10 -16.15 21.95
N SER A 2 23.99 -15.60 22.78
CA SER A 2 23.59 -14.99 24.04
C SER A 2 23.67 -13.47 23.95
N SER A 3 24.77 -12.97 23.41
CA SER A 3 24.98 -11.54 23.28
C SER A 3 24.76 -11.09 21.83
N GLY A 4 24.83 -9.78 21.61
CA GLY A 4 24.63 -9.25 20.28
C GLY A 4 23.17 -9.06 19.93
N SER A 5 22.90 -8.19 18.97
CA SER A 5 21.53 -7.91 18.55
C SER A 5 21.25 -8.53 17.18
N SER A 6 21.74 -9.75 16.98
CA SER A 6 21.55 -10.44 15.71
C SER A 6 20.07 -10.72 15.46
N GLY A 7 19.49 -11.58 16.30
CA GLY A 7 18.08 -11.91 16.16
C GLY A 7 17.77 -12.59 14.84
N SER A 8 17.21 -13.79 14.91
CA SER A 8 16.87 -14.55 13.71
C SER A 8 16.32 -13.63 12.62
N VAL A 9 15.29 -12.86 12.97
CA VAL A 9 14.67 -11.95 12.02
C VAL A 9 15.72 -11.05 11.36
N PRO A 10 15.49 -10.72 10.08
CA PRO A 10 16.39 -9.86 9.32
C PRO A 10 16.37 -8.41 9.80
N LYS A 11 17.56 -7.86 10.05
CA LYS A 11 17.68 -6.49 10.51
C LYS A 11 16.65 -5.59 9.84
N ARG A 12 16.08 -4.67 10.59
CA ARG A 12 15.08 -3.75 10.06
C ARG A 12 15.64 -2.94 8.90
N GLN A 13 14.76 -2.24 8.19
CA GLN A 13 15.18 -1.43 7.05
C GLN A 13 14.04 -0.52 6.60
N ARG A 14 14.39 0.49 5.79
CA ARG A 14 13.39 1.43 5.29
C ARG A 14 12.06 0.73 5.02
N ILE A 15 10.97 1.43 5.32
CA ILE A 15 9.64 0.88 5.11
C ILE A 15 9.09 1.28 3.74
N ARG A 16 9.19 2.57 3.41
CA ARG A 16 8.70 3.07 2.14
C ARG A 16 7.32 2.52 1.82
N LYS A 17 6.43 2.57 2.81
CA LYS A 17 5.07 2.08 2.63
C LYS A 17 4.32 2.91 1.60
N LEU A 18 3.09 2.51 1.32
CA LEU A 18 2.25 3.22 0.35
C LEU A 18 0.83 3.39 0.86
N GLN A 19 0.32 4.60 0.78
CA GLN A 19 -1.04 4.89 1.24
C GLN A 19 -1.98 5.13 0.05
N ILE A 20 -3.15 4.51 0.10
CA ILE A 20 -4.13 4.65 -0.97
C ILE A 20 -5.43 5.24 -0.45
N ARG A 21 -5.95 6.23 -1.15
CA ARG A 21 -7.20 6.88 -0.76
C ARG A 21 -8.12 7.08 -1.97
N ASN A 22 -9.25 7.72 -1.73
CA ASN A 22 -10.21 7.98 -2.80
C ASN A 22 -10.77 6.67 -3.34
N ILE A 23 -10.82 5.66 -2.50
CA ILE A 23 -11.34 4.35 -2.91
C ILE A 23 -12.85 4.28 -2.74
N PRO A 24 -13.54 3.75 -3.75
CA PRO A 24 -15.00 3.61 -3.74
C PRO A 24 -15.48 2.56 -2.75
N PRO A 25 -16.38 2.95 -1.85
CA PRO A 25 -16.93 2.05 -0.83
C PRO A 25 -17.85 0.98 -1.43
N HIS A 26 -18.01 1.02 -2.76
CA HIS A 26 -18.85 0.06 -3.46
C HIS A 26 -18.06 -1.18 -3.85
N LEU A 27 -16.85 -0.96 -4.35
CA LEU A 27 -15.99 -2.06 -4.77
C LEU A 27 -15.81 -3.07 -3.65
N GLN A 28 -15.63 -4.34 -4.01
CA GLN A 28 -15.45 -5.40 -3.02
C GLN A 28 -13.97 -5.69 -2.80
N TRP A 29 -13.58 -5.81 -1.53
CA TRP A 29 -12.19 -6.09 -1.19
C TRP A 29 -11.60 -7.16 -2.11
N GLU A 30 -12.24 -8.32 -2.15
CA GLU A 30 -11.78 -9.41 -2.99
C GLU A 30 -11.23 -8.89 -4.32
N VAL A 31 -11.83 -7.81 -4.81
CA VAL A 31 -11.39 -7.21 -6.07
C VAL A 31 -10.08 -6.45 -5.90
N LEU A 32 -10.00 -5.66 -4.83
CA LEU A 32 -8.80 -4.88 -4.55
C LEU A 32 -7.57 -5.77 -4.51
N ASP A 33 -7.61 -6.79 -3.66
CA ASP A 33 -6.50 -7.73 -3.52
C ASP A 33 -5.90 -8.05 -4.89
N SER A 34 -6.74 -8.49 -5.81
CA SER A 34 -6.29 -8.84 -7.16
C SER A 34 -5.56 -7.68 -7.80
N LEU A 35 -6.18 -6.51 -7.80
CA LEU A 35 -5.59 -5.32 -8.39
C LEU A 35 -4.20 -5.06 -7.82
N LEU A 36 -3.99 -5.48 -6.57
CA LEU A 36 -2.71 -5.30 -5.90
C LEU A 36 -1.66 -6.26 -6.46
N VAL A 37 -1.92 -7.56 -6.29
CA VAL A 37 -1.00 -8.58 -6.77
C VAL A 37 -0.75 -8.43 -8.27
N GLN A 38 -1.63 -7.69 -8.94
CA GLN A 38 -1.51 -7.47 -10.37
C GLN A 38 -0.31 -6.59 -10.69
N TYR A 39 -0.01 -5.67 -9.78
CA TYR A 39 1.13 -4.76 -9.97
C TYR A 39 2.44 -5.46 -9.63
N GLY A 40 2.50 -6.06 -8.44
CA GLY A 40 3.70 -6.74 -8.02
C GLY A 40 3.46 -7.70 -6.87
N VAL A 41 4.51 -8.03 -6.13
CA VAL A 41 4.40 -8.93 -5.00
C VAL A 41 4.10 -8.18 -3.72
N VAL A 42 2.81 -8.04 -3.39
CA VAL A 42 2.39 -7.33 -2.19
C VAL A 42 2.75 -8.13 -0.93
N GLU A 43 3.46 -7.48 -0.02
CA GLU A 43 3.86 -8.14 1.23
C GLU A 43 2.69 -8.22 2.20
N SER A 44 1.98 -7.10 2.37
CA SER A 44 0.83 -7.05 3.27
C SER A 44 -0.03 -5.83 2.97
N CYS A 45 -1.34 -6.00 3.14
CA CYS A 45 -2.28 -4.91 2.89
C CYS A 45 -3.05 -4.55 4.15
N GLU A 46 -2.59 -3.50 4.84
CA GLU A 46 -3.24 -3.06 6.07
C GLU A 46 -4.36 -2.08 5.78
N GLN A 47 -5.34 -2.02 6.67
CA GLN A 47 -6.47 -1.11 6.51
C GLN A 47 -6.25 0.19 7.27
N VAL A 48 -6.87 1.26 6.80
CA VAL A 48 -6.75 2.56 7.44
C VAL A 48 -7.99 3.41 7.22
N ASN A 49 -8.16 4.44 8.04
CA ASN A 49 -9.31 5.33 7.94
C ASN A 49 -8.90 6.78 8.14
N THR A 50 -8.98 7.57 7.07
CA THR A 50 -8.61 8.98 7.13
C THR A 50 -9.82 9.84 7.47
N ASP A 51 -10.80 9.26 8.13
CA ASP A 51 -12.01 9.97 8.52
C ASP A 51 -12.70 10.57 7.29
N SER A 52 -12.77 9.78 6.23
CA SER A 52 -13.41 10.23 4.99
C SER A 52 -14.35 9.17 4.44
N GLU A 53 -15.30 9.60 3.63
CA GLU A 53 -16.27 8.67 3.03
C GLU A 53 -15.57 7.54 2.31
N THR A 54 -14.72 7.89 1.34
CA THR A 54 -13.97 6.90 0.57
C THR A 54 -13.17 5.98 1.49
N ALA A 55 -12.85 4.79 0.98
CA ALA A 55 -12.09 3.82 1.75
C ALA A 55 -10.60 4.14 1.72
N VAL A 56 -9.89 3.75 2.77
CA VAL A 56 -8.45 4.00 2.86
C VAL A 56 -7.71 2.74 3.30
N VAL A 57 -6.54 2.51 2.68
CA VAL A 57 -5.73 1.35 3.02
C VAL A 57 -4.26 1.62 2.74
N ASN A 58 -3.39 0.77 3.27
CA ASN A 58 -1.95 0.91 3.09
C ASN A 58 -1.36 -0.34 2.45
N VAL A 59 -0.74 -0.17 1.30
CA VAL A 59 -0.12 -1.29 0.58
C VAL A 59 1.38 -1.35 0.85
N THR A 60 1.88 -2.55 1.13
CA THR A 60 3.29 -2.75 1.40
C THR A 60 3.87 -3.86 0.53
N TYR A 61 4.59 -3.47 -0.52
CA TYR A 61 5.19 -4.42 -1.44
C TYR A 61 6.58 -4.84 -0.95
N SER A 62 7.10 -5.92 -1.53
CA SER A 62 8.42 -6.42 -1.14
C SER A 62 9.52 -5.69 -1.91
N SER A 63 9.34 -5.55 -3.22
CA SER A 63 10.32 -4.88 -4.06
C SER A 63 9.97 -3.40 -4.22
N LYS A 64 10.97 -2.60 -4.57
CA LYS A 64 10.77 -1.17 -4.75
C LYS A 64 10.15 -0.87 -6.12
N ASP A 65 10.48 -1.71 -7.10
CA ASP A 65 9.96 -1.54 -8.44
C ASP A 65 8.50 -1.98 -8.52
N GLN A 66 8.15 -2.98 -7.72
CA GLN A 66 6.78 -3.49 -7.70
C GLN A 66 5.82 -2.45 -7.16
N ALA A 67 6.31 -1.58 -6.28
CA ALA A 67 5.50 -0.53 -5.69
C ALA A 67 5.38 0.67 -6.63
N ARG A 68 6.49 1.02 -7.28
CA ARG A 68 6.51 2.13 -8.20
C ARG A 68 5.28 2.13 -9.11
N GLN A 69 5.16 1.08 -9.92
CA GLN A 69 4.03 0.95 -10.83
C GLN A 69 2.71 1.10 -10.10
N ALA A 70 2.48 0.23 -9.12
CA ALA A 70 1.26 0.26 -8.33
C ALA A 70 0.76 1.70 -8.15
N LEU A 71 1.65 2.56 -7.65
CA LEU A 71 1.30 3.96 -7.42
C LEU A 71 1.20 4.72 -8.74
N ASP A 72 2.28 4.66 -9.52
CA ASP A 72 2.32 5.34 -10.82
C ASP A 72 1.01 5.17 -11.56
N LYS A 73 0.28 4.10 -11.22
CA LYS A 73 -1.00 3.82 -11.87
C LYS A 73 -2.16 4.14 -10.93
N LEU A 74 -2.24 3.42 -9.82
CA LEU A 74 -3.30 3.64 -8.84
C LEU A 74 -3.45 5.12 -8.52
N ASN A 75 -2.33 5.80 -8.31
CA ASN A 75 -2.35 7.21 -8.00
C ASN A 75 -3.35 7.96 -8.87
N GLY A 76 -3.61 7.41 -10.06
CA GLY A 76 -4.55 8.03 -10.97
C GLY A 76 -5.52 7.03 -11.56
N PHE A 77 -5.47 5.79 -11.08
CA PHE A 77 -6.35 4.74 -11.58
C PHE A 77 -7.81 5.06 -11.24
N GLN A 78 -8.56 5.51 -12.24
CA GLN A 78 -9.96 5.85 -12.06
C GLN A 78 -10.80 4.59 -11.84
N LEU A 79 -11.61 4.60 -10.79
CA LEU A 79 -12.47 3.47 -10.47
C LEU A 79 -13.82 3.93 -9.95
N GLU A 80 -14.89 3.28 -10.41
CA GLU A 80 -16.24 3.63 -9.99
C GLU A 80 -16.38 5.13 -9.79
N ASN A 81 -15.78 5.90 -10.70
CA ASN A 81 -15.84 7.35 -10.64
C ASN A 81 -15.10 7.87 -9.41
N PHE A 82 -13.89 7.36 -9.19
CA PHE A 82 -13.09 7.76 -8.04
C PHE A 82 -11.60 7.62 -8.36
N THR A 83 -10.92 8.76 -8.51
CA THR A 83 -9.49 8.77 -8.82
C THR A 83 -8.67 8.35 -7.60
N LEU A 84 -8.31 7.08 -7.55
CA LEU A 84 -7.52 6.55 -6.44
C LEU A 84 -6.24 7.38 -6.24
N LYS A 85 -6.11 7.95 -5.05
CA LYS A 85 -4.94 8.77 -4.72
C LYS A 85 -3.92 7.95 -3.93
N VAL A 86 -2.71 7.86 -4.47
CA VAL A 86 -1.64 7.11 -3.81
C VAL A 86 -0.42 7.98 -3.58
N ALA A 87 0.25 7.78 -2.45
CA ALA A 87 1.43 8.56 -2.10
C ALA A 87 2.37 7.75 -1.21
N TYR A 88 3.67 7.90 -1.46
CA TYR A 88 4.68 7.18 -0.68
C TYR A 88 4.68 7.65 0.77
N ILE A 89 4.14 6.81 1.65
CA ILE A 89 4.09 7.15 3.07
C ILE A 89 5.48 7.42 3.64
N PRO A 90 5.58 8.46 4.47
CA PRO A 90 6.85 8.85 5.09
C PRO A 90 7.32 7.84 6.14
N ASP A 91 8.64 7.76 6.32
CA ASP A 91 9.21 6.84 7.29
C ASP A 91 9.35 7.50 8.66
N GLU A 92 8.51 8.50 8.91
CA GLU A 92 8.55 9.22 10.18
C GLU A 92 7.20 9.12 10.90
N MET A 93 7.25 8.81 12.18
CA MET A 93 6.03 8.68 12.98
C MET A 93 5.47 10.06 13.34
N ALA A 94 6.37 10.99 13.63
CA ALA A 94 5.98 12.35 13.99
C ALA A 94 5.75 13.20 12.75
N ALA A 95 5.41 12.55 11.64
CA ALA A 95 5.16 13.25 10.39
C ALA A 95 6.07 14.46 10.25
N GLN A 96 7.38 14.24 10.37
CA GLN A 96 8.35 15.31 10.26
C GLN A 96 9.50 14.92 9.33
N GLY A 1 37.19 -4.59 18.85
CA GLY A 1 38.46 -5.25 19.12
C GLY A 1 38.42 -6.05 20.42
N SER A 2 37.78 -7.21 20.38
CA SER A 2 37.67 -8.07 21.55
C SER A 2 37.41 -7.24 22.80
N SER A 3 36.51 -6.26 22.68
CA SER A 3 36.17 -5.40 23.80
C SER A 3 34.66 -5.35 24.01
N GLY A 4 34.22 -5.85 25.16
CA GLY A 4 32.80 -5.86 25.47
C GLY A 4 31.98 -6.59 24.42
N SER A 5 30.74 -6.15 24.23
CA SER A 5 29.86 -6.77 23.25
C SER A 5 28.95 -5.72 22.60
N SER A 6 29.00 -5.66 21.28
CA SER A 6 28.18 -4.71 20.52
C SER A 6 26.73 -5.16 20.47
N GLY A 7 25.82 -4.21 20.30
CA GLY A 7 24.41 -4.53 20.22
C GLY A 7 23.99 -4.97 18.83
N SER A 8 23.98 -6.29 18.61
CA SER A 8 23.60 -6.84 17.32
C SER A 8 22.18 -6.42 16.95
N VAL A 9 22.07 -5.56 15.94
CA VAL A 9 20.77 -5.09 15.48
C VAL A 9 20.59 -5.32 13.98
N PRO A 10 19.36 -5.67 13.58
CA PRO A 10 19.04 -5.94 12.18
C PRO A 10 19.05 -4.66 11.33
N LYS A 11 18.34 -3.64 11.80
CA LYS A 11 18.27 -2.37 11.09
C LYS A 11 17.72 -2.56 9.69
N ARG A 12 16.54 -3.18 9.60
CA ARG A 12 15.90 -3.42 8.32
C ARG A 12 14.58 -2.67 8.22
N GLN A 13 14.54 -1.46 8.80
CA GLN A 13 13.34 -0.65 8.77
C GLN A 13 13.43 0.44 7.71
N ARG A 14 13.88 0.07 6.52
CA ARG A 14 14.02 1.01 5.42
C ARG A 14 12.98 0.74 4.32
N ILE A 15 11.77 0.39 4.75
CA ILE A 15 10.69 0.11 3.82
C ILE A 15 9.77 1.33 3.66
N ARG A 16 9.46 1.66 2.41
CA ARG A 16 8.59 2.80 2.12
C ARG A 16 7.18 2.34 1.81
N LYS A 17 6.31 2.37 2.82
CA LYS A 17 4.92 1.94 2.65
C LYS A 17 4.19 2.88 1.71
N LEU A 18 3.07 2.41 1.16
CA LEU A 18 2.27 3.21 0.23
C LEU A 18 0.87 3.41 0.78
N GLN A 19 0.34 4.62 0.61
CA GLN A 19 -0.99 4.96 1.09
C GLN A 19 -1.95 5.17 -0.07
N ILE A 20 -3.10 4.50 -0.02
CA ILE A 20 -4.10 4.63 -1.07
C ILE A 20 -5.40 5.20 -0.53
N ARG A 21 -5.94 6.20 -1.23
CA ARG A 21 -7.18 6.83 -0.81
C ARG A 21 -8.12 7.01 -2.00
N ASN A 22 -9.26 7.65 -1.76
CA ASN A 22 -10.24 7.88 -2.82
C ASN A 22 -10.76 6.56 -3.38
N ILE A 23 -10.97 5.60 -2.51
CA ILE A 23 -11.45 4.28 -2.92
C ILE A 23 -12.97 4.19 -2.76
N PRO A 24 -13.65 3.68 -3.81
CA PRO A 24 -15.11 3.53 -3.81
C PRO A 24 -15.57 2.45 -2.84
N PRO A 25 -16.48 2.81 -1.93
CA PRO A 25 -17.03 1.88 -0.93
C PRO A 25 -17.94 0.84 -1.56
N HIS A 26 -18.08 0.89 -2.88
CA HIS A 26 -18.92 -0.05 -3.61
C HIS A 26 -18.14 -1.28 -4.02
N LEU A 27 -16.88 -1.07 -4.41
CA LEU A 27 -16.02 -2.17 -4.83
C LEU A 27 -15.87 -3.21 -3.73
N GLN A 28 -15.67 -4.46 -4.12
CA GLN A 28 -15.52 -5.55 -3.15
C GLN A 28 -14.04 -5.81 -2.86
N TRP A 29 -13.71 -5.97 -1.59
CA TRP A 29 -12.33 -6.23 -1.19
C TRP A 29 -11.71 -7.34 -2.03
N GLU A 30 -12.42 -8.45 -2.15
CA GLU A 30 -11.94 -9.59 -2.93
C GLU A 30 -11.22 -9.12 -4.17
N VAL A 31 -11.86 -8.23 -4.93
CA VAL A 31 -11.27 -7.70 -6.16
C VAL A 31 -10.05 -6.84 -5.85
N LEU A 32 -10.16 -6.01 -4.82
CA LEU A 32 -9.06 -5.13 -4.42
C LEU A 32 -7.75 -5.90 -4.35
N ASP A 33 -7.77 -7.04 -3.69
CA ASP A 33 -6.58 -7.88 -3.55
C ASP A 33 -5.94 -8.13 -4.91
N SER A 34 -6.77 -8.48 -5.89
CA SER A 34 -6.27 -8.76 -7.24
C SER A 34 -5.54 -7.55 -7.81
N LEU A 35 -6.14 -6.38 -7.67
CA LEU A 35 -5.56 -5.15 -8.17
C LEU A 35 -4.17 -4.93 -7.59
N LEU A 36 -4.03 -5.17 -6.28
CA LEU A 36 -2.76 -5.01 -5.60
C LEU A 36 -1.70 -5.95 -6.17
N VAL A 37 -1.92 -7.24 -5.99
CA VAL A 37 -0.99 -8.25 -6.49
C VAL A 37 -0.71 -8.05 -7.98
N GLN A 38 -1.76 -7.74 -8.73
CA GLN A 38 -1.64 -7.52 -10.17
C GLN A 38 -0.41 -6.67 -10.48
N TYR A 39 -0.12 -5.71 -9.61
CA TYR A 39 1.02 -4.84 -9.80
C TYR A 39 2.32 -5.55 -9.44
N GLY A 40 2.37 -6.12 -8.24
CA GLY A 40 3.55 -6.84 -7.80
C GLY A 40 3.27 -7.75 -6.63
N VAL A 41 4.32 -8.10 -5.88
CA VAL A 41 4.18 -8.98 -4.72
C VAL A 41 3.93 -8.18 -3.45
N VAL A 42 2.65 -7.99 -3.11
CA VAL A 42 2.28 -7.25 -1.92
C VAL A 42 2.64 -8.02 -0.66
N GLU A 43 3.52 -7.44 0.15
CA GLU A 43 3.95 -8.07 1.39
C GLU A 43 2.82 -8.09 2.42
N SER A 44 2.19 -6.94 2.62
CA SER A 44 1.09 -6.82 3.57
C SER A 44 0.19 -5.64 3.22
N CYS A 45 -1.11 -5.81 3.40
CA CYS A 45 -2.07 -4.77 3.11
C CYS A 45 -2.82 -4.34 4.38
N GLU A 46 -2.36 -3.24 4.98
CA GLU A 46 -2.97 -2.73 6.20
C GLU A 46 -4.13 -1.78 5.87
N GLN A 47 -5.12 -1.74 6.77
CA GLN A 47 -6.28 -0.87 6.57
C GLN A 47 -6.08 0.47 7.25
N VAL A 48 -6.72 1.51 6.72
CA VAL A 48 -6.61 2.85 7.27
C VAL A 48 -7.88 3.66 7.01
N ASN A 49 -8.08 4.70 7.80
CA ASN A 49 -9.25 5.56 7.65
C ASN A 49 -8.85 7.03 7.63
N THR A 50 -9.13 7.70 6.52
CA THR A 50 -8.80 9.12 6.37
C THR A 50 -9.96 10.00 6.81
N ASP A 51 -10.79 9.48 7.71
CA ASP A 51 -11.94 10.22 8.21
C ASP A 51 -12.81 10.72 7.05
N SER A 52 -12.91 9.92 6.00
CA SER A 52 -13.70 10.28 4.83
C SER A 52 -14.55 9.11 4.37
N GLU A 53 -15.56 9.41 3.56
CA GLU A 53 -16.45 8.37 3.05
C GLU A 53 -15.67 7.27 2.35
N THR A 54 -14.90 7.65 1.33
CA THR A 54 -14.09 6.69 0.59
C THR A 54 -13.25 5.83 1.52
N ALA A 55 -12.84 4.67 1.03
CA ALA A 55 -12.02 3.75 1.82
C ALA A 55 -10.54 4.10 1.71
N VAL A 56 -9.75 3.63 2.67
CA VAL A 56 -8.32 3.90 2.69
C VAL A 56 -7.54 2.69 3.18
N VAL A 57 -6.43 2.40 2.51
CA VAL A 57 -5.59 1.27 2.89
C VAL A 57 -4.14 1.51 2.50
N ASN A 58 -3.22 0.90 3.26
CA ASN A 58 -1.79 1.06 2.99
C ASN A 58 -1.22 -0.22 2.39
N VAL A 59 -0.60 -0.08 1.22
CA VAL A 59 -0.01 -1.23 0.53
C VAL A 59 1.49 -1.30 0.77
N THR A 60 1.98 -2.48 1.13
CA THR A 60 3.40 -2.67 1.39
C THR A 60 3.96 -3.82 0.54
N TYR A 61 4.62 -3.45 -0.56
CA TYR A 61 5.21 -4.44 -1.45
C TYR A 61 6.59 -4.87 -0.96
N SER A 62 7.18 -5.85 -1.65
CA SER A 62 8.49 -6.36 -1.28
C SER A 62 9.60 -5.58 -2.00
N SER A 63 9.41 -5.36 -3.30
CA SER A 63 10.39 -4.64 -4.10
C SER A 63 9.90 -3.23 -4.41
N LYS A 64 10.84 -2.32 -4.65
CA LYS A 64 10.50 -0.94 -4.97
C LYS A 64 9.84 -0.84 -6.34
N ASP A 65 10.54 -1.36 -7.36
CA ASP A 65 10.03 -1.34 -8.72
C ASP A 65 8.54 -1.71 -8.76
N GLN A 66 8.22 -2.85 -8.17
CA GLN A 66 6.84 -3.33 -8.14
C GLN A 66 5.91 -2.28 -7.52
N ALA A 67 6.42 -1.59 -6.50
CA ALA A 67 5.64 -0.55 -5.83
C ALA A 67 5.50 0.69 -6.71
N ARG A 68 6.57 1.04 -7.40
CA ARG A 68 6.56 2.21 -8.28
C ARG A 68 5.37 2.16 -9.24
N GLN A 69 5.13 0.99 -9.81
CA GLN A 69 4.02 0.82 -10.74
C GLN A 69 2.69 1.00 -10.04
N ALA A 70 2.42 0.16 -9.05
CA ALA A 70 1.17 0.22 -8.30
C ALA A 70 0.72 1.67 -8.12
N LEU A 71 1.61 2.50 -7.61
CA LEU A 71 1.30 3.91 -7.39
C LEU A 71 1.24 4.68 -8.71
N ASP A 72 2.30 4.57 -9.51
CA ASP A 72 2.36 5.23 -10.80
C ASP A 72 1.03 5.15 -11.52
N LYS A 73 0.25 4.11 -11.19
CA LYS A 73 -1.05 3.91 -11.81
C LYS A 73 -2.18 4.27 -10.84
N LEU A 74 -2.26 3.52 -9.75
CA LEU A 74 -3.29 3.76 -8.74
C LEU A 74 -3.41 5.25 -8.42
N ASN A 75 -2.27 5.91 -8.26
CA ASN A 75 -2.23 7.33 -7.95
C ASN A 75 -3.31 8.08 -8.74
N GLY A 76 -3.63 7.56 -9.92
CA GLY A 76 -4.64 8.19 -10.75
C GLY A 76 -5.56 7.18 -11.40
N PHE A 77 -5.56 5.95 -10.89
CA PHE A 77 -6.40 4.89 -11.43
C PHE A 77 -7.87 5.15 -11.12
N GLN A 78 -8.60 5.66 -12.11
CA GLN A 78 -10.01 5.95 -11.93
C GLN A 78 -10.82 4.66 -11.76
N LEU A 79 -11.54 4.57 -10.64
CA LEU A 79 -12.35 3.40 -10.35
C LEU A 79 -13.71 3.80 -9.79
N GLU A 80 -14.77 3.37 -10.46
CA GLU A 80 -16.13 3.69 -10.02
C GLU A 80 -16.31 5.19 -9.83
N ASN A 81 -15.81 5.97 -10.80
CA ASN A 81 -15.92 7.42 -10.73
C ASN A 81 -15.19 7.96 -9.50
N PHE A 82 -14.03 7.39 -9.21
CA PHE A 82 -13.24 7.81 -8.05
C PHE A 82 -11.75 7.68 -8.34
N THR A 83 -11.10 8.82 -8.56
CA THR A 83 -9.66 8.83 -8.85
C THR A 83 -8.85 8.42 -7.62
N LEU A 84 -8.38 7.18 -7.62
CA LEU A 84 -7.59 6.66 -6.51
C LEU A 84 -6.33 7.49 -6.31
N LYS A 85 -6.14 8.00 -5.09
CA LYS A 85 -4.97 8.81 -4.77
C LYS A 85 -3.94 7.98 -4.03
N VAL A 86 -2.70 8.00 -4.53
CA VAL A 86 -1.61 7.25 -3.91
C VAL A 86 -0.42 8.16 -3.62
N ALA A 87 0.22 7.95 -2.47
CA ALA A 87 1.37 8.74 -2.09
C ALA A 87 2.36 7.91 -1.28
N TYR A 88 3.66 8.15 -1.49
CA TYR A 88 4.70 7.42 -0.78
C TYR A 88 4.71 7.79 0.70
N ILE A 89 4.13 6.93 1.53
CA ILE A 89 4.08 7.16 2.97
C ILE A 89 5.46 7.46 3.53
N PRO A 90 5.53 8.45 4.44
CA PRO A 90 6.79 8.87 5.07
C PRO A 90 7.33 7.81 6.02
N ASP A 91 8.48 8.08 6.61
CA ASP A 91 9.10 7.16 7.55
C ASP A 91 9.02 7.70 8.99
N GLU A 92 8.83 6.80 9.94
CA GLU A 92 8.73 7.18 11.34
C GLU A 92 9.74 6.41 12.19
N MET A 93 10.51 7.15 12.99
CA MET A 93 11.52 6.54 13.85
C MET A 93 10.88 5.51 14.78
N ALA A 94 11.60 4.41 15.03
CA ALA A 94 11.11 3.35 15.91
C ALA A 94 11.34 3.71 17.37
N ALA A 95 12.59 4.01 17.71
CA ALA A 95 12.94 4.36 19.08
C ALA A 95 12.65 5.83 19.37
N GLN A 96 11.97 6.10 20.48
CA GLN A 96 11.63 7.46 20.86
C GLN A 96 10.58 8.04 19.91
N GLY A 1 13.61 -26.92 -2.62
CA GLY A 1 13.23 -25.65 -2.00
C GLY A 1 14.24 -25.19 -0.98
N SER A 2 15.23 -24.41 -1.42
CA SER A 2 16.28 -23.90 -0.54
C SER A 2 15.96 -22.48 -0.08
N SER A 3 15.65 -21.61 -1.04
CA SER A 3 15.33 -20.22 -0.75
C SER A 3 13.96 -19.85 -1.30
N GLY A 4 13.07 -19.39 -0.41
CA GLY A 4 11.74 -19.01 -0.82
C GLY A 4 10.80 -18.81 0.35
N SER A 5 10.57 -17.55 0.70
CA SER A 5 9.68 -17.22 1.81
C SER A 5 10.24 -17.77 3.12
N SER A 6 11.55 -17.64 3.30
CA SER A 6 12.22 -18.12 4.50
C SER A 6 12.26 -17.04 5.57
N GLY A 7 12.78 -17.39 6.74
CA GLY A 7 12.87 -16.44 7.83
C GLY A 7 14.28 -15.90 8.02
N SER A 8 14.73 -15.83 9.26
CA SER A 8 16.06 -15.33 9.58
C SER A 8 16.39 -14.12 8.72
N VAL A 9 15.40 -13.26 8.49
CA VAL A 9 15.58 -12.06 7.68
C VAL A 9 16.39 -11.01 8.44
N PRO A 10 17.20 -10.24 7.70
CA PRO A 10 18.04 -9.19 8.28
C PRO A 10 17.22 -8.01 8.80
N LYS A 11 17.91 -7.00 9.31
CA LYS A 11 17.25 -5.80 9.83
C LYS A 11 16.59 -5.02 8.71
N ARG A 12 15.39 -5.42 8.33
CA ARG A 12 14.65 -4.75 7.26
C ARG A 12 13.18 -5.17 7.27
N GLN A 13 12.30 -4.23 7.64
CA GLN A 13 10.87 -4.49 7.69
C GLN A 13 10.07 -3.22 7.44
N ARG A 14 9.22 -3.25 6.42
CA ARG A 14 8.40 -2.09 6.08
C ARG A 14 9.27 -0.86 5.82
N ILE A 15 10.26 -1.02 4.96
CA ILE A 15 11.15 0.09 4.64
C ILE A 15 10.43 1.17 3.85
N ARG A 16 9.27 0.82 3.29
CA ARG A 16 8.48 1.76 2.51
C ARG A 16 7.03 1.33 2.44
N LYS A 17 6.12 2.25 2.79
CA LYS A 17 4.70 1.95 2.77
C LYS A 17 3.96 2.92 1.86
N LEU A 18 2.88 2.44 1.23
CA LEU A 18 2.09 3.28 0.33
C LEU A 18 0.67 3.45 0.86
N GLN A 19 0.15 4.67 0.76
CA GLN A 19 -1.20 4.97 1.23
C GLN A 19 -2.14 5.23 0.06
N ILE A 20 -3.25 4.50 0.01
CA ILE A 20 -4.22 4.66 -1.06
C ILE A 20 -5.52 5.26 -0.53
N ARG A 21 -6.04 6.25 -1.24
CA ARG A 21 -7.26 6.92 -0.84
C ARG A 21 -8.21 7.06 -2.03
N ASN A 22 -9.35 7.72 -1.80
CA ASN A 22 -10.35 7.92 -2.85
C ASN A 22 -10.85 6.58 -3.39
N ILE A 23 -11.00 5.61 -2.50
CA ILE A 23 -11.48 4.29 -2.88
C ILE A 23 -13.00 4.20 -2.75
N PRO A 24 -13.65 3.68 -3.81
CA PRO A 24 -15.10 3.53 -3.85
C PRO A 24 -15.59 2.44 -2.89
N PRO A 25 -16.49 2.82 -1.97
CA PRO A 25 -17.05 1.89 -0.99
C PRO A 25 -18.00 0.88 -1.62
N HIS A 26 -18.14 0.96 -2.94
CA HIS A 26 -19.01 0.04 -3.67
C HIS A 26 -18.25 -1.22 -4.09
N LEU A 27 -16.96 -1.05 -4.39
CA LEU A 27 -16.12 -2.17 -4.80
C LEU A 27 -15.92 -3.15 -3.66
N GLN A 28 -15.70 -4.42 -3.99
CA GLN A 28 -15.48 -5.45 -3.00
C GLN A 28 -14.00 -5.59 -2.66
N TRP A 29 -13.71 -5.80 -1.38
CA TRP A 29 -12.33 -5.94 -0.93
C TRP A 29 -11.61 -7.02 -1.73
N GLU A 30 -12.23 -8.19 -1.82
CA GLU A 30 -11.64 -9.31 -2.56
C GLU A 30 -11.01 -8.83 -3.86
N VAL A 31 -11.72 -7.96 -4.58
CA VAL A 31 -11.23 -7.43 -5.84
C VAL A 31 -9.99 -6.55 -5.62
N LEU A 32 -10.01 -5.76 -4.56
CA LEU A 32 -8.90 -4.88 -4.23
C LEU A 32 -7.60 -5.68 -4.08
N ASP A 33 -7.58 -6.59 -3.13
CA ASP A 33 -6.40 -7.43 -2.90
C ASP A 33 -5.68 -7.73 -4.20
N SER A 34 -6.41 -8.31 -5.15
CA SER A 34 -5.84 -8.65 -6.44
C SER A 34 -5.26 -7.42 -7.14
N LEU A 35 -6.07 -6.37 -7.24
CA LEU A 35 -5.64 -5.13 -7.87
C LEU A 35 -4.25 -4.73 -7.40
N LEU A 36 -3.96 -5.02 -6.14
CA LEU A 36 -2.65 -4.69 -5.56
C LEU A 36 -1.63 -5.78 -5.86
N VAL A 37 -2.09 -7.02 -5.90
CA VAL A 37 -1.22 -8.15 -6.18
C VAL A 37 -0.94 -8.27 -7.67
N GLN A 38 -1.63 -7.46 -8.46
CA GLN A 38 -1.45 -7.48 -9.92
C GLN A 38 -0.22 -6.66 -10.32
N TYR A 39 -0.06 -5.50 -9.70
CA TYR A 39 1.07 -4.63 -10.00
C TYR A 39 2.39 -5.32 -9.69
N GLY A 40 2.53 -5.80 -8.45
CA GLY A 40 3.74 -6.48 -8.04
C GLY A 40 3.50 -7.47 -6.93
N VAL A 41 4.55 -7.78 -6.18
CA VAL A 41 4.45 -8.73 -5.08
C VAL A 41 4.09 -8.03 -3.78
N VAL A 42 2.79 -7.96 -3.49
CA VAL A 42 2.31 -7.31 -2.28
C VAL A 42 2.64 -8.14 -1.05
N GLU A 43 3.33 -7.53 -0.09
CA GLU A 43 3.72 -8.22 1.14
C GLU A 43 2.54 -8.29 2.11
N SER A 44 1.88 -7.15 2.32
CA SER A 44 0.74 -7.08 3.22
C SER A 44 -0.11 -5.85 2.94
N CYS A 45 -1.42 -6.01 3.02
CA CYS A 45 -2.35 -4.91 2.78
C CYS A 45 -3.11 -4.53 4.05
N GLU A 46 -2.64 -3.47 4.72
CA GLU A 46 -3.27 -3.02 5.94
C GLU A 46 -4.39 -2.02 5.65
N GLN A 47 -5.34 -1.92 6.58
CA GLN A 47 -6.47 -1.01 6.41
C GLN A 47 -6.21 0.31 7.13
N VAL A 48 -6.91 1.35 6.71
CA VAL A 48 -6.77 2.67 7.32
C VAL A 48 -8.02 3.51 7.12
N ASN A 49 -8.18 4.53 7.96
CA ASN A 49 -9.34 5.41 7.88
C ASN A 49 -8.90 6.87 7.82
N THR A 50 -9.31 7.56 6.76
CA THR A 50 -8.97 8.97 6.57
C THR A 50 -10.11 9.87 7.04
N ASP A 51 -11.08 9.29 7.74
CA ASP A 51 -12.22 10.05 8.23
C ASP A 51 -13.05 10.61 7.08
N SER A 52 -13.33 9.75 6.09
CA SER A 52 -14.11 10.16 4.93
C SER A 52 -14.95 9.00 4.41
N GLU A 53 -15.90 9.31 3.53
CA GLU A 53 -16.76 8.29 2.95
C GLU A 53 -15.94 7.22 2.23
N THR A 54 -15.06 7.66 1.34
CA THR A 54 -14.21 6.75 0.57
C THR A 54 -13.41 5.84 1.50
N ALA A 55 -12.90 4.75 0.96
CA ALA A 55 -12.12 3.80 1.74
C ALA A 55 -10.63 4.11 1.64
N VAL A 56 -9.88 3.75 2.68
CA VAL A 56 -8.44 3.98 2.70
C VAL A 56 -7.69 2.74 3.16
N VAL A 57 -6.53 2.50 2.57
CA VAL A 57 -5.71 1.35 2.92
C VAL A 57 -4.23 1.60 2.62
N ASN A 58 -3.37 0.76 3.17
CA ASN A 58 -1.93 0.90 2.97
C ASN A 58 -1.35 -0.35 2.33
N VAL A 59 -0.70 -0.17 1.18
CA VAL A 59 -0.08 -1.29 0.47
C VAL A 59 1.40 -1.40 0.76
N THR A 60 1.85 -2.58 1.14
CA THR A 60 3.25 -2.82 1.45
C THR A 60 3.84 -3.91 0.57
N TYR A 61 4.50 -3.51 -0.51
CA TYR A 61 5.10 -4.46 -1.43
C TYR A 61 6.47 -4.92 -0.92
N SER A 62 7.06 -5.90 -1.61
CA SER A 62 8.36 -6.43 -1.23
C SER A 62 9.48 -5.69 -1.94
N SER A 63 9.33 -5.50 -3.24
CA SER A 63 10.34 -4.81 -4.04
C SER A 63 9.97 -3.33 -4.21
N LYS A 64 10.94 -2.53 -4.67
CA LYS A 64 10.72 -1.11 -4.87
C LYS A 64 10.01 -0.86 -6.20
N ASP A 65 10.63 -1.31 -7.29
CA ASP A 65 10.05 -1.13 -8.62
C ASP A 65 8.58 -1.55 -8.63
N GLN A 66 8.30 -2.73 -8.09
CA GLN A 66 6.93 -3.23 -8.04
C GLN A 66 5.98 -2.19 -7.45
N ALA A 67 6.48 -1.43 -6.49
CA ALA A 67 5.68 -0.40 -5.84
C ALA A 67 5.55 0.83 -6.71
N ARG A 68 6.65 1.19 -7.37
CA ARG A 68 6.66 2.37 -8.25
C ARG A 68 5.47 2.33 -9.22
N GLN A 69 5.25 1.18 -9.84
CA GLN A 69 4.15 1.02 -10.79
C GLN A 69 2.81 1.15 -10.08
N ALA A 70 2.57 0.26 -9.12
CA ALA A 70 1.32 0.28 -8.37
C ALA A 70 0.82 1.70 -8.17
N LEU A 71 1.67 2.55 -7.60
CA LEU A 71 1.32 3.94 -7.34
C LEU A 71 1.25 4.73 -8.65
N ASP A 72 2.33 4.66 -9.42
CA ASP A 72 2.40 5.37 -10.69
C ASP A 72 1.09 5.23 -11.47
N LYS A 73 0.39 4.13 -11.23
CA LYS A 73 -0.88 3.87 -11.90
C LYS A 73 -2.06 4.21 -10.99
N LEU A 74 -2.13 3.54 -9.85
CA LEU A 74 -3.21 3.77 -8.89
C LEU A 74 -3.40 5.27 -8.64
N ASN A 75 -2.31 5.97 -8.38
CA ASN A 75 -2.37 7.40 -8.12
C ASN A 75 -3.33 8.09 -9.10
N GLY A 76 -3.56 7.46 -10.24
CA GLY A 76 -4.47 8.02 -11.23
C GLY A 76 -5.48 7.01 -11.72
N PHE A 77 -5.39 5.79 -11.22
CA PHE A 77 -6.30 4.72 -11.62
C PHE A 77 -7.74 5.09 -11.28
N GLN A 78 -8.52 5.41 -12.30
CA GLN A 78 -9.92 5.78 -12.11
C GLN A 78 -10.79 4.55 -11.89
N LEU A 79 -11.34 4.42 -10.69
CA LEU A 79 -12.19 3.29 -10.35
C LEU A 79 -13.53 3.75 -9.81
N GLU A 80 -14.61 3.38 -10.51
CA GLU A 80 -15.95 3.76 -10.10
C GLU A 80 -16.07 5.28 -9.96
N ASN A 81 -15.49 6.00 -10.92
CA ASN A 81 -15.53 7.45 -10.90
C ASN A 81 -14.78 8.01 -9.70
N PHE A 82 -13.76 7.28 -9.25
CA PHE A 82 -12.97 7.70 -8.10
C PHE A 82 -11.48 7.49 -8.37
N THR A 83 -10.78 8.60 -8.62
CA THR A 83 -9.35 8.54 -8.89
C THR A 83 -8.56 8.14 -7.65
N LEU A 84 -8.15 6.88 -7.61
CA LEU A 84 -7.38 6.37 -6.47
C LEU A 84 -6.16 7.25 -6.19
N LYS A 85 -6.19 7.93 -5.06
CA LYS A 85 -5.09 8.81 -4.67
C LYS A 85 -4.03 8.04 -3.89
N VAL A 86 -2.84 7.90 -4.48
CA VAL A 86 -1.75 7.18 -3.83
C VAL A 86 -0.57 8.11 -3.55
N ALA A 87 0.04 7.94 -2.38
CA ALA A 87 1.18 8.77 -2.00
C ALA A 87 2.15 7.99 -1.12
N TYR A 88 3.44 8.19 -1.36
CA TYR A 88 4.47 7.50 -0.59
C TYR A 88 4.42 7.91 0.89
N ILE A 89 3.95 7.00 1.73
CA ILE A 89 3.84 7.26 3.16
C ILE A 89 5.20 7.65 3.73
N PRO A 90 5.20 8.71 4.57
CA PRO A 90 6.42 9.21 5.21
C PRO A 90 6.95 8.24 6.27
N ASP A 91 8.14 7.70 6.02
CA ASP A 91 8.76 6.76 6.94
C ASP A 91 9.60 7.49 7.98
N GLU A 92 10.20 6.74 8.90
CA GLU A 92 11.03 7.33 9.95
C GLU A 92 12.14 6.37 10.36
N MET A 93 13.13 6.89 11.08
CA MET A 93 14.25 6.08 11.54
C MET A 93 13.81 5.14 12.66
N ALA A 94 14.65 4.15 12.95
CA ALA A 94 14.36 3.18 14.00
C ALA A 94 14.83 3.68 15.35
N ALA A 95 14.65 4.97 15.61
CA ALA A 95 15.06 5.57 16.87
C ALA A 95 14.66 4.69 18.06
N GLN A 96 13.36 4.46 18.20
CA GLN A 96 12.85 3.64 19.30
C GLN A 96 12.37 2.28 18.78
N GLY A 1 10.13 -31.28 -0.06
CA GLY A 1 9.67 -30.39 0.99
C GLY A 1 10.56 -29.18 1.16
N SER A 2 10.18 -28.29 2.07
CA SER A 2 10.96 -27.08 2.34
C SER A 2 10.72 -26.57 3.75
N SER A 3 11.55 -25.63 4.19
CA SER A 3 11.43 -25.06 5.52
C SER A 3 12.18 -23.74 5.62
N GLY A 4 11.67 -22.83 6.44
CA GLY A 4 12.31 -21.54 6.61
C GLY A 4 13.13 -21.46 7.88
N SER A 5 14.44 -21.24 7.73
CA SER A 5 15.34 -21.16 8.87
C SER A 5 15.20 -19.80 9.56
N SER A 6 14.84 -19.84 10.84
CA SER A 6 14.66 -18.61 11.62
C SER A 6 15.86 -18.38 12.54
N GLY A 7 16.79 -17.55 12.09
CA GLY A 7 17.97 -17.25 12.88
C GLY A 7 19.03 -16.50 12.10
N SER A 8 19.17 -16.84 10.82
CA SER A 8 20.15 -16.18 9.97
C SER A 8 19.47 -15.53 8.77
N VAL A 9 18.57 -14.60 9.04
CA VAL A 9 17.85 -13.90 7.98
C VAL A 9 18.05 -12.39 8.10
N PRO A 10 18.41 -11.76 6.96
CA PRO A 10 18.64 -10.31 6.91
C PRO A 10 17.35 -9.51 7.06
N LYS A 11 17.37 -8.53 7.96
CA LYS A 11 16.21 -7.68 8.20
C LYS A 11 16.32 -6.36 7.46
N ARG A 12 15.44 -6.14 6.49
CA ARG A 12 15.45 -4.91 5.71
C ARG A 12 14.53 -3.86 6.32
N GLN A 13 14.82 -2.58 6.05
CA GLN A 13 14.02 -1.50 6.59
C GLN A 13 12.59 -1.56 6.06
N ARG A 14 11.63 -1.75 6.96
CA ARG A 14 10.23 -1.83 6.58
C ARG A 14 9.60 -0.44 6.51
N ILE A 15 10.27 0.48 5.82
CA ILE A 15 9.78 1.84 5.68
C ILE A 15 9.25 2.09 4.27
N ARG A 16 9.28 1.06 3.44
CA ARG A 16 8.81 1.17 2.06
C ARG A 16 7.34 0.75 1.96
N LYS A 17 6.45 1.69 2.24
CA LYS A 17 5.01 1.42 2.18
C LYS A 17 4.32 2.38 1.22
N LEU A 18 3.00 2.23 1.08
CA LEU A 18 2.23 3.08 0.20
C LEU A 18 0.81 3.28 0.73
N GLN A 19 0.30 4.50 0.61
CA GLN A 19 -1.05 4.81 1.07
C GLN A 19 -1.99 5.06 -0.09
N ILE A 20 -3.13 4.36 -0.09
CA ILE A 20 -4.11 4.51 -1.16
C ILE A 20 -5.42 5.08 -0.62
N ARG A 21 -5.89 6.16 -1.25
CA ARG A 21 -7.14 6.80 -0.83
C ARG A 21 -8.08 6.97 -2.02
N ASN A 22 -9.22 7.61 -1.78
CA ASN A 22 -10.21 7.85 -2.82
C ASN A 22 -10.76 6.53 -3.35
N ILE A 23 -10.88 5.54 -2.47
CA ILE A 23 -11.40 4.23 -2.85
C ILE A 23 -12.91 4.16 -2.69
N PRO A 24 -13.59 3.65 -3.73
CA PRO A 24 -15.05 3.52 -3.72
C PRO A 24 -15.53 2.45 -2.75
N PRO A 25 -16.41 2.85 -1.82
CA PRO A 25 -16.97 1.94 -0.80
C PRO A 25 -17.92 0.92 -1.41
N HIS A 26 -18.09 0.98 -2.73
CA HIS A 26 -18.99 0.06 -3.43
C HIS A 26 -18.23 -1.20 -3.84
N LEU A 27 -16.97 -1.03 -4.22
CA LEU A 27 -16.14 -2.15 -4.64
C LEU A 27 -15.87 -3.11 -3.48
N GLN A 28 -15.62 -4.38 -3.81
CA GLN A 28 -15.34 -5.39 -2.79
C GLN A 28 -13.85 -5.48 -2.49
N TRP A 29 -13.52 -5.71 -1.22
CA TRP A 29 -12.13 -5.82 -0.80
C TRP A 29 -11.39 -6.86 -1.63
N GLU A 30 -11.98 -8.06 -1.73
CA GLU A 30 -11.38 -9.14 -2.50
C GLU A 30 -10.82 -8.63 -3.82
N VAL A 31 -11.60 -7.81 -4.52
CA VAL A 31 -11.19 -7.25 -5.79
C VAL A 31 -9.96 -6.35 -5.63
N LEU A 32 -9.97 -5.56 -4.56
CA LEU A 32 -8.86 -4.65 -4.28
C LEU A 32 -7.56 -5.42 -4.10
N ASP A 33 -7.50 -6.26 -3.07
CA ASP A 33 -6.31 -7.05 -2.79
C ASP A 33 -5.62 -7.46 -4.09
N SER A 34 -6.36 -8.14 -4.96
CA SER A 34 -5.81 -8.60 -6.23
C SER A 34 -5.25 -7.43 -7.04
N LEU A 35 -6.08 -6.40 -7.25
CA LEU A 35 -5.66 -5.23 -7.99
C LEU A 35 -4.27 -4.77 -7.57
N LEU A 36 -3.96 -4.96 -6.29
CA LEU A 36 -2.66 -4.57 -5.76
C LEU A 36 -1.61 -5.66 -6.01
N VAL A 37 -2.05 -6.92 -5.93
CA VAL A 37 -1.15 -8.04 -6.15
C VAL A 37 -0.84 -8.22 -7.63
N GLN A 38 -1.52 -7.44 -8.47
CA GLN A 38 -1.33 -7.50 -9.91
C GLN A 38 -0.08 -6.75 -10.33
N TYR A 39 0.11 -5.57 -9.74
CA TYR A 39 1.27 -4.74 -10.05
C TYR A 39 2.57 -5.42 -9.63
N GLY A 40 2.59 -5.92 -8.41
CA GLY A 40 3.77 -6.59 -7.90
C GLY A 40 3.46 -7.52 -6.74
N VAL A 41 4.47 -7.81 -5.93
CA VAL A 41 4.30 -8.69 -4.78
C VAL A 41 3.92 -7.89 -3.54
N VAL A 42 2.62 -7.78 -3.29
CA VAL A 42 2.11 -7.05 -2.14
C VAL A 42 2.36 -7.83 -0.84
N GLU A 43 3.46 -7.50 -0.17
CA GLU A 43 3.81 -8.17 1.07
C GLU A 43 2.59 -8.29 1.99
N SER A 44 1.95 -7.17 2.27
CA SER A 44 0.78 -7.14 3.12
C SER A 44 -0.07 -5.89 2.87
N CYS A 45 -1.38 -6.06 2.91
CA CYS A 45 -2.30 -4.95 2.67
C CYS A 45 -3.04 -4.58 3.96
N GLU A 46 -2.56 -3.54 4.63
CA GLU A 46 -3.18 -3.09 5.87
C GLU A 46 -4.30 -2.08 5.59
N GLN A 47 -5.21 -1.96 6.55
CA GLN A 47 -6.34 -1.04 6.40
C GLN A 47 -6.06 0.28 7.12
N VAL A 48 -6.73 1.34 6.69
CA VAL A 48 -6.55 2.65 7.29
C VAL A 48 -7.80 3.52 7.09
N ASN A 49 -7.93 4.56 7.92
CA ASN A 49 -9.07 5.46 7.84
C ASN A 49 -8.61 6.91 7.83
N THR A 50 -9.02 7.65 6.79
CA THR A 50 -8.65 9.05 6.67
C THR A 50 -9.78 9.96 7.13
N ASP A 51 -10.77 9.38 7.79
CA ASP A 51 -11.91 10.13 8.28
C ASP A 51 -12.73 10.72 7.13
N SER A 52 -13.03 9.89 6.14
CA SER A 52 -13.79 10.32 4.97
C SER A 52 -14.59 9.16 4.38
N GLU A 53 -15.67 9.49 3.70
CA GLU A 53 -16.52 8.48 3.08
C GLU A 53 -15.69 7.40 2.40
N THR A 54 -14.92 7.81 1.41
CA THR A 54 -14.06 6.87 0.67
C THR A 54 -13.27 6.00 1.63
N ALA A 55 -12.81 4.85 1.13
CA ALA A 55 -12.01 3.93 1.93
C ALA A 55 -10.53 4.23 1.82
N VAL A 56 -9.75 3.75 2.78
CA VAL A 56 -8.31 3.97 2.80
C VAL A 56 -7.57 2.72 3.23
N VAL A 57 -6.44 2.44 2.57
CA VAL A 57 -5.63 1.27 2.89
C VAL A 57 -4.17 1.51 2.58
N ASN A 58 -3.29 0.73 3.20
CA ASN A 58 -1.85 0.85 2.98
C ASN A 58 -1.29 -0.39 2.30
N VAL A 59 -0.65 -0.19 1.16
CA VAL A 59 -0.06 -1.29 0.41
C VAL A 59 1.43 -1.42 0.68
N THR A 60 1.86 -2.61 1.08
CA THR A 60 3.25 -2.86 1.39
C THR A 60 3.84 -3.92 0.46
N TYR A 61 4.51 -3.47 -0.59
CA TYR A 61 5.11 -4.37 -1.56
C TYR A 61 6.47 -4.86 -1.08
N SER A 62 6.98 -5.93 -1.69
CA SER A 62 8.26 -6.50 -1.32
C SER A 62 9.40 -5.73 -1.98
N SER A 63 9.26 -5.46 -3.27
CA SER A 63 10.29 -4.73 -4.02
C SER A 63 9.92 -3.25 -4.14
N LYS A 64 10.88 -2.45 -4.59
CA LYS A 64 10.67 -1.01 -4.75
C LYS A 64 9.98 -0.72 -6.07
N ASP A 65 10.55 -1.22 -7.17
CA ASP A 65 9.97 -1.01 -8.49
C ASP A 65 8.51 -1.40 -8.52
N GLN A 66 8.20 -2.58 -7.97
CA GLN A 66 6.82 -3.06 -7.94
C GLN A 66 5.88 -2.00 -7.41
N ALA A 67 6.33 -1.24 -6.42
CA ALA A 67 5.53 -0.18 -5.82
C ALA A 67 5.44 1.03 -6.76
N ARG A 68 6.55 1.36 -7.39
CA ARG A 68 6.60 2.50 -8.30
C ARG A 68 5.42 2.46 -9.27
N GLN A 69 5.22 1.32 -9.91
CA GLN A 69 4.12 1.16 -10.86
C GLN A 69 2.77 1.30 -10.17
N ALA A 70 2.49 0.41 -9.23
CA ALA A 70 1.23 0.43 -8.50
C ALA A 70 0.76 1.87 -8.28
N LEU A 71 1.66 2.72 -7.81
CA LEU A 71 1.33 4.12 -7.55
C LEU A 71 1.24 4.90 -8.86
N ASP A 72 2.29 4.80 -9.68
CA ASP A 72 2.32 5.49 -10.97
C ASP A 72 1.01 5.30 -11.72
N LYS A 73 0.33 4.19 -11.46
CA LYS A 73 -0.94 3.89 -12.11
C LYS A 73 -2.11 4.20 -11.18
N LEU A 74 -2.14 3.53 -10.04
CA LEU A 74 -3.21 3.73 -9.07
C LEU A 74 -3.44 5.22 -8.81
N ASN A 75 -2.35 5.95 -8.59
CA ASN A 75 -2.44 7.38 -8.34
C ASN A 75 -3.43 8.05 -9.29
N GLY A 76 -3.67 7.41 -10.43
CA GLY A 76 -4.60 7.95 -11.40
C GLY A 76 -5.64 6.94 -11.84
N PHE A 77 -5.53 5.72 -11.33
CA PHE A 77 -6.46 4.66 -11.67
C PHE A 77 -7.88 5.01 -11.23
N GLN A 78 -8.70 5.44 -12.18
CA GLN A 78 -10.08 5.81 -11.88
C GLN A 78 -10.95 4.57 -11.70
N LEU A 79 -11.40 4.35 -10.48
CA LEU A 79 -12.25 3.20 -10.17
C LEU A 79 -13.63 3.65 -9.68
N GLU A 80 -14.66 3.17 -10.34
CA GLU A 80 -16.03 3.53 -9.98
C GLU A 80 -16.20 5.03 -9.90
N ASN A 81 -15.50 5.75 -10.78
CA ASN A 81 -15.58 7.21 -10.81
C ASN A 81 -14.84 7.81 -9.62
N PHE A 82 -13.78 7.14 -9.18
CA PHE A 82 -12.98 7.61 -8.05
C PHE A 82 -11.50 7.45 -8.32
N THR A 83 -10.83 8.55 -8.60
CA THR A 83 -9.39 8.53 -8.88
C THR A 83 -8.60 8.13 -7.64
N LEU A 84 -8.14 6.89 -7.63
CA LEU A 84 -7.36 6.37 -6.50
C LEU A 84 -6.12 7.23 -6.27
N LYS A 85 -6.07 7.88 -5.11
CA LYS A 85 -4.94 8.73 -4.75
C LYS A 85 -3.88 7.93 -4.00
N VAL A 86 -2.72 7.76 -4.64
CA VAL A 86 -1.62 7.02 -4.04
C VAL A 86 -0.43 7.94 -3.76
N ALA A 87 0.17 7.79 -2.59
CA ALA A 87 1.31 8.59 -2.20
C ALA A 87 2.31 7.78 -1.37
N TYR A 88 3.60 8.05 -1.56
CA TYR A 88 4.64 7.35 -0.84
C TYR A 88 4.64 7.73 0.64
N ILE A 89 4.11 6.85 1.48
CA ILE A 89 4.06 7.10 2.92
C ILE A 89 5.43 7.50 3.46
N PRO A 90 5.43 8.50 4.34
CA PRO A 90 6.66 9.01 4.96
C PRO A 90 7.28 8.02 5.94
N ASP A 91 8.24 8.47 6.72
CA ASP A 91 8.91 7.62 7.70
C ASP A 91 8.05 7.44 8.94
N GLU A 92 7.53 6.23 9.12
CA GLU A 92 6.68 5.94 10.27
C GLU A 92 7.20 6.64 11.53
N MET A 93 6.42 7.60 12.02
CA MET A 93 6.81 8.35 13.22
C MET A 93 6.27 7.68 14.47
N ALA A 94 7.14 6.96 15.17
CA ALA A 94 6.75 6.27 16.39
C ALA A 94 6.56 7.25 17.55
N ALA A 95 7.64 7.93 17.92
CA ALA A 95 7.59 8.90 19.01
C ALA A 95 8.92 9.64 19.14
N GLN A 96 8.89 10.94 18.88
CA GLN A 96 10.09 11.76 18.97
C GLN A 96 10.70 11.70 20.38
N GLY A 1 8.46 -27.00 -5.61
CA GLY A 1 8.22 -25.64 -6.07
C GLY A 1 9.18 -24.65 -5.44
N SER A 2 8.77 -24.05 -4.33
CA SER A 2 9.60 -23.07 -3.63
C SER A 2 9.60 -23.33 -2.14
N SER A 3 10.77 -23.63 -1.59
CA SER A 3 10.90 -23.90 -0.16
C SER A 3 9.99 -23.00 0.66
N GLY A 4 9.57 -23.49 1.82
CA GLY A 4 8.70 -22.71 2.68
C GLY A 4 9.11 -22.76 4.13
N SER A 5 10.23 -22.12 4.45
CA SER A 5 10.75 -22.09 5.82
C SER A 5 10.50 -20.73 6.47
N SER A 6 9.30 -20.18 6.24
CA SER A 6 8.94 -18.89 6.81
C SER A 6 8.86 -18.96 8.33
N GLY A 7 9.85 -18.34 8.99
CA GLY A 7 9.88 -18.34 10.44
C GLY A 7 10.64 -17.16 11.01
N SER A 8 11.94 -17.13 10.76
CA SER A 8 12.79 -16.04 11.25
C SER A 8 13.51 -15.35 10.09
N VAL A 9 13.40 -14.02 10.05
CA VAL A 9 14.05 -13.25 9.00
C VAL A 9 14.79 -12.04 9.58
N PRO A 10 15.98 -11.76 9.05
CA PRO A 10 16.81 -10.65 9.50
C PRO A 10 16.22 -9.29 9.12
N LYS A 11 15.55 -9.25 7.97
CA LYS A 11 14.93 -8.03 7.50
C LYS A 11 13.55 -7.82 8.12
N ARG A 12 13.27 -6.60 8.56
CA ARG A 12 11.98 -6.29 9.17
C ARG A 12 11.00 -5.76 8.12
N GLN A 13 11.16 -6.21 6.89
CA GLN A 13 10.29 -5.79 5.80
C GLN A 13 10.36 -4.27 5.61
N ARG A 14 11.58 -3.75 5.51
CA ARG A 14 11.79 -2.32 5.33
C ARG A 14 11.59 -1.92 3.87
N ILE A 15 10.48 -1.22 3.60
CA ILE A 15 10.18 -0.79 2.25
C ILE A 15 9.13 0.32 2.26
N ARG A 16 9.52 1.50 1.79
CA ARG A 16 8.62 2.65 1.75
C ARG A 16 7.20 2.20 1.44
N LYS A 17 6.35 2.17 2.47
CA LYS A 17 4.96 1.77 2.32
C LYS A 17 4.25 2.65 1.30
N LEU A 18 2.94 2.42 1.13
CA LEU A 18 2.15 3.20 0.19
C LEU A 18 0.74 3.44 0.73
N GLN A 19 0.26 4.66 0.60
CA GLN A 19 -1.08 5.01 1.07
C GLN A 19 -2.05 5.18 -0.09
N ILE A 20 -3.18 4.47 -0.02
CA ILE A 20 -4.19 4.55 -1.06
C ILE A 20 -5.50 5.12 -0.54
N ARG A 21 -6.01 6.14 -1.21
CA ARG A 21 -7.25 6.78 -0.80
C ARG A 21 -8.18 6.96 -2.00
N ASN A 22 -9.33 7.59 -1.75
CA ASN A 22 -10.31 7.83 -2.80
C ASN A 22 -10.84 6.52 -3.37
N ILE A 23 -10.97 5.52 -2.50
CA ILE A 23 -11.47 4.22 -2.90
C ILE A 23 -12.98 4.12 -2.72
N PRO A 24 -13.67 3.64 -3.76
CA PRO A 24 -15.13 3.49 -3.74
C PRO A 24 -15.59 2.38 -2.81
N PRO A 25 -16.45 2.74 -1.84
CA PRO A 25 -16.98 1.78 -0.86
C PRO A 25 -17.95 0.78 -1.49
N HIS A 26 -18.13 0.89 -2.81
CA HIS A 26 -19.03 0.00 -3.53
C HIS A 26 -18.28 -1.24 -4.02
N LEU A 27 -17.13 -1.01 -4.65
CA LEU A 27 -16.31 -2.11 -5.17
C LEU A 27 -16.16 -3.21 -4.14
N GLN A 28 -15.93 -4.43 -4.62
CA GLN A 28 -15.75 -5.57 -3.74
C GLN A 28 -14.29 -5.77 -3.37
N TRP A 29 -14.01 -5.80 -2.07
CA TRP A 29 -12.64 -5.98 -1.58
C TRP A 29 -11.89 -7.00 -2.43
N GLU A 30 -12.55 -8.11 -2.72
CA GLU A 30 -11.94 -9.17 -3.52
C GLU A 30 -11.22 -8.59 -4.73
N VAL A 31 -11.92 -7.73 -5.47
CA VAL A 31 -11.35 -7.10 -6.65
C VAL A 31 -10.04 -6.40 -6.33
N LEU A 32 -10.07 -5.55 -5.29
CA LEU A 32 -8.89 -4.82 -4.88
C LEU A 32 -7.68 -5.75 -4.73
N ASP A 33 -7.79 -6.70 -3.80
CA ASP A 33 -6.71 -7.65 -3.57
C ASP A 33 -6.02 -8.02 -4.88
N SER A 34 -6.80 -8.40 -5.88
CA SER A 34 -6.25 -8.77 -7.18
C SER A 34 -5.49 -7.61 -7.80
N LEU A 35 -6.09 -6.43 -7.77
CA LEU A 35 -5.47 -5.23 -8.33
C LEU A 35 -4.11 -4.98 -7.69
N LEU A 36 -4.02 -5.18 -6.39
CA LEU A 36 -2.77 -4.97 -5.66
C LEU A 36 -1.70 -5.95 -6.11
N VAL A 37 -1.92 -7.23 -5.83
CA VAL A 37 -0.97 -8.27 -6.21
C VAL A 37 -0.63 -8.18 -7.69
N GLN A 38 -1.61 -7.78 -8.50
CA GLN A 38 -1.41 -7.65 -9.93
C GLN A 38 -0.17 -6.82 -10.24
N TYR A 39 -0.03 -5.70 -9.54
CA TYR A 39 1.11 -4.82 -9.73
C TYR A 39 2.41 -5.50 -9.32
N GLY A 40 2.41 -6.08 -8.13
CA GLY A 40 3.60 -6.76 -7.64
C GLY A 40 3.31 -7.64 -6.43
N VAL A 41 4.34 -7.89 -5.63
CA VAL A 41 4.19 -8.71 -4.44
C VAL A 41 3.86 -7.86 -3.22
N VAL A 42 2.58 -7.70 -2.93
CA VAL A 42 2.13 -6.92 -1.78
C VAL A 42 2.50 -7.61 -0.48
N GLU A 43 3.73 -7.40 -0.03
CA GLU A 43 4.19 -8.00 1.22
C GLU A 43 3.07 -8.04 2.26
N SER A 44 2.32 -6.95 2.35
CA SER A 44 1.22 -6.86 3.30
C SER A 44 0.34 -5.65 3.00
N CYS A 45 -0.97 -5.82 3.17
CA CYS A 45 -1.92 -4.75 2.92
C CYS A 45 -2.67 -4.37 4.19
N GLU A 46 -2.22 -3.31 4.84
CA GLU A 46 -2.85 -2.85 6.07
C GLU A 46 -4.00 -1.88 5.78
N GLN A 47 -4.88 -1.71 6.75
CA GLN A 47 -6.02 -0.81 6.59
C GLN A 47 -5.78 0.52 7.28
N VAL A 48 -6.50 1.55 6.84
CA VAL A 48 -6.35 2.88 7.42
C VAL A 48 -7.63 3.69 7.26
N ASN A 49 -7.76 4.74 8.06
CA ASN A 49 -8.93 5.60 8.01
C ASN A 49 -8.54 7.08 8.07
N THR A 50 -8.72 7.79 6.97
CA THR A 50 -8.39 9.21 6.91
C THR A 50 -9.57 10.07 7.32
N ASP A 51 -10.45 9.52 8.14
CA ASP A 51 -11.63 10.24 8.60
C ASP A 51 -12.50 10.69 7.43
N SER A 52 -12.65 9.80 6.44
CA SER A 52 -13.45 10.10 5.26
C SER A 52 -14.30 8.90 4.86
N GLU A 53 -15.33 9.16 4.07
CA GLU A 53 -16.22 8.10 3.61
C GLU A 53 -15.46 7.04 2.82
N THR A 54 -14.77 7.47 1.78
CA THR A 54 -13.99 6.57 0.94
C THR A 54 -13.15 5.62 1.79
N ALA A 55 -12.73 4.52 1.19
CA ALA A 55 -11.92 3.53 1.89
C ALA A 55 -10.43 3.86 1.79
N VAL A 56 -9.72 3.70 2.90
CA VAL A 56 -8.29 3.98 2.94
C VAL A 56 -7.50 2.77 3.41
N VAL A 57 -6.48 2.40 2.62
CA VAL A 57 -5.65 1.24 2.95
C VAL A 57 -4.20 1.50 2.56
N ASN A 58 -3.27 0.87 3.28
CA ASN A 58 -1.85 1.02 3.01
C ASN A 58 -1.28 -0.23 2.36
N VAL A 59 -0.61 -0.04 1.23
CA VAL A 59 -0.02 -1.16 0.50
C VAL A 59 1.48 -1.27 0.77
N THR A 60 1.94 -2.49 1.03
CA THR A 60 3.35 -2.73 1.32
C THR A 60 3.92 -3.80 0.41
N TYR A 61 4.58 -3.38 -0.66
CA TYR A 61 5.17 -4.31 -1.62
C TYR A 61 6.57 -4.74 -1.17
N SER A 62 6.84 -6.03 -1.26
CA SER A 62 8.14 -6.57 -0.86
C SER A 62 9.27 -5.72 -1.44
N SER A 63 9.22 -5.49 -2.74
CA SER A 63 10.24 -4.71 -3.43
C SER A 63 9.76 -3.29 -3.67
N LYS A 64 10.69 -2.40 -4.03
CA LYS A 64 10.36 -1.02 -4.30
C LYS A 64 9.69 -0.86 -5.67
N ASP A 65 10.38 -1.32 -6.71
CA ASP A 65 9.86 -1.23 -8.06
C ASP A 65 8.40 -1.70 -8.11
N GLN A 66 8.14 -2.88 -7.56
CA GLN A 66 6.79 -3.43 -7.55
C GLN A 66 5.78 -2.39 -7.10
N ALA A 67 6.24 -1.44 -6.29
CA ALA A 67 5.37 -0.39 -5.78
C ALA A 67 5.29 0.77 -6.77
N ARG A 68 6.43 1.16 -7.33
CA ARG A 68 6.50 2.25 -8.29
C ARG A 68 5.30 2.22 -9.23
N GLN A 69 5.09 1.07 -9.87
CA GLN A 69 3.99 0.91 -10.80
C GLN A 69 2.65 1.09 -10.10
N ALA A 70 2.39 0.22 -9.12
CA ALA A 70 1.15 0.29 -8.36
C ALA A 70 0.68 1.73 -8.19
N LEU A 71 1.57 2.57 -7.69
CA LEU A 71 1.25 3.99 -7.47
C LEU A 71 1.18 4.74 -8.80
N ASP A 72 2.25 4.63 -9.58
CA ASP A 72 2.32 5.30 -10.88
C ASP A 72 1.00 5.11 -11.65
N LYS A 73 0.25 4.08 -11.29
CA LYS A 73 -1.02 3.80 -11.95
C LYS A 73 -2.19 4.13 -11.03
N LEU A 74 -2.28 3.43 -9.90
CA LEU A 74 -3.35 3.65 -8.95
C LEU A 74 -3.50 5.13 -8.63
N ASN A 75 -2.38 5.82 -8.47
CA ASN A 75 -2.39 7.25 -8.18
C ASN A 75 -3.41 7.98 -9.06
N GLY A 76 -3.71 7.40 -10.21
CA GLY A 76 -4.66 8.00 -11.12
C GLY A 76 -5.66 7.00 -11.66
N PHE A 77 -5.54 5.75 -11.23
CA PHE A 77 -6.44 4.70 -11.67
C PHE A 77 -7.89 5.02 -11.30
N GLN A 78 -8.68 5.42 -12.29
CA GLN A 78 -10.07 5.75 -12.07
C GLN A 78 -10.92 4.50 -11.91
N LEU A 79 -11.63 4.40 -10.79
CA LEU A 79 -12.49 3.26 -10.52
C LEU A 79 -13.80 3.70 -9.89
N GLU A 80 -14.91 3.40 -10.56
CA GLU A 80 -16.23 3.76 -10.05
C GLU A 80 -16.38 5.28 -9.94
N ASN A 81 -15.67 6.00 -10.80
CA ASN A 81 -15.71 7.46 -10.80
C ASN A 81 -14.92 8.02 -9.61
N PHE A 82 -13.93 7.26 -9.16
CA PHE A 82 -13.10 7.69 -8.04
C PHE A 82 -11.62 7.53 -8.37
N THR A 83 -10.96 8.65 -8.65
CA THR A 83 -9.54 8.64 -8.98
C THR A 83 -8.69 8.24 -7.77
N LEU A 84 -8.42 6.94 -7.66
CA LEU A 84 -7.62 6.43 -6.56
C LEU A 84 -6.37 7.27 -6.34
N LYS A 85 -6.24 7.82 -5.14
CA LYS A 85 -5.08 8.65 -4.81
C LYS A 85 -4.02 7.84 -4.08
N VAL A 86 -2.81 7.81 -4.64
CA VAL A 86 -1.71 7.07 -4.05
C VAL A 86 -0.51 7.98 -3.78
N ALA A 87 0.11 7.81 -2.62
CA ALA A 87 1.27 8.61 -2.26
C ALA A 87 2.23 7.82 -1.39
N TYR A 88 3.52 8.01 -1.62
CA TYR A 88 4.55 7.31 -0.86
C TYR A 88 4.53 7.74 0.61
N ILE A 89 4.11 6.83 1.48
CA ILE A 89 4.05 7.11 2.90
C ILE A 89 5.43 7.42 3.47
N PRO A 90 5.51 8.44 4.33
CA PRO A 90 6.76 8.85 4.97
C PRO A 90 7.27 7.82 5.97
N ASP A 91 8.42 8.12 6.57
CA ASP A 91 9.01 7.22 7.56
C ASP A 91 8.94 7.81 8.96
N GLU A 92 9.05 6.96 9.97
CA GLU A 92 8.99 7.41 11.35
C GLU A 92 10.26 8.17 11.74
N MET A 93 11.34 7.92 11.00
CA MET A 93 12.62 8.58 11.27
C MET A 93 13.62 8.28 10.16
N ALA A 94 14.04 9.32 9.46
CA ALA A 94 15.01 9.16 8.37
C ALA A 94 16.38 8.78 8.90
N ALA A 95 17.28 8.40 8.00
CA ALA A 95 18.64 8.01 8.38
C ALA A 95 19.67 8.62 7.44
N GLN A 96 20.93 8.59 7.87
CA GLN A 96 22.02 9.14 7.05
C GLN A 96 22.40 8.17 5.93
N GLY A 1 7.73 -34.17 17.01
CA GLY A 1 7.54 -34.49 18.41
C GLY A 1 6.27 -33.87 18.98
N SER A 2 6.41 -33.08 20.04
CA SER A 2 5.26 -32.45 20.67
C SER A 2 5.54 -30.97 20.91
N SER A 3 6.14 -30.31 19.92
CA SER A 3 6.46 -28.89 20.03
C SER A 3 6.35 -28.21 18.67
N GLY A 4 6.04 -26.91 18.70
CA GLY A 4 5.91 -26.17 17.45
C GLY A 4 6.05 -24.67 17.67
N SER A 5 4.96 -24.02 18.08
CA SER A 5 4.95 -22.59 18.31
C SER A 5 5.26 -22.28 19.77
N SER A 6 6.48 -21.76 20.01
CA SER A 6 6.90 -21.42 21.36
C SER A 6 7.27 -19.94 21.45
N GLY A 7 6.46 -19.09 20.84
CA GLY A 7 6.72 -17.66 20.87
C GLY A 7 7.36 -17.16 19.59
N SER A 8 6.53 -16.83 18.60
CA SER A 8 7.03 -16.34 17.32
C SER A 8 6.86 -14.84 17.21
N VAL A 9 7.14 -14.13 18.31
CA VAL A 9 7.02 -12.68 18.34
C VAL A 9 7.49 -12.07 17.02
N PRO A 10 6.86 -10.95 16.64
CA PRO A 10 7.21 -10.23 15.40
C PRO A 10 8.57 -9.56 15.48
N LYS A 11 9.52 -10.07 14.70
CA LYS A 11 10.86 -9.51 14.68
C LYS A 11 11.26 -9.09 13.27
N ARG A 12 10.93 -7.85 12.92
CA ARG A 12 11.24 -7.31 11.60
C ARG A 12 11.27 -5.79 11.61
N GLN A 13 12.25 -5.20 10.94
CA GLN A 13 12.39 -3.75 10.89
C GLN A 13 11.26 -3.14 10.07
N ARG A 14 11.32 -1.82 9.89
CA ARG A 14 10.30 -1.11 9.13
C ARG A 14 10.77 -0.86 7.70
N ILE A 15 9.81 -0.62 6.80
CA ILE A 15 10.13 -0.36 5.40
C ILE A 15 9.09 0.56 4.77
N ARG A 16 9.51 1.28 3.73
CA ARG A 16 8.62 2.19 3.03
C ARG A 16 7.23 1.58 2.84
N LYS A 17 6.23 2.44 2.79
CA LYS A 17 4.85 1.98 2.61
C LYS A 17 4.11 2.87 1.62
N LEU A 18 2.87 2.49 1.31
CA LEU A 18 2.04 3.26 0.38
C LEU A 18 0.63 3.43 0.92
N GLN A 19 0.08 4.64 0.74
CA GLN A 19 -1.26 4.93 1.21
C GLN A 19 -2.22 5.15 0.03
N ILE A 20 -3.33 4.44 0.05
CA ILE A 20 -4.33 4.55 -1.01
C ILE A 20 -5.62 5.17 -0.49
N ARG A 21 -6.15 6.14 -1.24
CA ARG A 21 -7.39 6.81 -0.86
C ARG A 21 -8.31 6.97 -2.06
N ASN A 22 -9.44 7.64 -1.85
CA ASN A 22 -10.41 7.86 -2.92
C ASN A 22 -11.01 6.54 -3.38
N ILE A 23 -11.02 5.54 -2.50
CA ILE A 23 -11.56 4.24 -2.83
C ILE A 23 -13.07 4.20 -2.65
N PRO A 24 -13.79 3.77 -3.70
CA PRO A 24 -15.25 3.68 -3.67
C PRO A 24 -15.75 2.57 -2.75
N PRO A 25 -16.69 2.92 -1.87
CA PRO A 25 -17.28 1.97 -0.92
C PRO A 25 -18.16 0.93 -1.60
N HIS A 26 -18.24 1.01 -2.93
CA HIS A 26 -19.05 0.09 -3.70
C HIS A 26 -18.25 -1.16 -4.08
N LEU A 27 -17.04 -0.93 -4.57
CA LEU A 27 -16.16 -2.03 -4.97
C LEU A 27 -16.01 -3.05 -3.84
N GLN A 28 -15.72 -4.29 -4.22
CA GLN A 28 -15.54 -5.35 -3.23
C GLN A 28 -14.06 -5.61 -2.96
N TRP A 29 -13.72 -5.72 -1.68
CA TRP A 29 -12.34 -5.96 -1.28
C TRP A 29 -11.67 -6.97 -2.20
N GLU A 30 -12.34 -8.10 -2.42
CA GLU A 30 -11.82 -9.15 -3.27
C GLU A 30 -11.10 -8.55 -4.48
N VAL A 31 -11.79 -7.68 -5.21
CA VAL A 31 -11.22 -7.03 -6.38
C VAL A 31 -9.92 -6.30 -6.03
N LEU A 32 -9.95 -5.56 -4.93
CA LEU A 32 -8.76 -4.82 -4.49
C LEU A 32 -7.54 -5.73 -4.42
N ASP A 33 -7.60 -6.71 -3.53
CA ASP A 33 -6.49 -7.64 -3.36
C ASP A 33 -5.81 -7.92 -4.70
N SER A 34 -6.59 -8.31 -5.69
CA SER A 34 -6.05 -8.61 -7.02
C SER A 34 -5.35 -7.39 -7.61
N LEU A 35 -6.06 -6.26 -7.64
CA LEU A 35 -5.50 -5.02 -8.18
C LEU A 35 -4.13 -4.74 -7.58
N LEU A 36 -3.93 -5.17 -6.35
CA LEU A 36 -2.65 -4.96 -5.65
C LEU A 36 -1.58 -5.90 -6.21
N VAL A 37 -1.73 -7.19 -5.94
CA VAL A 37 -0.78 -8.18 -6.42
C VAL A 37 -0.47 -7.98 -7.90
N GLN A 38 -1.49 -7.66 -8.68
CA GLN A 38 -1.33 -7.44 -10.11
C GLN A 38 -0.09 -6.61 -10.39
N TYR A 39 0.03 -5.48 -9.69
CA TYR A 39 1.17 -4.59 -9.88
C TYR A 39 2.47 -5.28 -9.48
N GLY A 40 2.50 -5.82 -8.27
CA GLY A 40 3.69 -6.51 -7.79
C GLY A 40 3.39 -7.45 -6.64
N VAL A 41 4.42 -7.78 -5.87
CA VAL A 41 4.27 -8.68 -4.74
C VAL A 41 3.98 -7.91 -3.46
N VAL A 42 2.69 -7.75 -3.15
CA VAL A 42 2.28 -7.04 -1.95
C VAL A 42 2.61 -7.84 -0.69
N GLU A 43 3.48 -7.29 0.14
CA GLU A 43 3.88 -7.96 1.38
C GLU A 43 2.70 -8.08 2.34
N SER A 44 2.00 -6.96 2.55
CA SER A 44 0.85 -6.94 3.44
C SER A 44 -0.03 -5.73 3.17
N CYS A 45 -1.34 -5.92 3.25
CA CYS A 45 -2.30 -4.85 3.00
C CYS A 45 -3.02 -4.46 4.29
N GLU A 46 -2.56 -3.38 4.92
CA GLU A 46 -3.15 -2.91 6.17
C GLU A 46 -4.30 -1.96 5.88
N GLN A 47 -5.27 -1.90 6.80
CA GLN A 47 -6.43 -1.04 6.65
C GLN A 47 -6.19 0.31 7.34
N VAL A 48 -6.84 1.35 6.83
CA VAL A 48 -6.71 2.69 7.39
C VAL A 48 -7.96 3.51 7.17
N ASN A 49 -8.12 4.57 7.95
CA ASN A 49 -9.28 5.44 7.83
C ASN A 49 -8.88 6.91 8.00
N THR A 50 -9.00 7.67 6.92
CA THR A 50 -8.65 9.08 6.93
C THR A 50 -9.87 9.95 7.26
N ASP A 51 -10.85 9.34 7.91
CA ASP A 51 -12.07 10.06 8.28
C ASP A 51 -12.79 10.59 7.04
N SER A 52 -12.80 9.79 5.98
CA SER A 52 -13.45 10.19 4.74
C SER A 52 -14.37 9.09 4.23
N GLU A 53 -15.49 9.49 3.63
CA GLU A 53 -16.45 8.54 3.09
C GLU A 53 -15.74 7.38 2.39
N THR A 54 -14.97 7.71 1.36
CA THR A 54 -14.24 6.69 0.61
C THR A 54 -13.40 5.82 1.53
N ALA A 55 -13.09 4.62 1.06
CA ALA A 55 -12.28 3.68 1.85
C ALA A 55 -10.80 4.04 1.77
N VAL A 56 -10.05 3.66 2.80
CA VAL A 56 -8.62 3.94 2.84
C VAL A 56 -7.84 2.72 3.29
N VAL A 57 -6.70 2.47 2.64
CA VAL A 57 -5.86 1.34 2.97
C VAL A 57 -4.39 1.62 2.67
N ASN A 58 -3.51 0.79 3.20
CA ASN A 58 -2.07 0.96 2.97
C ASN A 58 -1.46 -0.30 2.38
N VAL A 59 -0.85 -0.17 1.21
CA VAL A 59 -0.22 -1.29 0.54
C VAL A 59 1.28 -1.33 0.80
N THR A 60 1.77 -2.49 1.24
CA THR A 60 3.18 -2.66 1.53
C THR A 60 3.80 -3.74 0.64
N TYR A 61 4.48 -3.29 -0.41
CA TYR A 61 5.12 -4.22 -1.35
C TYR A 61 6.50 -4.63 -0.84
N SER A 62 7.03 -5.70 -1.41
CA SER A 62 8.34 -6.21 -1.02
C SER A 62 9.44 -5.57 -1.86
N SER A 63 9.20 -5.44 -3.16
CA SER A 63 10.17 -4.85 -4.06
C SER A 63 9.88 -3.37 -4.29
N LYS A 64 10.95 -2.60 -4.52
CA LYS A 64 10.80 -1.17 -4.75
C LYS A 64 10.01 -0.88 -6.02
N ASP A 65 10.48 -1.44 -7.13
CA ASP A 65 9.80 -1.26 -8.41
C ASP A 65 8.33 -1.62 -8.31
N GLN A 66 8.04 -2.74 -7.67
CA GLN A 66 6.67 -3.20 -7.50
C GLN A 66 5.79 -2.10 -6.93
N ALA A 67 6.34 -1.32 -6.01
CA ALA A 67 5.61 -0.22 -5.39
C ALA A 67 5.54 0.98 -6.32
N ARG A 68 6.63 1.24 -7.04
CA ARG A 68 6.69 2.37 -7.95
C ARG A 68 5.54 2.32 -8.96
N GLN A 69 5.37 1.18 -9.60
CA GLN A 69 4.30 1.00 -10.58
C GLN A 69 2.93 1.15 -9.93
N ALA A 70 2.64 0.30 -8.97
CA ALA A 70 1.36 0.34 -8.26
C ALA A 70 0.87 1.78 -8.10
N LEU A 71 1.70 2.62 -7.49
CA LEU A 71 1.36 4.02 -7.27
C LEU A 71 1.32 4.78 -8.60
N ASP A 72 2.40 4.67 -9.36
CA ASP A 72 2.50 5.35 -10.65
C ASP A 72 1.20 5.22 -11.43
N LYS A 73 0.42 4.19 -11.10
CA LYS A 73 -0.85 3.95 -11.78
C LYS A 73 -2.02 4.25 -10.84
N LEU A 74 -2.14 3.44 -9.79
CA LEU A 74 -3.23 3.62 -8.82
C LEU A 74 -3.35 5.08 -8.41
N ASN A 75 -2.22 5.76 -8.25
CA ASN A 75 -2.21 7.16 -7.86
C ASN A 75 -3.30 7.94 -8.60
N GLY A 76 -3.64 7.47 -9.81
CA GLY A 76 -4.65 8.13 -10.60
C GLY A 76 -5.58 7.14 -11.28
N PHE A 77 -5.44 5.87 -10.95
CA PHE A 77 -6.26 4.82 -11.54
C PHE A 77 -7.74 5.08 -11.26
N GLN A 78 -8.47 5.50 -12.28
CA GLN A 78 -9.89 5.78 -12.14
C GLN A 78 -10.68 4.49 -11.95
N LEU A 79 -11.48 4.44 -10.88
CA LEU A 79 -12.28 3.25 -10.59
C LEU A 79 -13.69 3.66 -10.13
N GLU A 80 -14.69 2.93 -10.62
CA GLU A 80 -16.08 3.21 -10.26
C GLU A 80 -16.30 4.71 -10.07
N ASN A 81 -15.70 5.50 -10.96
CA ASN A 81 -15.82 6.95 -10.90
C ASN A 81 -15.16 7.51 -9.65
N PHE A 82 -13.94 7.05 -9.38
CA PHE A 82 -13.19 7.50 -8.21
C PHE A 82 -11.69 7.43 -8.48
N THR A 83 -11.07 8.59 -8.69
CA THR A 83 -9.64 8.66 -8.95
C THR A 83 -8.84 8.24 -7.72
N LEU A 84 -8.41 6.99 -7.70
CA LEU A 84 -7.63 6.47 -6.58
C LEU A 84 -6.39 7.31 -6.34
N LYS A 85 -6.26 7.85 -5.13
CA LYS A 85 -5.11 8.67 -4.78
C LYS A 85 -4.07 7.86 -4.00
N VAL A 86 -2.84 7.86 -4.48
CA VAL A 86 -1.77 7.13 -3.84
C VAL A 86 -0.58 8.04 -3.53
N ALA A 87 0.00 7.86 -2.35
CA ALA A 87 1.14 8.67 -1.93
C ALA A 87 2.11 7.86 -1.08
N TYR A 88 3.40 8.08 -1.30
CA TYR A 88 4.43 7.36 -0.54
C TYR A 88 4.39 7.73 0.93
N ILE A 89 3.98 6.77 1.76
CA ILE A 89 3.90 7.00 3.20
C ILE A 89 5.28 7.20 3.81
N PRO A 90 5.39 8.17 4.73
CA PRO A 90 6.64 8.49 5.40
C PRO A 90 7.06 7.39 6.38
N ASP A 91 8.21 6.78 6.11
CA ASP A 91 8.73 5.72 6.97
C ASP A 91 10.17 6.00 7.38
N GLU A 92 10.68 7.16 6.96
CA GLU A 92 12.05 7.55 7.28
C GLU A 92 12.07 8.88 8.03
N MET A 93 13.08 9.06 8.87
CA MET A 93 13.22 10.29 9.64
C MET A 93 14.54 10.99 9.33
N ALA A 94 14.58 11.69 8.20
CA ALA A 94 15.78 12.41 7.79
C ALA A 94 15.51 13.90 7.61
N ALA A 95 16.49 14.73 7.93
CA ALA A 95 16.35 16.16 7.81
C ALA A 95 17.17 16.70 6.63
N GLN A 96 17.19 15.95 5.54
CA GLN A 96 17.95 16.34 4.35
C GLN A 96 17.35 17.60 3.72
N GLY A 1 6.51 -11.63 8.56
CA GLY A 1 5.48 -12.46 7.98
C GLY A 1 5.66 -13.93 8.34
N SER A 2 4.69 -14.75 7.94
CA SER A 2 4.74 -16.18 8.22
C SER A 2 5.05 -16.43 9.69
N SER A 3 4.37 -15.72 10.57
CA SER A 3 4.57 -15.86 12.00
C SER A 3 4.60 -17.34 12.40
N GLY A 4 5.71 -17.75 13.00
CA GLY A 4 5.85 -19.14 13.42
C GLY A 4 7.28 -19.50 13.75
N SER A 5 7.50 -20.07 14.93
CA SER A 5 8.83 -20.47 15.37
C SER A 5 9.88 -19.48 14.84
N SER A 6 9.66 -18.21 15.09
CA SER A 6 10.58 -17.17 14.65
C SER A 6 10.52 -15.94 15.56
N GLY A 7 11.63 -15.64 16.21
CA GLY A 7 11.68 -14.50 17.11
C GLY A 7 12.71 -13.47 16.68
N SER A 8 12.50 -12.88 15.50
CA SER A 8 13.43 -11.89 14.98
C SER A 8 12.88 -11.25 13.71
N VAL A 9 13.19 -9.97 13.50
CA VAL A 9 12.73 -9.25 12.33
C VAL A 9 13.85 -8.39 11.73
N PRO A 10 14.11 -8.57 10.43
CA PRO A 10 15.14 -7.83 9.71
C PRO A 10 14.79 -6.35 9.54
N LYS A 11 15.28 -5.52 10.45
CA LYS A 11 15.02 -4.09 10.39
C LYS A 11 16.28 -3.32 10.00
N ARG A 12 17.03 -3.86 9.04
CA ARG A 12 18.26 -3.22 8.57
C ARG A 12 18.25 -3.10 7.06
N GLN A 13 17.10 -3.34 6.44
CA GLN A 13 16.97 -3.25 4.99
C GLN A 13 15.96 -2.17 4.60
N ARG A 14 15.80 -1.96 3.30
CA ARG A 14 14.87 -0.97 2.79
C ARG A 14 13.47 -1.18 3.37
N ILE A 15 12.80 -0.10 3.73
CA ILE A 15 11.45 -0.17 4.29
C ILE A 15 10.63 1.04 3.89
N ARG A 16 9.39 0.79 3.46
CA ARG A 16 8.49 1.86 3.04
C ARG A 16 7.05 1.36 2.97
N LYS A 17 6.10 2.28 3.09
CA LYS A 17 4.69 1.93 3.03
C LYS A 17 3.93 2.87 2.10
N LEU A 18 2.91 2.35 1.43
CA LEU A 18 2.11 3.15 0.51
C LEU A 18 0.69 3.33 1.04
N GLN A 19 0.15 4.54 0.84
CA GLN A 19 -1.20 4.85 1.31
C GLN A 19 -2.14 5.07 0.12
N ILE A 20 -3.29 4.41 0.16
CA ILE A 20 -4.28 4.54 -0.91
C ILE A 20 -5.57 5.17 -0.39
N ARG A 21 -6.04 6.19 -1.10
CA ARG A 21 -7.27 6.88 -0.72
C ARG A 21 -8.20 7.03 -1.92
N ASN A 22 -9.34 7.69 -1.69
CA ASN A 22 -10.32 7.90 -2.75
C ASN A 22 -10.85 6.57 -3.27
N ILE A 23 -10.91 5.58 -2.39
CA ILE A 23 -11.41 4.26 -2.75
C ILE A 23 -12.93 4.20 -2.66
N PRO A 24 -13.58 3.72 -3.74
CA PRO A 24 -15.03 3.60 -3.79
C PRO A 24 -15.56 2.51 -2.86
N PRO A 25 -16.48 2.89 -1.97
CA PRO A 25 -17.09 1.96 -1.01
C PRO A 25 -18.02 0.96 -1.69
N HIS A 26 -18.11 1.04 -3.01
CA HIS A 26 -18.97 0.14 -3.77
C HIS A 26 -18.19 -1.11 -4.20
N LEU A 27 -16.93 -0.92 -4.56
CA LEU A 27 -16.08 -2.03 -4.98
C LEU A 27 -15.93 -3.06 -3.87
N GLN A 28 -15.68 -4.30 -4.25
CA GLN A 28 -15.50 -5.39 -3.28
C GLN A 28 -14.03 -5.61 -2.97
N TRP A 29 -13.71 -5.70 -1.68
CA TRP A 29 -12.33 -5.91 -1.25
C TRP A 29 -11.65 -6.96 -2.12
N GLU A 30 -12.34 -8.08 -2.35
CA GLU A 30 -11.79 -9.16 -3.17
C GLU A 30 -11.10 -8.60 -4.41
N VAL A 31 -11.80 -7.73 -5.13
CA VAL A 31 -11.26 -7.13 -6.34
C VAL A 31 -9.96 -6.39 -6.05
N LEU A 32 -9.94 -5.64 -4.95
CA LEU A 32 -8.76 -4.88 -4.56
C LEU A 32 -7.54 -5.79 -4.47
N ASP A 33 -7.58 -6.74 -3.55
CA ASP A 33 -6.48 -7.68 -3.37
C ASP A 33 -5.81 -8.00 -4.70
N SER A 34 -6.61 -8.47 -5.65
CA SER A 34 -6.09 -8.82 -6.98
C SER A 34 -5.35 -7.64 -7.60
N LEU A 35 -6.01 -6.49 -7.65
CA LEU A 35 -5.42 -5.29 -8.21
C LEU A 35 -4.05 -5.01 -7.61
N LEU A 36 -3.91 -5.31 -6.32
CA LEU A 36 -2.65 -5.10 -5.62
C LEU A 36 -1.56 -6.01 -6.17
N VAL A 37 -1.71 -7.32 -5.95
CA VAL A 37 -0.74 -8.29 -6.43
C VAL A 37 -0.47 -8.11 -7.92
N GLN A 38 -1.49 -7.67 -8.65
CA GLN A 38 -1.36 -7.46 -10.08
C GLN A 38 -0.15 -6.57 -10.40
N TYR A 39 0.02 -5.52 -9.62
CA TYR A 39 1.13 -4.59 -9.82
C TYR A 39 2.46 -5.26 -9.47
N GLY A 40 2.53 -5.84 -8.28
CA GLY A 40 3.75 -6.50 -7.85
C GLY A 40 3.51 -7.44 -6.69
N VAL A 41 4.57 -7.75 -5.95
CA VAL A 41 4.47 -8.64 -4.80
C VAL A 41 4.18 -7.87 -3.52
N VAL A 42 2.89 -7.77 -3.18
CA VAL A 42 2.47 -7.07 -1.98
C VAL A 42 2.78 -7.87 -0.72
N GLU A 43 3.65 -7.32 0.12
CA GLU A 43 4.04 -7.99 1.36
C GLU A 43 2.85 -8.08 2.32
N SER A 44 2.20 -6.94 2.55
CA SER A 44 1.06 -6.89 3.46
C SER A 44 0.16 -5.70 3.13
N CYS A 45 -1.14 -5.88 3.30
CA CYS A 45 -2.10 -4.82 3.02
C CYS A 45 -2.90 -4.47 4.27
N GLU A 46 -2.47 -3.42 4.96
CA GLU A 46 -3.15 -2.98 6.17
C GLU A 46 -4.28 -2.00 5.85
N GLN A 47 -5.23 -1.88 6.78
CA GLN A 47 -6.35 -0.98 6.59
C GLN A 47 -6.16 0.32 7.37
N VAL A 48 -6.81 1.39 6.91
CA VAL A 48 -6.70 2.68 7.57
C VAL A 48 -7.92 3.55 7.27
N ASN A 49 -8.14 4.56 8.11
CA ASN A 49 -9.27 5.46 7.94
C ASN A 49 -8.81 6.92 7.91
N THR A 50 -9.27 7.66 6.92
CA THR A 50 -8.91 9.07 6.78
C THR A 50 -10.06 9.97 7.18
N ASP A 51 -11.02 9.42 7.91
CA ASP A 51 -12.18 10.18 8.36
C ASP A 51 -12.96 10.74 7.17
N SER A 52 -13.19 9.89 6.18
CA SER A 52 -13.92 10.29 4.98
C SER A 52 -14.80 9.15 4.48
N GLU A 53 -15.73 9.48 3.58
CA GLU A 53 -16.64 8.49 3.02
C GLU A 53 -15.85 7.37 2.33
N THR A 54 -15.01 7.75 1.38
CA THR A 54 -14.20 6.78 0.65
C THR A 54 -13.38 5.91 1.60
N ALA A 55 -12.94 4.77 1.11
CA ALA A 55 -12.14 3.84 1.91
C ALA A 55 -10.66 4.20 1.85
N VAL A 56 -9.89 3.68 2.79
CA VAL A 56 -8.46 3.95 2.84
C VAL A 56 -7.69 2.72 3.33
N VAL A 57 -6.58 2.41 2.65
CA VAL A 57 -5.76 1.27 3.02
C VAL A 57 -4.29 1.53 2.70
N ASN A 58 -3.41 0.81 3.39
CA ASN A 58 -1.97 0.96 3.19
C ASN A 58 -1.37 -0.29 2.56
N VAL A 59 -0.70 -0.12 1.43
CA VAL A 59 -0.08 -1.24 0.73
C VAL A 59 1.43 -1.26 0.97
N THR A 60 1.95 -2.45 1.25
CA THR A 60 3.39 -2.61 1.50
C THR A 60 3.97 -3.69 0.60
N TYR A 61 4.67 -3.27 -0.45
CA TYR A 61 5.29 -4.20 -1.39
C TYR A 61 6.68 -4.61 -0.91
N SER A 62 7.12 -5.79 -1.34
CA SER A 62 8.43 -6.31 -0.96
C SER A 62 9.54 -5.60 -1.73
N SER A 63 9.31 -5.41 -3.03
CA SER A 63 10.30 -4.75 -3.89
C SER A 63 9.87 -3.31 -4.20
N LYS A 64 10.86 -2.44 -4.39
CA LYS A 64 10.59 -1.05 -4.70
C LYS A 64 9.80 -0.91 -6.01
N ASP A 65 10.38 -1.41 -7.09
CA ASP A 65 9.73 -1.35 -8.40
C ASP A 65 8.24 -1.67 -8.29
N GLN A 66 7.94 -2.82 -7.68
CA GLN A 66 6.56 -3.24 -7.51
C GLN A 66 5.67 -2.07 -7.10
N ALA A 67 6.08 -1.37 -6.04
CA ALA A 67 5.32 -0.23 -5.55
C ALA A 67 5.28 0.89 -6.59
N ARG A 68 6.45 1.25 -7.11
CA ARG A 68 6.55 2.30 -8.12
C ARG A 68 5.36 2.27 -9.06
N GLN A 69 5.19 1.15 -9.75
CA GLN A 69 4.09 0.99 -10.70
C GLN A 69 2.74 1.12 -9.99
N ALA A 70 2.52 0.28 -8.97
CA ALA A 70 1.28 0.32 -8.23
C ALA A 70 0.77 1.75 -8.05
N LEU A 71 1.62 2.60 -7.48
CA LEU A 71 1.26 4.00 -7.26
C LEU A 71 1.18 4.76 -8.58
N ASP A 72 2.24 4.65 -9.38
CA ASP A 72 2.29 5.32 -10.67
C ASP A 72 0.98 5.15 -11.43
N LYS A 73 0.33 4.00 -11.24
CA LYS A 73 -0.93 3.71 -11.90
C LYS A 73 -2.11 4.07 -11.01
N LEU A 74 -2.21 3.40 -9.86
CA LEU A 74 -3.30 3.65 -8.93
C LEU A 74 -3.47 5.15 -8.69
N ASN A 75 -2.36 5.82 -8.38
CA ASN A 75 -2.40 7.26 -8.13
C ASN A 75 -3.35 7.97 -9.10
N GLY A 76 -3.56 7.35 -10.26
CA GLY A 76 -4.44 7.93 -11.25
C GLY A 76 -5.44 6.93 -11.79
N PHE A 77 -5.38 5.70 -11.28
CA PHE A 77 -6.29 4.65 -11.72
C PHE A 77 -7.74 5.00 -11.37
N GLN A 78 -8.49 5.43 -12.38
CA GLN A 78 -9.89 5.79 -12.18
C GLN A 78 -10.76 4.55 -11.96
N LEU A 79 -11.51 4.55 -10.86
CA LEU A 79 -12.38 3.43 -10.53
C LEU A 79 -13.72 3.92 -10.03
N GLU A 80 -14.80 3.28 -10.48
CA GLU A 80 -16.14 3.65 -10.07
C GLU A 80 -16.26 5.16 -9.90
N ASN A 81 -15.64 5.90 -10.79
CA ASN A 81 -15.67 7.36 -10.73
C ASN A 81 -14.93 7.87 -9.49
N PHE A 82 -13.74 7.32 -9.26
CA PHE A 82 -12.94 7.72 -8.11
C PHE A 82 -11.45 7.56 -8.41
N THR A 83 -10.77 8.69 -8.63
CA THR A 83 -9.34 8.67 -8.94
C THR A 83 -8.53 8.22 -7.73
N LEU A 84 -8.24 6.92 -7.66
CA LEU A 84 -7.46 6.37 -6.55
C LEU A 84 -6.23 7.21 -6.27
N LYS A 85 -6.19 7.84 -5.10
CA LYS A 85 -5.06 8.68 -4.72
C LYS A 85 -4.04 7.88 -3.93
N VAL A 86 -2.83 7.74 -4.50
CA VAL A 86 -1.77 7.00 -3.85
C VAL A 86 -0.56 7.88 -3.60
N ALA A 87 -0.01 7.80 -2.39
CA ALA A 87 1.15 8.60 -2.02
C ALA A 87 2.10 7.81 -1.12
N TYR A 88 3.39 8.02 -1.30
CA TYR A 88 4.40 7.32 -0.51
C TYR A 88 4.37 7.80 0.95
N ILE A 89 3.86 6.95 1.84
CA ILE A 89 3.78 7.28 3.25
C ILE A 89 5.15 7.65 3.81
N PRO A 90 5.19 8.70 4.64
CA PRO A 90 6.42 9.18 5.26
C PRO A 90 6.96 8.20 6.31
N ASP A 91 7.96 8.64 7.06
CA ASP A 91 8.56 7.81 8.10
C ASP A 91 9.19 6.56 7.50
N GLU A 92 10.03 6.75 6.49
CA GLU A 92 10.70 5.63 5.83
C GLU A 92 12.19 5.63 6.14
N MET A 93 12.67 4.55 6.74
CA MET A 93 14.07 4.42 7.09
C MET A 93 14.66 5.77 7.49
N ALA A 94 13.90 6.53 8.26
CA ALA A 94 14.34 7.84 8.71
C ALA A 94 15.84 7.84 9.03
N ALA A 95 16.26 6.88 9.86
CA ALA A 95 17.66 6.77 10.24
C ALA A 95 18.41 5.81 9.31
N GLN A 96 19.41 6.33 8.62
CA GLN A 96 20.20 5.52 7.70
C GLN A 96 21.53 6.21 7.38
N GLY A 1 22.79 -0.21 30.99
CA GLY A 1 23.72 -1.13 30.36
C GLY A 1 23.11 -2.51 30.12
N SER A 2 22.54 -3.09 31.17
CA SER A 2 21.93 -4.41 31.07
C SER A 2 20.42 -4.33 31.28
N SER A 3 19.67 -4.94 30.37
CA SER A 3 18.21 -4.93 30.46
C SER A 3 17.73 -5.84 31.58
N GLY A 4 18.04 -7.13 31.46
CA GLY A 4 17.63 -8.09 32.47
C GLY A 4 16.25 -8.65 32.22
N SER A 5 15.30 -7.76 31.91
CA SER A 5 13.92 -8.17 31.65
C SER A 5 13.40 -7.54 30.37
N SER A 6 13.24 -8.35 29.33
CA SER A 6 12.74 -7.86 28.05
C SER A 6 11.64 -8.76 27.51
N GLY A 7 10.78 -8.20 26.67
CA GLY A 7 9.68 -8.95 26.10
C GLY A 7 8.40 -8.16 26.04
N SER A 8 8.37 -7.03 26.74
CA SER A 8 7.18 -6.18 26.77
C SER A 8 7.36 -4.97 25.84
N VAL A 9 7.72 -5.25 24.59
CA VAL A 9 7.92 -4.19 23.61
C VAL A 9 7.52 -4.66 22.20
N PRO A 10 6.82 -3.79 21.47
CA PRO A 10 6.37 -4.09 20.10
C PRO A 10 7.53 -4.15 19.11
N LYS A 11 7.31 -4.86 18.02
CA LYS A 11 8.34 -4.99 16.98
C LYS A 11 8.17 -3.91 15.91
N ARG A 12 9.09 -2.94 15.93
CA ARG A 12 9.04 -1.86 14.96
C ARG A 12 9.80 -2.23 13.68
N GLN A 13 9.65 -1.41 12.65
CA GLN A 13 10.31 -1.66 11.37
C GLN A 13 10.47 -0.36 10.58
N ARG A 14 11.71 -0.06 10.19
CA ARG A 14 12.00 1.15 9.44
C ARG A 14 11.97 0.86 7.94
N ILE A 15 10.78 0.75 7.38
CA ILE A 15 10.62 0.48 5.95
C ILE A 15 9.62 1.44 5.32
N ARG A 16 9.62 1.49 4.00
CA ARG A 16 8.71 2.37 3.26
C ARG A 16 7.36 1.68 3.04
N LYS A 17 6.31 2.49 2.93
CA LYS A 17 4.97 1.96 2.72
C LYS A 17 4.18 2.85 1.75
N LEU A 18 3.02 2.37 1.32
CA LEU A 18 2.18 3.12 0.41
C LEU A 18 0.76 3.23 0.94
N GLN A 19 0.14 4.39 0.74
CA GLN A 19 -1.22 4.63 1.20
C GLN A 19 -2.14 4.98 0.04
N ILE A 20 -3.28 4.29 -0.03
CA ILE A 20 -4.24 4.52 -1.10
C ILE A 20 -5.52 5.16 -0.56
N ARG A 21 -6.01 6.18 -1.26
CA ARG A 21 -7.22 6.87 -0.84
C ARG A 21 -8.17 7.04 -2.02
N ASN A 22 -9.31 7.69 -1.77
CA ASN A 22 -10.31 7.92 -2.81
C ASN A 22 -10.87 6.59 -3.33
N ILE A 23 -10.86 5.58 -2.47
CA ILE A 23 -11.38 4.26 -2.84
C ILE A 23 -12.89 4.21 -2.70
N PRO A 24 -13.56 3.69 -3.75
CA PRO A 24 -15.02 3.56 -3.76
C PRO A 24 -15.52 2.50 -2.79
N PRO A 25 -16.43 2.92 -1.89
CA PRO A 25 -17.01 2.01 -0.89
C PRO A 25 -17.94 0.97 -1.51
N HIS A 26 -18.06 1.02 -2.83
CA HIS A 26 -18.93 0.09 -3.54
C HIS A 26 -18.16 -1.17 -3.95
N LEU A 27 -16.94 -0.97 -4.45
CA LEU A 27 -16.10 -2.09 -4.87
C LEU A 27 -15.87 -3.06 -3.71
N GLN A 28 -15.66 -4.33 -4.06
CA GLN A 28 -15.42 -5.35 -3.04
C GLN A 28 -13.94 -5.44 -2.71
N TRP A 29 -13.63 -5.90 -1.49
CA TRP A 29 -12.26 -6.03 -1.05
C TRP A 29 -11.50 -7.05 -1.89
N GLU A 30 -12.13 -8.19 -2.15
CA GLU A 30 -11.52 -9.24 -2.95
C GLU A 30 -10.94 -8.67 -4.24
N VAL A 31 -11.69 -7.76 -4.86
CA VAL A 31 -11.25 -7.14 -6.11
C VAL A 31 -9.99 -6.31 -5.90
N LEU A 32 -9.99 -5.49 -4.85
CA LEU A 32 -8.85 -4.65 -4.53
C LEU A 32 -7.58 -5.48 -4.36
N ASP A 33 -7.59 -6.37 -3.39
CA ASP A 33 -6.44 -7.24 -3.12
C ASP A 33 -5.75 -7.63 -4.43
N SER A 34 -6.49 -8.29 -5.30
CA SER A 34 -5.95 -8.72 -6.59
C SER A 34 -5.28 -7.56 -7.32
N LEU A 35 -6.04 -6.49 -7.52
CA LEU A 35 -5.53 -5.31 -8.20
C LEU A 35 -4.12 -4.95 -7.71
N LEU A 36 -3.94 -4.97 -6.39
CA LEU A 36 -2.66 -4.66 -5.80
C LEU A 36 -1.59 -5.67 -6.22
N VAL A 37 -1.99 -6.94 -6.29
CA VAL A 37 -1.08 -8.01 -6.69
C VAL A 37 -0.66 -7.86 -8.14
N GLN A 38 -1.63 -7.60 -9.01
CA GLN A 38 -1.36 -7.43 -10.43
C GLN A 38 -0.15 -6.55 -10.66
N TYR A 39 -0.12 -5.39 -9.99
CA TYR A 39 0.98 -4.46 -10.12
C TYR A 39 2.31 -5.12 -9.73
N GLY A 40 2.36 -5.65 -8.51
CA GLY A 40 3.56 -6.30 -8.04
C GLY A 40 3.29 -7.29 -6.92
N VAL A 41 4.33 -7.63 -6.17
CA VAL A 41 4.20 -8.57 -5.06
C VAL A 41 3.86 -7.85 -3.76
N VAL A 42 2.57 -7.75 -3.46
CA VAL A 42 2.12 -7.08 -2.24
C VAL A 42 2.44 -7.91 -1.01
N GLU A 43 3.45 -7.49 -0.26
CA GLU A 43 3.85 -8.20 0.95
C GLU A 43 2.69 -8.30 1.94
N SER A 44 2.07 -7.17 2.24
CA SER A 44 0.95 -7.14 3.17
C SER A 44 0.02 -5.96 2.86
N CYS A 45 -1.25 -6.14 3.17
CA CYS A 45 -2.25 -5.09 2.92
C CYS A 45 -2.95 -4.70 4.22
N GLU A 46 -2.47 -3.64 4.85
CA GLU A 46 -3.04 -3.16 6.11
C GLU A 46 -4.18 -2.17 5.83
N GLN A 47 -5.11 -2.07 6.78
CA GLN A 47 -6.24 -1.18 6.65
C GLN A 47 -6.00 0.13 7.40
N VAL A 48 -6.64 1.20 6.94
CA VAL A 48 -6.49 2.51 7.57
C VAL A 48 -7.77 3.34 7.43
N ASN A 49 -7.91 4.35 8.28
CA ASN A 49 -9.08 5.21 8.25
C ASN A 49 -8.66 6.69 8.22
N THR A 50 -9.10 7.41 7.19
CA THR A 50 -8.77 8.82 7.04
C THR A 50 -9.98 9.69 7.33
N ASP A 51 -10.87 9.20 8.19
CA ASP A 51 -12.08 9.94 8.55
C ASP A 51 -12.71 10.60 7.33
N SER A 52 -12.87 9.81 6.27
CA SER A 52 -13.45 10.31 5.03
C SER A 52 -14.56 9.40 4.53
N GLU A 53 -15.22 9.80 3.45
CA GLU A 53 -16.30 9.01 2.88
C GLU A 53 -15.76 7.80 2.13
N THR A 54 -14.61 7.97 1.47
CA THR A 54 -13.99 6.89 0.73
C THR A 54 -13.22 5.96 1.65
N ALA A 55 -12.88 4.78 1.14
CA ALA A 55 -12.14 3.80 1.93
C ALA A 55 -10.63 4.04 1.81
N VAL A 56 -9.91 3.80 2.91
CA VAL A 56 -8.47 3.98 2.94
C VAL A 56 -7.75 2.68 3.26
N VAL A 57 -6.67 2.40 2.53
CA VAL A 57 -5.89 1.19 2.73
C VAL A 57 -4.40 1.45 2.54
N ASN A 58 -3.57 0.63 3.18
CA ASN A 58 -2.13 0.77 3.08
C ASN A 58 -1.51 -0.47 2.42
N VAL A 59 -0.90 -0.26 1.26
CA VAL A 59 -0.27 -1.35 0.53
C VAL A 59 1.24 -1.37 0.78
N THR A 60 1.76 -2.56 1.06
CA THR A 60 3.18 -2.72 1.33
C THR A 60 3.79 -3.80 0.42
N TYR A 61 4.41 -3.36 -0.68
CA TYR A 61 5.02 -4.29 -1.62
C TYR A 61 6.39 -4.74 -1.12
N SER A 62 6.66 -6.03 -1.26
CA SER A 62 7.94 -6.60 -0.82
C SER A 62 9.10 -5.83 -1.43
N SER A 63 9.04 -5.61 -2.74
CA SER A 63 10.09 -4.90 -3.45
C SER A 63 9.69 -3.45 -3.70
N LYS A 64 10.69 -2.60 -3.93
CA LYS A 64 10.45 -1.18 -4.18
C LYS A 64 9.78 -0.99 -5.54
N ASP A 65 10.47 -1.38 -6.60
CA ASP A 65 9.95 -1.25 -7.96
C ASP A 65 8.47 -1.60 -8.00
N GLN A 66 8.13 -2.80 -7.54
CA GLN A 66 6.75 -3.25 -7.54
C GLN A 66 5.82 -2.15 -7.09
N ALA A 67 6.27 -1.35 -6.11
CA ALA A 67 5.47 -0.25 -5.59
C ALA A 67 5.41 0.90 -6.59
N ARG A 68 6.56 1.24 -7.16
CA ARG A 68 6.63 2.33 -8.14
C ARG A 68 5.47 2.27 -9.11
N GLN A 69 5.32 1.13 -9.80
CA GLN A 69 4.25 0.95 -10.76
C GLN A 69 2.89 1.08 -10.10
N ALA A 70 2.63 0.23 -9.10
CA ALA A 70 1.37 0.25 -8.39
C ALA A 70 0.85 1.67 -8.23
N LEU A 71 1.67 2.53 -7.62
CA LEU A 71 1.30 3.92 -7.41
C LEU A 71 1.26 4.68 -8.72
N ASP A 72 2.36 4.60 -9.48
CA ASP A 72 2.45 5.27 -10.76
C ASP A 72 1.16 5.10 -11.57
N LYS A 73 0.43 4.04 -11.27
CA LYS A 73 -0.82 3.76 -11.97
C LYS A 73 -2.02 4.10 -11.10
N LEU A 74 -2.14 3.41 -9.97
CA LEU A 74 -3.24 3.65 -9.04
C LEU A 74 -3.42 5.14 -8.78
N ASN A 75 -2.31 5.82 -8.50
CA ASN A 75 -2.34 7.25 -8.23
C ASN A 75 -3.31 7.97 -9.17
N GLY A 76 -3.54 7.36 -10.33
CA GLY A 76 -4.45 7.96 -11.29
C GLY A 76 -5.51 6.98 -11.77
N PHE A 77 -5.44 5.75 -11.27
CA PHE A 77 -6.40 4.71 -11.66
C PHE A 77 -7.81 5.10 -11.25
N GLN A 78 -8.65 5.40 -12.23
CA GLN A 78 -10.03 5.78 -11.96
C GLN A 78 -10.91 4.56 -11.78
N LEU A 79 -11.22 4.24 -10.54
CA LEU A 79 -12.07 3.09 -10.23
C LEU A 79 -13.44 3.53 -9.75
N GLU A 80 -14.48 3.15 -10.50
CA GLU A 80 -15.84 3.50 -10.15
C GLU A 80 -16.01 5.02 -10.06
N ASN A 81 -15.39 5.73 -10.99
CA ASN A 81 -15.47 7.19 -11.02
C ASN A 81 -14.78 7.79 -9.79
N PHE A 82 -13.70 7.15 -9.36
CA PHE A 82 -12.95 7.63 -8.20
C PHE A 82 -11.45 7.48 -8.43
N THR A 83 -10.78 8.61 -8.68
CA THR A 83 -9.35 8.60 -8.92
C THR A 83 -8.58 8.15 -7.68
N LEU A 84 -8.12 6.91 -7.69
CA LEU A 84 -7.37 6.36 -6.56
C LEU A 84 -6.14 7.20 -6.26
N LYS A 85 -6.15 7.90 -5.13
CA LYS A 85 -5.04 8.74 -4.72
C LYS A 85 -4.01 7.93 -3.93
N VAL A 86 -2.84 7.71 -4.53
CA VAL A 86 -1.78 6.96 -3.88
C VAL A 86 -0.55 7.84 -3.63
N ALA A 87 0.01 7.72 -2.44
CA ALA A 87 1.18 8.51 -2.07
C ALA A 87 2.08 7.74 -1.11
N TYR A 88 3.39 7.91 -1.27
CA TYR A 88 4.35 7.22 -0.42
C TYR A 88 4.22 7.67 1.04
N ILE A 89 3.72 6.79 1.88
CA ILE A 89 3.54 7.09 3.29
C ILE A 89 4.82 7.65 3.90
N PRO A 90 4.67 8.68 4.74
CA PRO A 90 5.81 9.33 5.41
C PRO A 90 6.44 8.43 6.47
N ASP A 91 7.35 9.01 7.26
CA ASP A 91 8.03 8.27 8.31
C ASP A 91 8.94 7.20 7.72
N GLU A 92 9.66 7.56 6.66
CA GLU A 92 10.58 6.64 5.99
C GLU A 92 12.03 7.05 6.21
N MET A 93 12.62 6.57 7.30
CA MET A 93 14.00 6.89 7.63
C MET A 93 14.89 5.66 7.49
N ALA A 94 14.82 5.02 6.33
CA ALA A 94 15.62 3.82 6.07
C ALA A 94 16.94 4.18 5.40
N ALA A 95 17.52 5.30 5.81
CA ALA A 95 18.79 5.76 5.25
C ALA A 95 19.93 5.53 6.23
N GLN A 96 20.75 4.51 5.96
CA GLN A 96 21.88 4.20 6.81
C GLN A 96 23.18 4.75 6.23
N GLY A 1 19.41 -30.86 13.51
CA GLY A 1 20.64 -30.30 14.02
C GLY A 1 20.44 -29.46 15.27
N SER A 2 21.06 -28.28 15.31
CA SER A 2 20.94 -27.39 16.45
C SER A 2 20.37 -26.04 16.02
N SER A 3 19.09 -25.84 16.28
CA SER A 3 18.42 -24.60 15.93
C SER A 3 17.07 -24.48 16.63
N GLY A 4 16.84 -23.34 17.27
CA GLY A 4 15.60 -23.12 17.98
C GLY A 4 14.41 -22.99 17.04
N SER A 5 14.53 -22.10 16.06
CA SER A 5 13.45 -21.89 15.10
C SER A 5 13.57 -22.86 13.93
N SER A 6 12.54 -22.89 13.09
CA SER A 6 12.51 -23.79 11.94
C SER A 6 13.20 -23.14 10.74
N GLY A 7 14.32 -22.46 11.00
CA GLY A 7 15.06 -21.81 9.93
C GLY A 7 14.33 -20.60 9.38
N SER A 8 14.02 -19.65 10.25
CA SER A 8 13.32 -18.44 9.85
C SER A 8 14.29 -17.27 9.69
N VAL A 9 14.89 -17.17 8.50
CA VAL A 9 15.85 -16.10 8.22
C VAL A 9 15.23 -14.73 8.50
N PRO A 10 15.99 -13.87 9.21
CA PRO A 10 15.54 -12.52 9.56
C PRO A 10 15.47 -11.61 8.34
N LYS A 11 14.31 -11.00 8.13
CA LYS A 11 14.10 -10.10 7.01
C LYS A 11 15.14 -8.98 7.02
N ARG A 12 15.30 -8.34 8.18
CA ARG A 12 16.25 -7.25 8.32
C ARG A 12 16.34 -6.43 7.03
N GLN A 13 15.18 -6.03 6.51
CA GLN A 13 15.12 -5.25 5.28
C GLN A 13 14.20 -4.05 5.45
N ARG A 14 14.76 -2.85 5.36
CA ARG A 14 13.99 -1.62 5.50
C ARG A 14 13.21 -1.32 4.22
N ILE A 15 11.89 -1.34 4.32
CA ILE A 15 11.04 -1.08 3.17
C ILE A 15 9.98 -0.02 3.50
N ARG A 16 9.72 0.86 2.55
CA ARG A 16 8.74 1.92 2.74
C ARG A 16 7.32 1.39 2.56
N LYS A 17 6.33 2.22 2.88
CA LYS A 17 4.94 1.84 2.76
C LYS A 17 4.19 2.79 1.82
N LEU A 18 3.07 2.32 1.30
CA LEU A 18 2.25 3.12 0.39
C LEU A 18 0.83 3.28 0.92
N GLN A 19 0.27 4.47 0.75
CA GLN A 19 -1.08 4.77 1.21
C GLN A 19 -2.02 5.01 0.04
N ILE A 20 -3.17 4.35 0.06
CA ILE A 20 -4.16 4.49 -1.00
C ILE A 20 -5.45 5.11 -0.48
N ARG A 21 -6.04 6.01 -1.26
CA ARG A 21 -7.27 6.67 -0.87
C ARG A 21 -8.20 6.85 -2.08
N ASN A 22 -9.33 7.51 -1.85
CA ASN A 22 -10.30 7.74 -2.92
C ASN A 22 -10.82 6.43 -3.47
N ILE A 23 -11.02 5.46 -2.60
CA ILE A 23 -11.51 4.15 -3.00
C ILE A 23 -13.03 4.06 -2.84
N PRO A 24 -13.72 3.55 -3.87
CA PRO A 24 -15.17 3.40 -3.85
C PRO A 24 -15.63 2.32 -2.89
N PRO A 25 -16.51 2.70 -1.94
CA PRO A 25 -17.05 1.78 -0.94
C PRO A 25 -18.00 0.75 -1.54
N HIS A 26 -18.18 0.82 -2.86
CA HIS A 26 -19.07 -0.10 -3.56
C HIS A 26 -18.31 -1.35 -4.01
N LEU A 27 -17.07 -1.15 -4.45
CA LEU A 27 -16.24 -2.26 -4.91
C LEU A 27 -15.95 -3.24 -3.77
N GLN A 28 -15.76 -4.51 -4.11
CA GLN A 28 -15.48 -5.54 -3.12
C GLN A 28 -13.99 -5.62 -2.83
N TRP A 29 -13.65 -5.72 -1.54
CA TRP A 29 -12.25 -5.80 -1.13
C TRP A 29 -11.49 -6.83 -1.97
N GLU A 30 -12.02 -8.05 -2.03
CA GLU A 30 -11.39 -9.11 -2.80
C GLU A 30 -10.82 -8.58 -4.12
N VAL A 31 -11.63 -7.79 -4.82
CA VAL A 31 -11.21 -7.20 -6.09
C VAL A 31 -9.94 -6.37 -5.92
N LEU A 32 -9.92 -5.52 -4.90
CA LEU A 32 -8.77 -4.67 -4.62
C LEU A 32 -7.50 -5.50 -4.45
N ASP A 33 -7.52 -6.38 -3.45
CA ASP A 33 -6.37 -7.23 -3.17
C ASP A 33 -5.68 -7.65 -4.46
N SER A 34 -6.44 -8.30 -5.35
CA SER A 34 -5.89 -8.75 -6.62
C SER A 34 -5.23 -7.60 -7.37
N LEU A 35 -5.97 -6.52 -7.56
CA LEU A 35 -5.45 -5.35 -8.27
C LEU A 35 -4.05 -4.99 -7.77
N LEU A 36 -3.89 -4.98 -6.45
CA LEU A 36 -2.59 -4.65 -5.84
C LEU A 36 -1.54 -5.69 -6.22
N VAL A 37 -1.97 -6.95 -6.31
CA VAL A 37 -1.06 -8.03 -6.66
C VAL A 37 -0.61 -7.93 -8.11
N GLN A 38 -1.55 -7.59 -8.99
CA GLN A 38 -1.26 -7.46 -10.41
C GLN A 38 0.02 -6.65 -10.63
N TYR A 39 0.10 -5.50 -9.97
CA TYR A 39 1.27 -4.63 -10.09
C TYR A 39 2.54 -5.36 -9.65
N GLY A 40 2.54 -5.84 -8.42
CA GLY A 40 3.70 -6.56 -7.90
C GLY A 40 3.34 -7.53 -6.79
N VAL A 41 4.32 -7.86 -5.97
CA VAL A 41 4.11 -8.78 -4.85
C VAL A 41 3.76 -8.02 -3.57
N VAL A 42 2.47 -7.85 -3.33
CA VAL A 42 2.01 -7.15 -2.13
C VAL A 42 2.28 -7.97 -0.87
N GLU A 43 3.24 -7.50 -0.07
CA GLU A 43 3.60 -8.19 1.16
C GLU A 43 2.40 -8.27 2.11
N SER A 44 1.80 -7.13 2.38
CA SER A 44 0.65 -7.06 3.27
C SER A 44 -0.24 -5.86 2.94
N CYS A 45 -1.54 -6.01 3.16
CA CYS A 45 -2.49 -4.95 2.88
C CYS A 45 -3.25 -4.55 4.14
N GLU A 46 -2.78 -3.50 4.80
CA GLU A 46 -3.42 -3.02 6.02
C GLU A 46 -4.52 -2.02 5.71
N GLN A 47 -5.48 -1.90 6.62
CA GLN A 47 -6.60 -0.98 6.44
C GLN A 47 -6.35 0.33 7.16
N VAL A 48 -7.01 1.39 6.71
CA VAL A 48 -6.86 2.71 7.32
C VAL A 48 -8.11 3.56 7.10
N ASN A 49 -8.29 4.55 7.96
CA ASN A 49 -9.45 5.44 7.87
C ASN A 49 -9.03 6.90 8.05
N THR A 50 -9.00 7.63 6.95
CA THR A 50 -8.62 9.04 6.98
C THR A 50 -9.83 9.94 7.19
N ASP A 51 -10.84 9.40 7.88
CA ASP A 51 -12.06 10.16 8.15
C ASP A 51 -12.66 10.71 6.86
N SER A 52 -12.75 9.85 5.84
CA SER A 52 -13.30 10.26 4.56
C SER A 52 -14.42 9.32 4.14
N GLU A 53 -15.17 9.72 3.11
CA GLU A 53 -16.27 8.91 2.60
C GLU A 53 -15.75 7.66 1.88
N THR A 54 -14.65 7.82 1.16
CA THR A 54 -14.05 6.71 0.43
C THR A 54 -13.24 5.82 1.36
N ALA A 55 -12.91 4.62 0.89
CA ALA A 55 -12.13 3.68 1.68
C ALA A 55 -10.64 4.02 1.62
N VAL A 56 -9.93 3.72 2.70
CA VAL A 56 -8.50 3.99 2.78
C VAL A 56 -7.74 2.78 3.30
N VAL A 57 -6.58 2.50 2.69
CA VAL A 57 -5.76 1.38 3.10
C VAL A 57 -4.29 1.62 2.78
N ASN A 58 -3.42 0.79 3.34
CA ASN A 58 -1.98 0.92 3.11
C ASN A 58 -1.42 -0.34 2.46
N VAL A 59 -0.78 -0.17 1.31
CA VAL A 59 -0.20 -1.29 0.59
C VAL A 59 1.30 -1.41 0.86
N THR A 60 1.75 -2.63 1.12
CA THR A 60 3.17 -2.87 1.40
C THR A 60 3.74 -3.95 0.49
N TYR A 61 4.42 -3.54 -0.56
CA TYR A 61 5.01 -4.47 -1.52
C TYR A 61 6.36 -4.99 -1.01
N SER A 62 6.90 -5.98 -1.70
CA SER A 62 8.17 -6.58 -1.31
C SER A 62 9.33 -5.81 -1.94
N SER A 63 9.22 -5.54 -3.24
CA SER A 63 10.27 -4.82 -3.96
C SER A 63 9.86 -3.36 -4.18
N LYS A 64 10.86 -2.48 -4.21
CA LYS A 64 10.61 -1.06 -4.42
C LYS A 64 10.00 -0.80 -5.78
N ASP A 65 10.67 -1.29 -6.83
CA ASP A 65 10.19 -1.11 -8.19
C ASP A 65 8.71 -1.48 -8.30
N GLN A 66 8.39 -2.72 -7.94
CA GLN A 66 7.01 -3.19 -8.00
C GLN A 66 6.05 -2.16 -7.39
N ALA A 67 6.51 -1.50 -6.34
CA ALA A 67 5.70 -0.49 -5.65
C ALA A 67 5.57 0.77 -6.50
N ARG A 68 6.65 1.15 -7.16
CA ARG A 68 6.65 2.34 -8.01
C ARG A 68 5.50 2.30 -9.01
N GLN A 69 5.36 1.17 -9.71
CA GLN A 69 4.30 1.01 -10.69
C GLN A 69 2.93 1.14 -10.04
N ALA A 70 2.64 0.24 -9.10
CA ALA A 70 1.36 0.25 -8.41
C ALA A 70 0.87 1.69 -8.18
N LEU A 71 1.74 2.50 -7.59
CA LEU A 71 1.39 3.90 -7.31
C LEU A 71 1.33 4.71 -8.61
N ASP A 72 2.37 4.61 -9.42
CA ASP A 72 2.42 5.33 -10.68
C ASP A 72 1.09 5.22 -11.43
N LYS A 73 0.31 4.20 -11.10
CA LYS A 73 -0.98 3.99 -11.73
C LYS A 73 -2.12 4.28 -10.76
N LEU A 74 -2.18 3.50 -9.67
CA LEU A 74 -3.22 3.68 -8.66
C LEU A 74 -3.36 5.15 -8.27
N ASN A 75 -2.22 5.83 -8.17
CA ASN A 75 -2.21 7.25 -7.80
C ASN A 75 -3.30 8.01 -8.54
N GLY A 76 -3.64 7.52 -9.74
CA GLY A 76 -4.67 8.18 -10.54
C GLY A 76 -5.59 7.17 -11.21
N PHE A 77 -5.60 5.95 -10.71
CA PHE A 77 -6.45 4.90 -11.27
C PHE A 77 -7.92 5.17 -11.00
N GLN A 78 -8.67 5.48 -12.05
CA GLN A 78 -10.09 5.77 -11.93
C GLN A 78 -10.89 4.49 -11.74
N LEU A 79 -11.66 4.44 -10.65
CA LEU A 79 -12.47 3.27 -10.35
C LEU A 79 -13.83 3.68 -9.80
N GLU A 80 -14.90 3.22 -10.44
CA GLU A 80 -16.26 3.54 -10.02
C GLU A 80 -16.42 5.05 -9.83
N ASN A 81 -15.91 5.82 -10.78
CA ASN A 81 -16.01 7.28 -10.71
C ASN A 81 -15.28 7.82 -9.48
N PHE A 82 -14.12 7.24 -9.19
CA PHE A 82 -13.32 7.66 -8.04
C PHE A 82 -11.84 7.53 -8.34
N THR A 83 -11.18 8.66 -8.55
CA THR A 83 -9.75 8.68 -8.85
C THR A 83 -8.94 8.26 -7.63
N LEU A 84 -8.44 7.02 -7.65
CA LEU A 84 -7.65 6.49 -6.55
C LEU A 84 -6.39 7.34 -6.33
N LYS A 85 -6.17 7.78 -5.10
CA LYS A 85 -5.01 8.58 -4.75
C LYS A 85 -3.98 7.76 -4.00
N VAL A 86 -2.72 7.84 -4.43
CA VAL A 86 -1.64 7.10 -3.79
C VAL A 86 -0.47 8.02 -3.48
N ALA A 87 0.16 7.81 -2.32
CA ALA A 87 1.30 8.61 -1.91
C ALA A 87 2.26 7.79 -1.04
N TYR A 88 3.55 8.02 -1.23
CA TYR A 88 4.57 7.31 -0.47
C TYR A 88 4.54 7.71 1.01
N ILE A 89 4.04 6.81 1.84
CA ILE A 89 3.95 7.07 3.28
C ILE A 89 5.31 7.41 3.86
N PRO A 90 5.34 8.41 4.75
CA PRO A 90 6.58 8.85 5.41
C PRO A 90 7.11 7.83 6.40
N ASP A 91 8.26 7.24 6.08
CA ASP A 91 8.88 6.24 6.94
C ASP A 91 10.13 6.80 7.61
N GLU A 92 10.11 8.10 7.89
CA GLU A 92 11.24 8.75 8.53
C GLU A 92 10.77 9.62 9.70
N MET A 93 11.65 9.80 10.70
CA MET A 93 11.32 10.60 11.86
C MET A 93 11.59 12.09 11.59
N ALA A 94 10.61 12.75 10.97
CA ALA A 94 10.74 14.17 10.66
C ALA A 94 11.35 14.94 11.83
N ALA A 95 10.65 14.95 12.95
CA ALA A 95 11.12 15.65 14.14
C ALA A 95 12.45 15.08 14.62
N GLN A 96 13.36 15.95 15.02
CA GLN A 96 14.67 15.54 15.50
C GLN A 96 14.66 15.33 17.01
N GLY A 1 41.88 10.24 11.97
CA GLY A 1 41.29 11.24 12.84
C GLY A 1 40.88 12.49 12.10
N SER A 2 40.70 13.58 12.83
CA SER A 2 40.30 14.85 12.23
C SER A 2 39.00 14.69 11.43
N SER A 3 38.04 13.98 12.02
CA SER A 3 36.75 13.75 11.36
C SER A 3 36.95 13.52 9.87
N GLY A 4 37.96 12.73 9.52
CA GLY A 4 38.23 12.44 8.13
C GLY A 4 36.99 12.02 7.36
N SER A 5 36.54 10.79 7.58
CA SER A 5 35.37 10.27 6.90
C SER A 5 34.11 11.03 7.34
N SER A 6 33.03 10.84 6.60
CA SER A 6 31.77 11.51 6.90
C SER A 6 30.74 10.51 7.43
N GLY A 7 30.64 9.36 6.75
CA GLY A 7 29.70 8.35 7.16
C GLY A 7 29.96 7.00 6.51
N SER A 8 29.51 6.85 5.27
CA SER A 8 29.71 5.60 4.53
C SER A 8 29.21 4.42 5.34
N VAL A 9 28.02 4.57 5.94
CA VAL A 9 27.44 3.50 6.75
C VAL A 9 25.92 3.51 6.63
N PRO A 10 25.34 2.33 6.36
CA PRO A 10 23.89 2.17 6.21
C PRO A 10 23.15 2.33 7.54
N LYS A 11 22.35 3.39 7.65
CA LYS A 11 21.60 3.66 8.86
C LYS A 11 20.57 2.56 9.11
N ARG A 12 20.18 2.39 10.38
CA ARG A 12 19.21 1.38 10.76
C ARG A 12 17.79 1.94 10.71
N GLN A 13 17.51 2.73 9.68
CA GLN A 13 16.19 3.33 9.52
C GLN A 13 15.75 3.30 8.06
N ARG A 14 14.66 2.59 7.80
CA ARG A 14 14.13 2.48 6.44
C ARG A 14 12.70 1.97 6.45
N ILE A 15 11.90 2.41 5.49
CA ILE A 15 10.51 2.00 5.39
C ILE A 15 10.00 2.12 3.95
N ARG A 16 9.21 1.14 3.53
CA ARG A 16 8.66 1.12 2.19
C ARG A 16 7.18 0.76 2.21
N LYS A 17 6.32 1.78 2.11
CA LYS A 17 4.87 1.57 2.11
C LYS A 17 4.19 2.56 1.17
N LEU A 18 2.87 2.40 1.02
CA LEU A 18 2.09 3.27 0.16
C LEU A 18 0.67 3.43 0.69
N GLN A 19 0.17 4.67 0.65
CA GLN A 19 -1.17 4.95 1.12
C GLN A 19 -2.12 5.20 -0.05
N ILE A 20 -3.22 4.46 -0.07
CA ILE A 20 -4.21 4.59 -1.13
C ILE A 20 -5.52 5.16 -0.60
N ARG A 21 -6.01 6.21 -1.25
CA ARG A 21 -7.26 6.84 -0.84
C ARG A 21 -8.21 6.99 -2.02
N ASN A 22 -9.36 7.62 -1.79
CA ASN A 22 -10.35 7.82 -2.83
C ASN A 22 -10.91 6.49 -3.32
N ILE A 23 -10.91 5.49 -2.43
CA ILE A 23 -11.42 4.17 -2.77
C ILE A 23 -12.93 4.10 -2.58
N PRO A 24 -13.63 3.58 -3.60
CA PRO A 24 -15.09 3.43 -3.57
C PRO A 24 -15.55 2.36 -2.58
N PRO A 25 -16.39 2.76 -1.62
CA PRO A 25 -16.91 1.84 -0.60
C PRO A 25 -17.90 0.84 -1.19
N HIS A 26 -18.10 0.91 -2.49
CA HIS A 26 -19.02 0.00 -3.17
C HIS A 26 -18.30 -1.27 -3.63
N LEU A 27 -17.15 -1.08 -4.28
CA LEU A 27 -16.36 -2.20 -4.78
C LEU A 27 -16.13 -3.23 -3.67
N GLN A 28 -15.88 -4.47 -4.07
CA GLN A 28 -15.63 -5.54 -3.12
C GLN A 28 -14.14 -5.73 -2.87
N TRP A 29 -13.78 -5.95 -1.62
CA TRP A 29 -12.37 -6.14 -1.26
C TRP A 29 -11.70 -7.15 -2.18
N GLU A 30 -12.33 -8.31 -2.33
CA GLU A 30 -11.79 -9.37 -3.19
C GLU A 30 -11.22 -8.77 -4.48
N VAL A 31 -11.78 -7.65 -4.91
CA VAL A 31 -11.32 -6.99 -6.12
C VAL A 31 -10.03 -6.23 -5.88
N LEU A 32 -9.98 -5.48 -4.79
CA LEU A 32 -8.80 -4.70 -4.44
C LEU A 32 -7.56 -5.60 -4.37
N ASP A 33 -7.64 -6.63 -3.54
CA ASP A 33 -6.53 -7.56 -3.37
C ASP A 33 -5.90 -7.90 -4.73
N SER A 34 -6.71 -8.39 -5.65
CA SER A 34 -6.23 -8.76 -6.98
C SER A 34 -5.45 -7.60 -7.61
N LEU A 35 -6.05 -6.41 -7.58
CA LEU A 35 -5.43 -5.23 -8.15
C LEU A 35 -4.03 -5.02 -7.56
N LEU A 36 -3.93 -5.16 -6.25
CA LEU A 36 -2.65 -4.98 -5.56
C LEU A 36 -1.59 -5.91 -6.14
N VAL A 37 -1.82 -7.21 -6.04
CA VAL A 37 -0.89 -8.20 -6.55
C VAL A 37 -0.65 -8.00 -8.04
N GLN A 38 -1.70 -7.64 -8.77
CA GLN A 38 -1.60 -7.42 -10.21
C GLN A 38 -0.40 -6.55 -10.54
N TYR A 39 -0.21 -5.49 -9.76
CA TYR A 39 0.90 -4.57 -9.98
C TYR A 39 2.24 -5.23 -9.63
N GLY A 40 2.32 -5.78 -8.42
CA GLY A 40 3.54 -6.44 -7.99
C GLY A 40 3.30 -7.39 -6.84
N VAL A 41 4.38 -7.73 -6.13
CA VAL A 41 4.28 -8.63 -4.99
C VAL A 41 4.03 -7.88 -3.69
N VAL A 42 2.76 -7.75 -3.33
CA VAL A 42 2.37 -7.04 -2.11
C VAL A 42 2.70 -7.87 -0.87
N GLU A 43 3.62 -7.37 -0.06
CA GLU A 43 4.03 -8.06 1.15
C GLU A 43 2.89 -8.10 2.17
N SER A 44 2.30 -6.93 2.43
CA SER A 44 1.19 -6.84 3.37
C SER A 44 0.28 -5.66 3.02
N CYS A 45 -1.00 -5.81 3.32
CA CYS A 45 -1.98 -4.75 3.05
C CYS A 45 -2.76 -4.40 4.30
N GLU A 46 -2.33 -3.35 4.99
CA GLU A 46 -2.99 -2.91 6.21
C GLU A 46 -4.11 -1.91 5.89
N GLN A 47 -5.03 -1.77 6.83
CA GLN A 47 -6.16 -0.85 6.65
C GLN A 47 -5.91 0.47 7.36
N VAL A 48 -6.54 1.54 6.86
CA VAL A 48 -6.38 2.85 7.45
C VAL A 48 -7.62 3.71 7.23
N ASN A 49 -7.76 4.76 8.02
CA ASN A 49 -8.90 5.66 7.91
C ASN A 49 -8.46 7.12 7.99
N THR A 50 -8.60 7.83 6.88
CA THR A 50 -8.22 9.24 6.81
C THR A 50 -9.40 10.14 7.15
N ASP A 51 -10.43 9.57 7.75
CA ASP A 51 -11.62 10.32 8.12
C ASP A 51 -12.32 10.87 6.88
N SER A 52 -12.43 10.05 5.85
CA SER A 52 -13.08 10.45 4.61
C SER A 52 -14.16 9.46 4.21
N GLU A 53 -15.02 9.87 3.27
CA GLU A 53 -16.10 9.02 2.80
C GLU A 53 -15.55 7.75 2.14
N THR A 54 -14.47 7.91 1.38
CA THR A 54 -13.85 6.78 0.69
C THR A 54 -13.03 5.93 1.65
N ALA A 55 -12.61 4.76 1.19
CA ALA A 55 -11.82 3.86 2.00
C ALA A 55 -10.33 4.17 1.87
N VAL A 56 -9.56 3.77 2.89
CA VAL A 56 -8.12 4.02 2.88
C VAL A 56 -7.36 2.77 3.33
N VAL A 57 -6.32 2.42 2.58
CA VAL A 57 -5.51 1.25 2.90
C VAL A 57 -4.03 1.50 2.60
N ASN A 58 -3.17 0.78 3.30
CA ASN A 58 -1.73 0.93 3.12
C ASN A 58 -1.13 -0.32 2.48
N VAL A 59 -0.48 -0.16 1.34
CA VAL A 59 0.14 -1.28 0.64
C VAL A 59 1.64 -1.34 0.92
N THR A 60 2.16 -2.56 1.06
CA THR A 60 3.58 -2.75 1.33
C THR A 60 4.16 -3.85 0.44
N TYR A 61 4.78 -3.42 -0.66
CA TYR A 61 5.39 -4.36 -1.60
C TYR A 61 6.77 -4.79 -1.13
N SER A 62 7.17 -6.00 -1.50
CA SER A 62 8.47 -6.54 -1.11
C SER A 62 9.59 -5.76 -1.78
N SER A 63 9.42 -5.45 -3.06
CA SER A 63 10.43 -4.71 -3.82
C SER A 63 9.98 -3.26 -4.02
N LYS A 64 10.94 -2.40 -4.35
CA LYS A 64 10.66 -0.99 -4.59
C LYS A 64 9.90 -0.79 -5.89
N ASP A 65 10.48 -1.30 -6.99
CA ASP A 65 9.86 -1.17 -8.30
C ASP A 65 8.39 -1.53 -8.24
N GLN A 66 8.09 -2.76 -7.83
CA GLN A 66 6.71 -3.23 -7.73
C GLN A 66 5.80 -2.12 -7.26
N ALA A 67 6.27 -1.32 -6.31
CA ALA A 67 5.49 -0.21 -5.77
C ALA A 67 5.39 0.93 -6.79
N ARG A 68 6.54 1.35 -7.31
CA ARG A 68 6.57 2.44 -8.28
C ARG A 68 5.38 2.36 -9.23
N GLN A 69 5.20 1.20 -9.87
CA GLN A 69 4.10 1.01 -10.79
C GLN A 69 2.75 1.18 -10.09
N ALA A 70 2.50 0.34 -9.09
CA ALA A 70 1.25 0.40 -8.34
C ALA A 70 0.76 1.84 -8.20
N LEU A 71 1.60 2.69 -7.62
CA LEU A 71 1.25 4.09 -7.43
C LEU A 71 1.20 4.83 -8.77
N ASP A 72 2.27 4.68 -9.56
CA ASP A 72 2.34 5.34 -10.86
C ASP A 72 1.03 5.16 -11.62
N LYS A 73 0.34 4.06 -11.37
CA LYS A 73 -0.93 3.77 -12.03
C LYS A 73 -2.11 4.10 -11.12
N LEU A 74 -2.22 3.35 -10.02
CA LEU A 74 -3.31 3.57 -9.06
C LEU A 74 -3.46 5.05 -8.74
N ASN A 75 -2.35 5.72 -8.51
CA ASN A 75 -2.35 7.14 -8.19
C ASN A 75 -3.38 7.89 -9.05
N GLY A 76 -3.64 7.35 -10.24
CA GLY A 76 -4.60 7.97 -11.13
C GLY A 76 -5.54 6.97 -11.75
N PHE A 77 -5.56 5.76 -11.21
CA PHE A 77 -6.43 4.70 -11.72
C PHE A 77 -7.89 4.97 -11.37
N GLN A 78 -8.67 5.39 -12.36
CA GLN A 78 -10.08 5.69 -12.15
C GLN A 78 -10.87 4.41 -11.87
N LEU A 79 -11.53 4.37 -10.72
CA LEU A 79 -12.32 3.21 -10.32
C LEU A 79 -13.69 3.64 -9.80
N GLU A 80 -14.73 3.03 -10.34
CA GLU A 80 -16.09 3.35 -9.93
C GLU A 80 -16.28 4.85 -9.80
N ASN A 81 -15.79 5.60 -10.78
CA ASN A 81 -15.91 7.05 -10.78
C ASN A 81 -15.17 7.65 -9.58
N PHE A 82 -14.05 7.05 -9.22
CA PHE A 82 -13.25 7.52 -8.11
C PHE A 82 -11.76 7.39 -8.41
N THR A 83 -11.11 8.52 -8.67
CA THR A 83 -9.68 8.53 -8.97
C THR A 83 -8.85 8.16 -7.75
N LEU A 84 -8.41 6.92 -7.70
CA LEU A 84 -7.60 6.43 -6.57
C LEU A 84 -6.39 7.33 -6.35
N LYS A 85 -6.27 7.89 -5.15
CA LYS A 85 -5.15 8.75 -4.81
C LYS A 85 -4.08 7.98 -4.04
N VAL A 86 -2.91 7.85 -4.66
CA VAL A 86 -1.79 7.15 -4.03
C VAL A 86 -0.64 8.10 -3.74
N ALA A 87 -0.03 7.93 -2.57
CA ALA A 87 1.10 8.77 -2.17
C ALA A 87 2.09 7.99 -1.31
N TYR A 88 3.37 8.26 -1.49
CA TYR A 88 4.41 7.58 -0.74
C TYR A 88 4.34 7.95 0.74
N ILE A 89 4.00 6.96 1.57
CA ILE A 89 3.89 7.18 3.00
C ILE A 89 5.24 7.58 3.60
N PRO A 90 5.23 8.61 4.45
CA PRO A 90 6.45 9.11 5.11
C PRO A 90 6.98 8.14 6.15
N ASP A 91 8.07 8.52 6.80
CA ASP A 91 8.68 7.68 7.83
C ASP A 91 7.64 7.23 8.84
N GLU A 92 8.01 6.25 9.68
CA GLU A 92 7.12 5.73 10.70
C GLU A 92 7.86 5.45 11.99
N MET A 93 7.58 6.24 13.01
CA MET A 93 8.24 6.08 14.31
C MET A 93 9.74 6.26 14.19
N ALA A 94 10.16 7.21 13.35
CA ALA A 94 11.58 7.47 13.15
C ALA A 94 12.24 7.93 14.44
N ALA A 95 12.96 7.01 15.09
CA ALA A 95 13.65 7.32 16.34
C ALA A 95 14.44 8.62 16.22
N GLN A 96 14.25 9.51 17.18
CA GLN A 96 14.95 10.80 17.18
C GLN A 96 15.01 11.38 15.78
N GLY A 1 7.39 -24.34 14.46
CA GLY A 1 6.96 -23.24 15.31
C GLY A 1 7.91 -22.98 16.45
N SER A 2 8.28 -21.72 16.65
CA SER A 2 9.20 -21.34 17.71
C SER A 2 8.44 -20.77 18.91
N SER A 3 9.18 -20.44 19.97
CA SER A 3 8.57 -19.89 21.17
C SER A 3 7.98 -18.51 20.91
N GLY A 4 8.83 -17.60 20.44
CA GLY A 4 8.38 -16.24 20.14
C GLY A 4 8.53 -15.89 18.68
N SER A 5 9.61 -15.19 18.35
CA SER A 5 9.88 -14.78 16.97
C SER A 5 11.38 -14.80 16.68
N SER A 6 11.76 -15.60 15.69
CA SER A 6 13.17 -15.70 15.30
C SER A 6 13.82 -14.32 15.21
N GLY A 7 15.14 -14.30 15.30
CA GLY A 7 15.86 -13.04 15.22
C GLY A 7 17.33 -13.22 14.90
N SER A 8 17.62 -14.08 13.92
CA SER A 8 18.99 -14.35 13.53
C SER A 8 19.80 -13.06 13.46
N VAL A 9 19.20 -12.02 12.91
CA VAL A 9 19.86 -10.73 12.79
C VAL A 9 18.89 -9.64 12.34
N PRO A 10 18.91 -8.50 13.04
CA PRO A 10 18.03 -7.37 12.72
C PRO A 10 18.41 -6.69 11.41
N LYS A 11 17.75 -7.09 10.33
CA LYS A 11 18.01 -6.52 9.02
C LYS A 11 18.09 -5.00 9.08
N ARG A 12 19.21 -4.45 8.63
CA ARG A 12 19.41 -3.01 8.65
C ARG A 12 18.79 -2.36 7.41
N GLN A 13 17.69 -2.94 6.94
CA GLN A 13 17.00 -2.42 5.76
C GLN A 13 15.62 -1.89 6.12
N ARG A 14 15.12 -0.95 5.33
CA ARG A 14 13.81 -0.36 5.58
C ARG A 14 12.88 -0.61 4.40
N ILE A 15 11.59 -0.30 4.59
CA ILE A 15 10.60 -0.50 3.54
C ILE A 15 9.83 0.79 3.28
N ARG A 16 9.34 0.93 2.05
CA ARG A 16 8.58 2.11 1.67
C ARG A 16 7.09 1.81 1.60
N LYS A 17 6.36 2.18 2.65
CA LYS A 17 4.92 1.94 2.71
C LYS A 17 4.18 2.88 1.76
N LEU A 18 3.01 2.43 1.30
CA LEU A 18 2.20 3.24 0.38
C LEU A 18 0.79 3.43 0.93
N GLN A 19 0.21 4.59 0.67
CA GLN A 19 -1.13 4.91 1.14
C GLN A 19 -2.08 5.12 -0.03
N ILE A 20 -3.22 4.44 -0.01
CA ILE A 20 -4.21 4.56 -1.07
C ILE A 20 -5.52 5.15 -0.54
N ARG A 21 -6.04 6.14 -1.24
CA ARG A 21 -7.29 6.79 -0.84
C ARG A 21 -8.20 6.99 -2.04
N ASN A 22 -9.34 7.65 -1.81
CA ASN A 22 -10.30 7.90 -2.88
C ASN A 22 -10.87 6.60 -3.43
N ILE A 23 -10.98 5.60 -2.57
CA ILE A 23 -11.52 4.30 -2.98
C ILE A 23 -13.03 4.25 -2.78
N PRO A 24 -13.73 3.74 -3.80
CA PRO A 24 -15.20 3.61 -3.77
C PRO A 24 -15.66 2.54 -2.78
N PRO A 25 -16.57 2.92 -1.87
CA PRO A 25 -17.12 2.01 -0.86
C PRO A 25 -18.03 0.95 -1.48
N HIS A 26 -18.19 1.00 -2.79
CA HIS A 26 -19.03 0.04 -3.49
C HIS A 26 -18.22 -1.19 -3.92
N LEU A 27 -17.05 -0.95 -4.48
CA LEU A 27 -16.18 -2.04 -4.92
C LEU A 27 -16.00 -3.08 -3.83
N GLN A 28 -15.80 -4.33 -4.23
CA GLN A 28 -15.62 -5.42 -3.28
C GLN A 28 -14.13 -5.66 -3.01
N TRP A 29 -13.78 -5.74 -1.73
CA TRP A 29 -12.39 -5.98 -1.34
C TRP A 29 -11.74 -7.04 -2.22
N GLU A 30 -12.44 -8.18 -2.37
CA GLU A 30 -11.92 -9.27 -3.18
C GLU A 30 -11.28 -8.75 -4.45
N VAL A 31 -11.92 -7.78 -5.09
CA VAL A 31 -11.41 -7.19 -6.32
C VAL A 31 -10.10 -6.47 -6.07
N LEU A 32 -10.07 -5.63 -5.05
CA LEU A 32 -8.88 -4.87 -4.70
C LEU A 32 -7.66 -5.79 -4.58
N ASP A 33 -7.73 -6.74 -3.66
CA ASP A 33 -6.64 -7.69 -3.44
C ASP A 33 -5.95 -8.01 -4.76
N SER A 34 -6.74 -8.44 -5.75
CA SER A 34 -6.20 -8.79 -7.06
C SER A 34 -5.44 -7.62 -7.67
N LEU A 35 -6.11 -6.49 -7.82
CA LEU A 35 -5.51 -5.29 -8.39
C LEU A 35 -4.15 -5.01 -7.75
N LEU A 36 -4.04 -5.31 -6.46
CA LEU A 36 -2.80 -5.10 -5.72
C LEU A 36 -1.72 -6.06 -6.19
N VAL A 37 -1.97 -7.35 -6.05
CA VAL A 37 -1.02 -8.38 -6.46
C VAL A 37 -0.80 -8.35 -7.97
N GLN A 38 -1.61 -7.55 -8.66
CA GLN A 38 -1.51 -7.43 -10.11
C GLN A 38 -0.30 -6.60 -10.51
N TYR A 39 0.06 -5.66 -9.66
CA TYR A 39 1.20 -4.78 -9.92
C TYR A 39 2.51 -5.45 -9.50
N GLY A 40 2.51 -6.04 -8.30
CA GLY A 40 3.70 -6.72 -7.80
C GLY A 40 3.40 -7.59 -6.61
N VAL A 41 4.44 -7.86 -5.81
CA VAL A 41 4.29 -8.70 -4.62
C VAL A 41 3.95 -7.86 -3.40
N VAL A 42 2.67 -7.76 -3.07
CA VAL A 42 2.22 -7.00 -1.93
C VAL A 42 2.56 -7.70 -0.62
N GLU A 43 3.73 -7.39 -0.07
CA GLU A 43 4.17 -8.00 1.18
C GLU A 43 3.02 -8.11 2.17
N SER A 44 2.20 -7.06 2.24
CA SER A 44 1.06 -7.03 3.15
C SER A 44 0.18 -5.82 2.88
N CYS A 45 -1.13 -6.01 2.99
CA CYS A 45 -2.08 -4.94 2.76
C CYS A 45 -2.80 -4.56 4.05
N GLU A 46 -2.35 -3.49 4.68
CA GLU A 46 -2.96 -3.03 5.93
C GLU A 46 -4.11 -2.07 5.65
N GLN A 47 -5.03 -1.98 6.60
CA GLN A 47 -6.19 -1.09 6.46
C GLN A 47 -5.95 0.23 7.17
N VAL A 48 -6.69 1.26 6.75
CA VAL A 48 -6.56 2.58 7.35
C VAL A 48 -7.83 3.40 7.16
N ASN A 49 -8.06 4.34 8.07
CA ASN A 49 -9.25 5.19 8.01
C ASN A 49 -8.88 6.66 8.19
N THR A 50 -8.94 7.42 7.11
CA THR A 50 -8.61 8.84 7.14
C THR A 50 -9.84 9.69 7.44
N ASP A 51 -10.81 9.09 8.13
CA ASP A 51 -12.04 9.79 8.48
C ASP A 51 -12.71 10.39 7.24
N SER A 52 -12.79 9.59 6.18
CA SER A 52 -13.39 10.04 4.94
C SER A 52 -14.33 8.97 4.37
N GLU A 53 -15.31 9.41 3.58
CA GLU A 53 -16.27 8.50 2.98
C GLU A 53 -15.56 7.36 2.25
N THR A 54 -14.78 7.72 1.23
CA THR A 54 -14.05 6.74 0.44
C THR A 54 -13.20 5.85 1.35
N ALA A 55 -12.98 4.61 0.90
CA ALA A 55 -12.17 3.66 1.67
C ALA A 55 -10.69 4.02 1.61
N VAL A 56 -9.96 3.67 2.66
CA VAL A 56 -8.53 3.96 2.73
C VAL A 56 -7.75 2.74 3.21
N VAL A 57 -6.60 2.49 2.57
CA VAL A 57 -5.77 1.36 2.94
C VAL A 57 -4.30 1.64 2.62
N ASN A 58 -3.41 0.86 3.23
CA ASN A 58 -1.97 1.02 3.00
C ASN A 58 -1.38 -0.22 2.36
N VAL A 59 -0.76 -0.03 1.20
CA VAL A 59 -0.15 -1.14 0.47
C VAL A 59 1.35 -1.21 0.74
N THR A 60 1.83 -2.39 1.12
CA THR A 60 3.24 -2.59 1.41
C THR A 60 3.84 -3.67 0.51
N TYR A 61 4.49 -3.24 -0.57
CA TYR A 61 5.11 -4.17 -1.50
C TYR A 61 6.50 -4.59 -1.03
N SER A 62 6.76 -5.89 -1.04
CA SER A 62 8.05 -6.40 -0.60
C SER A 62 9.19 -5.67 -1.30
N SER A 63 9.05 -5.47 -2.61
CA SER A 63 10.07 -4.78 -3.39
C SER A 63 9.67 -3.34 -3.66
N LYS A 64 10.64 -2.52 -4.06
CA LYS A 64 10.39 -1.11 -4.35
C LYS A 64 9.78 -0.94 -5.73
N ASP A 65 10.49 -1.43 -6.75
CA ASP A 65 10.02 -1.32 -8.12
C ASP A 65 8.57 -1.75 -8.23
N GLN A 66 8.24 -2.90 -7.66
CA GLN A 66 6.87 -3.42 -7.68
C GLN A 66 5.88 -2.34 -7.24
N ALA A 67 6.34 -1.43 -6.39
CA ALA A 67 5.48 -0.36 -5.90
C ALA A 67 5.41 0.79 -6.90
N ARG A 68 6.56 1.16 -7.45
CA ARG A 68 6.62 2.24 -8.41
C ARG A 68 5.42 2.21 -9.36
N GLN A 69 5.18 1.04 -9.95
CA GLN A 69 4.07 0.88 -10.88
C GLN A 69 2.73 1.03 -10.15
N ALA A 70 2.52 0.20 -9.14
CA ALA A 70 1.29 0.23 -8.36
C ALA A 70 0.80 1.66 -8.18
N LEU A 71 1.69 2.52 -7.68
CA LEU A 71 1.35 3.93 -7.45
C LEU A 71 1.29 4.69 -8.77
N ASP A 72 2.35 4.59 -9.56
CA ASP A 72 2.40 5.27 -10.85
C ASP A 72 1.08 5.14 -11.60
N LYS A 73 0.32 4.11 -11.25
CA LYS A 73 -0.97 3.86 -11.89
C LYS A 73 -2.12 4.16 -10.93
N LEU A 74 -2.18 3.41 -9.84
CA LEU A 74 -3.24 3.60 -8.84
C LEU A 74 -3.38 5.08 -8.48
N ASN A 75 -2.25 5.75 -8.31
CA ASN A 75 -2.25 7.17 -7.98
C ASN A 75 -3.30 7.93 -8.79
N GLY A 76 -3.57 7.43 -10.00
CA GLY A 76 -4.54 8.07 -10.86
C GLY A 76 -5.53 7.08 -11.46
N PHE A 77 -5.51 5.85 -10.95
CA PHE A 77 -6.41 4.82 -11.44
C PHE A 77 -7.86 5.12 -11.09
N GLN A 78 -8.65 5.49 -12.10
CA GLN A 78 -10.05 5.81 -11.89
C GLN A 78 -10.89 4.54 -11.73
N LEU A 79 -11.64 4.48 -10.63
CA LEU A 79 -12.48 3.31 -10.37
C LEU A 79 -13.82 3.74 -9.77
N GLU A 80 -14.90 3.47 -10.50
CA GLU A 80 -16.25 3.83 -10.05
C GLU A 80 -16.37 5.34 -9.89
N ASN A 81 -15.78 6.09 -10.82
CA ASN A 81 -15.83 7.55 -10.78
C ASN A 81 -15.08 8.08 -9.56
N PHE A 82 -14.02 7.38 -9.17
CA PHE A 82 -13.22 7.78 -8.02
C PHE A 82 -11.73 7.61 -8.31
N THR A 83 -11.05 8.72 -8.55
CA THR A 83 -9.63 8.69 -8.85
C THR A 83 -8.82 8.25 -7.63
N LEU A 84 -8.34 7.00 -7.67
CA LEU A 84 -7.55 6.45 -6.58
C LEU A 84 -6.29 7.27 -6.33
N LYS A 85 -6.13 7.76 -5.10
CA LYS A 85 -4.97 8.56 -4.75
C LYS A 85 -3.91 7.71 -4.04
N VAL A 86 -2.69 7.75 -4.56
CA VAL A 86 -1.59 6.98 -3.98
C VAL A 86 -0.38 7.86 -3.72
N ALA A 87 0.18 7.77 -2.51
CA ALA A 87 1.34 8.56 -2.15
C ALA A 87 2.30 7.75 -1.28
N TYR A 88 3.60 7.97 -1.46
CA TYR A 88 4.62 7.27 -0.70
C TYR A 88 4.62 7.72 0.75
N ILE A 89 4.03 6.90 1.62
CA ILE A 89 3.96 7.21 3.04
C ILE A 89 5.34 7.53 3.61
N PRO A 90 5.42 8.56 4.45
CA PRO A 90 6.67 8.99 5.07
C PRO A 90 7.18 7.98 6.10
N ASP A 91 8.42 8.17 6.54
CA ASP A 91 9.02 7.28 7.54
C ASP A 91 9.91 8.06 8.50
N GLU A 92 9.57 8.00 9.78
CA GLU A 92 10.33 8.70 10.81
C GLU A 92 11.83 8.49 10.61
N MET A 93 12.56 9.58 10.36
CA MET A 93 14.00 9.51 10.16
C MET A 93 14.75 9.94 11.41
N ALA A 94 15.74 9.15 11.80
CA ALA A 94 16.54 9.45 12.99
C ALA A 94 16.95 10.91 13.01
N ALA A 95 17.37 11.43 11.86
CA ALA A 95 17.78 12.82 11.75
C ALA A 95 16.62 13.72 11.34
N GLN A 96 16.83 15.02 11.38
CA GLN A 96 15.80 15.99 11.01
C GLN A 96 15.49 15.91 9.52
N GLY A 1 8.93 -26.44 -6.60
CA GLY A 1 8.87 -26.04 -5.21
C GLY A 1 8.15 -27.07 -4.34
N SER A 2 6.86 -26.84 -4.10
CA SER A 2 6.07 -27.75 -3.27
C SER A 2 6.91 -28.31 -2.13
N SER A 3 7.72 -27.45 -1.51
CA SER A 3 8.58 -27.88 -0.41
C SER A 3 8.87 -26.71 0.52
N GLY A 4 8.88 -26.98 1.83
CA GLY A 4 9.15 -25.95 2.80
C GLY A 4 10.57 -26.00 3.33
N SER A 5 11.39 -25.04 2.91
CA SER A 5 12.78 -24.98 3.33
C SER A 5 13.16 -23.56 3.75
N SER A 6 12.79 -22.58 2.93
CA SER A 6 13.11 -21.19 3.23
C SER A 6 11.84 -20.33 3.13
N GLY A 7 11.89 -19.16 3.78
CA GLY A 7 10.74 -18.27 3.76
C GLY A 7 11.08 -16.89 4.27
N SER A 8 10.98 -16.70 5.59
CA SER A 8 11.28 -15.42 6.20
C SER A 8 12.67 -14.94 5.81
N VAL A 9 12.72 -13.79 5.12
CA VAL A 9 13.98 -13.22 4.67
C VAL A 9 14.38 -12.03 5.54
N PRO A 10 15.58 -12.10 6.13
CA PRO A 10 16.10 -11.04 6.99
C PRO A 10 16.46 -9.78 6.20
N LYS A 11 16.89 -9.96 4.96
CA LYS A 11 17.25 -8.84 4.11
C LYS A 11 16.07 -7.89 3.92
N ARG A 12 16.11 -6.76 4.60
CA ARG A 12 15.05 -5.76 4.51
C ARG A 12 15.61 -4.39 4.17
N GLN A 13 15.54 -4.01 2.90
CA GLN A 13 16.04 -2.71 2.46
C GLN A 13 15.20 -1.57 3.01
N ARG A 14 13.90 -1.61 2.70
CA ARG A 14 12.97 -0.58 3.17
C ARG A 14 11.53 -1.03 3.01
N ILE A 15 10.67 -0.55 3.90
CA ILE A 15 9.25 -0.91 3.86
C ILE A 15 8.58 -0.33 2.63
N ARG A 16 8.83 0.94 2.35
CA ARG A 16 8.25 1.61 1.20
C ARG A 16 6.72 1.58 1.27
N LYS A 17 6.19 1.73 2.48
CA LYS A 17 4.74 1.73 2.68
C LYS A 17 4.05 2.74 1.76
N LEU A 18 2.88 2.37 1.28
CA LEU A 18 2.12 3.24 0.38
C LEU A 18 0.68 3.40 0.87
N GLN A 19 0.17 4.63 0.77
CA GLN A 19 -1.19 4.92 1.20
C GLN A 19 -2.12 5.13 0.01
N ILE A 20 -3.31 4.55 0.08
CA ILE A 20 -4.28 4.68 -1.01
C ILE A 20 -5.60 5.24 -0.49
N ARG A 21 -6.11 6.25 -1.19
CA ARG A 21 -7.37 6.88 -0.81
C ARG A 21 -8.29 7.04 -2.01
N ASN A 22 -9.44 7.66 -1.79
CA ASN A 22 -10.41 7.87 -2.87
C ASN A 22 -10.94 6.54 -3.39
N ILE A 23 -10.99 5.54 -2.51
CA ILE A 23 -11.48 4.22 -2.88
C ILE A 23 -13.00 4.14 -2.77
N PRO A 24 -13.65 3.60 -3.81
CA PRO A 24 -15.10 3.45 -3.85
C PRO A 24 -15.60 2.39 -2.88
N PRO A 25 -16.51 2.79 -1.97
CA PRO A 25 -17.08 1.90 -0.97
C PRO A 25 -18.02 0.86 -1.59
N HIS A 26 -18.14 0.90 -2.91
CA HIS A 26 -19.01 -0.03 -3.63
C HIS A 26 -18.24 -1.29 -4.02
N LEU A 27 -17.03 -1.10 -4.54
CA LEU A 27 -16.19 -2.22 -4.96
C LEU A 27 -15.98 -3.20 -3.82
N GLN A 28 -15.74 -4.46 -4.16
CA GLN A 28 -15.52 -5.49 -3.16
C GLN A 28 -14.03 -5.65 -2.85
N TRP A 29 -13.69 -5.59 -1.57
CA TRP A 29 -12.30 -5.73 -1.14
C TRP A 29 -11.59 -6.79 -1.95
N GLU A 30 -12.21 -7.95 -2.10
CA GLU A 30 -11.63 -9.05 -2.85
C GLU A 30 -10.98 -8.55 -4.14
N VAL A 31 -11.75 -7.80 -4.92
CA VAL A 31 -11.25 -7.25 -6.19
C VAL A 31 -10.04 -6.36 -5.95
N LEU A 32 -10.04 -5.63 -4.84
CA LEU A 32 -8.94 -4.74 -4.51
C LEU A 32 -7.65 -5.52 -4.31
N ASP A 33 -7.65 -6.40 -3.31
CA ASP A 33 -6.47 -7.21 -3.02
C ASP A 33 -5.74 -7.60 -4.30
N SER A 34 -6.44 -8.29 -5.19
CA SER A 34 -5.85 -8.73 -6.46
C SER A 34 -5.22 -7.55 -7.19
N LEU A 35 -6.01 -6.49 -7.40
CA LEU A 35 -5.52 -5.30 -8.09
C LEU A 35 -4.15 -4.88 -7.56
N LEU A 36 -3.98 -4.93 -6.24
CA LEU A 36 -2.73 -4.56 -5.61
C LEU A 36 -1.63 -5.56 -5.97
N VAL A 37 -2.01 -6.83 -6.10
CA VAL A 37 -1.06 -7.88 -6.44
C VAL A 37 -0.61 -7.77 -7.90
N GLN A 38 -1.58 -7.66 -8.80
CA GLN A 38 -1.29 -7.54 -10.22
C GLN A 38 -0.02 -6.71 -10.46
N TYR A 39 0.05 -5.57 -9.79
CA TYR A 39 1.21 -4.69 -9.91
C TYR A 39 2.49 -5.39 -9.49
N GLY A 40 2.48 -5.93 -8.27
CA GLY A 40 3.65 -6.63 -7.77
C GLY A 40 3.32 -7.52 -6.58
N VAL A 41 4.33 -7.84 -5.78
CA VAL A 41 4.15 -8.68 -4.61
C VAL A 41 3.82 -7.86 -3.38
N VAL A 42 2.53 -7.74 -3.08
CA VAL A 42 2.08 -6.98 -1.92
C VAL A 42 2.34 -7.73 -0.63
N GLU A 43 3.49 -7.46 -0.02
CA GLU A 43 3.86 -8.12 1.24
C GLU A 43 2.66 -8.25 2.17
N SER A 44 1.96 -7.13 2.39
CA SER A 44 0.80 -7.12 3.26
C SER A 44 -0.04 -5.87 3.03
N CYS A 45 -1.35 -6.01 3.15
CA CYS A 45 -2.26 -4.88 2.95
C CYS A 45 -2.89 -4.46 4.28
N GLU A 46 -2.33 -3.41 4.87
CA GLU A 46 -2.82 -2.89 6.14
C GLU A 46 -3.94 -1.87 5.92
N GLN A 47 -5.07 -2.09 6.59
CA GLN A 47 -6.21 -1.18 6.47
C GLN A 47 -5.96 0.12 7.23
N VAL A 48 -6.64 1.18 6.82
CA VAL A 48 -6.49 2.48 7.47
C VAL A 48 -7.73 3.35 7.24
N ASN A 49 -7.90 4.35 8.09
CA ASN A 49 -9.04 5.25 7.99
C ASN A 49 -8.63 6.70 8.25
N THR A 50 -8.65 7.52 7.20
CA THR A 50 -8.28 8.92 7.31
C THR A 50 -9.49 9.79 7.59
N ASP A 51 -10.52 9.19 8.17
CA ASP A 51 -11.75 9.93 8.49
C ASP A 51 -12.38 10.51 7.23
N SER A 52 -12.44 9.70 6.18
CA SER A 52 -13.02 10.13 4.91
C SER A 52 -14.05 9.12 4.40
N GLU A 53 -15.07 9.61 3.71
CA GLU A 53 -16.11 8.75 3.17
C GLU A 53 -15.50 7.55 2.43
N THR A 54 -14.70 7.84 1.41
CA THR A 54 -14.07 6.78 0.63
C THR A 54 -13.25 5.85 1.53
N ALA A 55 -12.93 4.66 1.02
CA ALA A 55 -12.15 3.69 1.76
C ALA A 55 -10.66 4.01 1.71
N VAL A 56 -9.95 3.71 2.79
CA VAL A 56 -8.52 3.98 2.86
C VAL A 56 -7.76 2.73 3.27
N VAL A 57 -6.63 2.47 2.60
CA VAL A 57 -5.80 1.32 2.89
C VAL A 57 -4.33 1.59 2.58
N ASN A 58 -3.46 0.72 3.06
CA ASN A 58 -2.03 0.87 2.85
C ASN A 58 -1.44 -0.40 2.25
N VAL A 59 -0.78 -0.26 1.10
CA VAL A 59 -0.16 -1.40 0.43
C VAL A 59 1.33 -1.48 0.74
N THR A 60 1.79 -2.67 1.13
CA THR A 60 3.20 -2.88 1.44
C THR A 60 3.82 -3.93 0.53
N TYR A 61 4.50 -3.46 -0.51
CA TYR A 61 5.14 -4.37 -1.46
C TYR A 61 6.51 -4.80 -0.96
N SER A 62 7.04 -5.86 -1.55
CA SER A 62 8.34 -6.40 -1.16
C SER A 62 9.46 -5.71 -1.94
N SER A 63 9.24 -5.52 -3.24
CA SER A 63 10.23 -4.88 -4.10
C SER A 63 9.91 -3.41 -4.29
N LYS A 64 10.89 -2.65 -4.78
CA LYS A 64 10.72 -1.22 -5.01
C LYS A 64 9.87 -0.98 -6.26
N ASP A 65 10.41 -1.36 -7.41
CA ASP A 65 9.70 -1.18 -8.68
C ASP A 65 8.23 -1.56 -8.54
N GLN A 66 7.98 -2.76 -8.02
CA GLN A 66 6.61 -3.23 -7.84
C GLN A 66 5.74 -2.15 -7.24
N ALA A 67 6.31 -1.34 -6.36
CA ALA A 67 5.58 -0.26 -5.71
C ALA A 67 5.47 0.95 -6.63
N ARG A 68 6.56 1.26 -7.32
CA ARG A 68 6.58 2.40 -8.24
C ARG A 68 5.41 2.34 -9.22
N GLN A 69 5.20 1.17 -9.81
CA GLN A 69 4.11 0.99 -10.77
C GLN A 69 2.76 1.11 -10.08
N ALA A 70 2.53 0.28 -9.07
CA ALA A 70 1.28 0.30 -8.33
C ALA A 70 0.76 1.72 -8.17
N LEU A 71 1.62 2.60 -7.65
CA LEU A 71 1.25 4.00 -7.45
C LEU A 71 1.20 4.76 -8.77
N ASP A 72 2.29 4.68 -9.53
CA ASP A 72 2.38 5.36 -10.81
C ASP A 72 1.08 5.19 -11.60
N LYS A 73 0.35 4.13 -11.29
CA LYS A 73 -0.92 3.84 -11.97
C LYS A 73 -2.10 4.16 -11.07
N LEU A 74 -2.17 3.49 -9.92
CA LEU A 74 -3.25 3.70 -8.97
C LEU A 74 -3.46 5.19 -8.71
N ASN A 75 -2.37 5.90 -8.47
CA ASN A 75 -2.42 7.33 -8.20
C ASN A 75 -3.38 8.03 -9.16
N GLY A 76 -3.62 7.40 -10.30
CA GLY A 76 -4.52 7.98 -11.29
C GLY A 76 -5.56 6.98 -11.77
N PHE A 77 -5.47 5.75 -11.28
CA PHE A 77 -6.41 4.70 -11.67
C PHE A 77 -7.83 5.07 -11.26
N GLN A 78 -8.64 5.47 -12.24
CA GLN A 78 -10.02 5.86 -11.98
C GLN A 78 -10.91 4.62 -11.82
N LEU A 79 -11.20 4.27 -10.58
CA LEU A 79 -12.03 3.11 -10.28
C LEU A 79 -13.40 3.53 -9.79
N GLU A 80 -14.44 3.21 -10.56
CA GLU A 80 -15.81 3.56 -10.20
C GLU A 80 -15.97 5.07 -10.07
N ASN A 81 -15.46 5.80 -11.06
CA ASN A 81 -15.54 7.25 -11.05
C ASN A 81 -14.82 7.83 -9.83
N PHE A 82 -13.81 7.12 -9.36
CA PHE A 82 -13.04 7.57 -8.20
C PHE A 82 -11.54 7.40 -8.44
N THR A 83 -10.86 8.51 -8.68
CA THR A 83 -9.42 8.49 -8.93
C THR A 83 -8.66 8.10 -7.66
N LEU A 84 -8.18 6.87 -7.63
CA LEU A 84 -7.42 6.38 -6.48
C LEU A 84 -6.19 7.24 -6.22
N LYS A 85 -6.20 7.94 -5.09
CA LYS A 85 -5.09 8.81 -4.73
C LYS A 85 -4.04 8.04 -3.92
N VAL A 86 -2.87 7.84 -4.53
CA VAL A 86 -1.78 7.12 -3.87
C VAL A 86 -0.59 8.04 -3.61
N ALA A 87 0.01 7.90 -2.44
CA ALA A 87 1.17 8.71 -2.08
C ALA A 87 2.13 7.93 -1.19
N TYR A 88 3.42 8.12 -1.42
CA TYR A 88 4.45 7.44 -0.64
C TYR A 88 4.37 7.83 0.83
N ILE A 89 4.05 6.84 1.68
CA ILE A 89 3.94 7.08 3.11
C ILE A 89 5.31 7.37 3.73
N PRO A 90 5.35 8.34 4.65
CA PRO A 90 6.59 8.73 5.34
C PRO A 90 7.07 7.67 6.31
N ASP A 91 8.38 7.53 6.42
CA ASP A 91 8.98 6.54 7.32
C ASP A 91 9.54 7.21 8.57
N GLU A 92 8.77 8.14 9.13
CA GLU A 92 9.21 8.86 10.33
C GLU A 92 8.45 8.36 11.56
N MET A 93 7.29 7.76 11.34
CA MET A 93 6.47 7.24 12.43
C MET A 93 5.31 6.42 11.88
N ALA A 94 5.09 5.25 12.48
CA ALA A 94 4.00 4.37 12.06
C ALA A 94 2.72 4.70 12.79
N ALA A 95 1.72 5.19 12.05
CA ALA A 95 0.43 5.53 12.63
C ALA A 95 -0.71 4.82 11.93
N GLN A 96 -1.45 4.00 12.67
CA GLN A 96 -2.57 3.26 12.11
C GLN A 96 -3.90 3.84 12.58
N GLY A 1 28.20 -7.36 14.69
CA GLY A 1 29.10 -7.94 13.70
C GLY A 1 29.06 -7.20 12.38
N SER A 2 29.80 -6.09 12.29
CA SER A 2 29.85 -5.30 11.07
C SER A 2 31.09 -5.64 10.24
N SER A 3 30.88 -6.43 9.21
CA SER A 3 31.99 -6.84 8.33
C SER A 3 31.85 -6.19 6.96
N GLY A 4 32.35 -4.96 6.83
CA GLY A 4 32.28 -4.26 5.58
C GLY A 4 31.49 -2.96 5.68
N SER A 5 30.33 -3.03 6.31
CA SER A 5 29.48 -1.85 6.48
C SER A 5 30.28 -0.67 7.02
N SER A 6 30.33 0.41 6.23
CA SER A 6 31.06 1.61 6.63
C SER A 6 30.10 2.74 7.01
N GLY A 7 30.38 3.39 8.13
CA GLY A 7 29.54 4.48 8.58
C GLY A 7 28.66 4.09 9.75
N SER A 8 27.71 4.95 10.10
CA SER A 8 26.81 4.69 11.21
C SER A 8 25.40 4.41 10.71
N VAL A 9 24.89 5.31 9.87
CA VAL A 9 23.55 5.16 9.31
C VAL A 9 23.55 5.40 7.81
N PRO A 10 22.71 4.64 7.09
CA PRO A 10 22.58 4.75 5.63
C PRO A 10 21.93 6.07 5.21
N LYS A 11 21.51 6.85 6.18
CA LYS A 11 20.86 8.14 5.90
C LYS A 11 19.82 7.99 4.80
N ARG A 12 19.20 6.83 4.72
CA ARG A 12 18.19 6.56 3.71
C ARG A 12 16.93 5.98 4.34
N GLN A 13 15.82 6.71 4.24
CA GLN A 13 14.56 6.26 4.81
C GLN A 13 13.99 5.08 4.02
N ARG A 14 13.39 4.14 4.72
CA ARG A 14 12.81 2.96 4.08
C ARG A 14 11.32 3.16 3.83
N ILE A 15 11.00 3.84 2.73
CA ILE A 15 9.61 4.10 2.38
C ILE A 15 9.09 3.04 1.41
N ARG A 16 8.82 1.86 1.93
CA ARG A 16 8.30 0.75 1.13
C ARG A 16 6.79 0.67 1.23
N LYS A 17 6.22 1.33 2.23
CA LYS A 17 4.78 1.32 2.43
C LYS A 17 4.11 2.42 1.61
N LEU A 18 2.96 2.10 1.03
CA LEU A 18 2.22 3.06 0.22
C LEU A 18 0.80 3.23 0.74
N GLN A 19 0.26 4.44 0.57
CA GLN A 19 -1.10 4.73 1.03
C GLN A 19 -2.03 5.00 -0.15
N ILE A 20 -3.23 4.45 -0.08
CA ILE A 20 -4.21 4.63 -1.14
C ILE A 20 -5.51 5.24 -0.60
N ARG A 21 -5.97 6.31 -1.24
CA ARG A 21 -7.19 6.98 -0.82
C ARG A 21 -8.16 7.11 -2.00
N ASN A 22 -9.29 7.76 -1.74
CA ASN A 22 -10.30 7.95 -2.78
C ASN A 22 -10.85 6.62 -3.26
N ILE A 23 -10.85 5.63 -2.37
CA ILE A 23 -11.34 4.30 -2.71
C ILE A 23 -12.86 4.23 -2.57
N PRO A 24 -13.53 3.68 -3.60
CA PRO A 24 -14.98 3.53 -3.61
C PRO A 24 -15.47 2.50 -2.61
N PRO A 25 -16.38 2.91 -1.70
CA PRO A 25 -16.94 2.04 -0.68
C PRO A 25 -17.88 0.98 -1.27
N HIS A 26 -18.02 0.99 -2.60
CA HIS A 26 -18.87 0.05 -3.28
C HIS A 26 -18.10 -1.22 -3.67
N LEU A 27 -16.92 -1.03 -4.25
CA LEU A 27 -16.09 -2.15 -4.66
C LEU A 27 -15.87 -3.12 -3.51
N GLN A 28 -15.63 -4.39 -3.84
CA GLN A 28 -15.41 -5.41 -2.83
C GLN A 28 -13.91 -5.56 -2.52
N TRP A 29 -13.59 -5.69 -1.24
CA TRP A 29 -12.20 -5.83 -0.81
C TRP A 29 -11.51 -6.96 -1.59
N GLU A 30 -12.17 -8.11 -1.65
CA GLU A 30 -11.61 -9.26 -2.36
C GLU A 30 -11.08 -8.85 -3.73
N VAL A 31 -11.75 -7.88 -4.35
CA VAL A 31 -11.34 -7.40 -5.67
C VAL A 31 -10.11 -6.51 -5.57
N LEU A 32 -10.08 -5.67 -4.55
CA LEU A 32 -8.96 -4.75 -4.33
C LEU A 32 -7.65 -5.52 -4.23
N ASP A 33 -7.59 -6.46 -3.28
CA ASP A 33 -6.39 -7.26 -3.07
C ASP A 33 -5.70 -7.55 -4.41
N SER A 34 -6.41 -8.25 -5.29
CA SER A 34 -5.87 -8.60 -6.60
C SER A 34 -5.36 -7.36 -7.32
N LEU A 35 -6.21 -6.36 -7.47
CA LEU A 35 -5.84 -5.12 -8.14
C LEU A 35 -4.46 -4.66 -7.70
N LEU A 36 -4.09 -4.98 -6.47
CA LEU A 36 -2.79 -4.60 -5.92
C LEU A 36 -1.73 -5.66 -6.23
N VAL A 37 -2.15 -6.92 -6.19
CA VAL A 37 -1.25 -8.04 -6.47
C VAL A 37 -0.96 -8.15 -7.96
N GLN A 38 -1.66 -7.35 -8.75
CA GLN A 38 -1.49 -7.36 -10.20
C GLN A 38 -0.25 -6.56 -10.60
N TYR A 39 0.00 -5.47 -9.90
CA TYR A 39 1.15 -4.61 -10.19
C TYR A 39 2.45 -5.32 -9.83
N GLY A 40 2.51 -5.85 -8.62
CA GLY A 40 3.71 -6.55 -8.18
C GLY A 40 3.43 -7.50 -7.03
N VAL A 41 4.46 -7.77 -6.23
CA VAL A 41 4.33 -8.67 -5.08
C VAL A 41 3.94 -7.90 -3.83
N VAL A 42 2.63 -7.81 -3.56
CA VAL A 42 2.13 -7.10 -2.39
C VAL A 42 2.40 -7.89 -1.12
N GLU A 43 3.51 -7.59 -0.46
CA GLU A 43 3.88 -8.28 0.77
C GLU A 43 2.68 -8.41 1.70
N SER A 44 2.04 -7.27 1.98
CA SER A 44 0.88 -7.26 2.86
C SER A 44 0.01 -6.02 2.61
N CYS A 45 -1.30 -6.20 2.66
CA CYS A 45 -2.23 -5.10 2.43
C CYS A 45 -2.94 -4.73 3.72
N GLU A 46 -2.47 -3.67 4.38
CA GLU A 46 -3.06 -3.21 5.63
C GLU A 46 -4.19 -2.21 5.35
N GLN A 47 -5.09 -2.07 6.32
CA GLN A 47 -6.21 -1.15 6.19
C GLN A 47 -5.99 0.11 7.02
N VAL A 48 -6.63 1.20 6.63
CA VAL A 48 -6.50 2.47 7.33
C VAL A 48 -7.72 3.35 7.10
N ASN A 49 -7.91 4.34 7.97
CA ASN A 49 -9.03 5.25 7.87
C ASN A 49 -8.56 6.70 7.94
N THR A 50 -8.94 7.50 6.94
CA THR A 50 -8.56 8.90 6.89
C THR A 50 -9.68 9.79 7.41
N ASP A 51 -10.72 9.17 7.95
CA ASP A 51 -11.85 9.91 8.50
C ASP A 51 -12.65 10.57 7.38
N SER A 52 -12.92 9.81 6.32
CA SER A 52 -13.68 10.32 5.19
C SER A 52 -14.53 9.22 4.57
N GLU A 53 -15.60 9.63 3.87
CA GLU A 53 -16.50 8.68 3.23
C GLU A 53 -15.71 7.57 2.54
N THR A 54 -14.87 7.97 1.57
CA THR A 54 -14.06 7.02 0.83
C THR A 54 -13.25 6.13 1.77
N ALA A 55 -12.78 5.01 1.24
CA ALA A 55 -11.99 4.07 2.03
C ALA A 55 -10.49 4.37 1.91
N VAL A 56 -9.70 3.77 2.78
CA VAL A 56 -8.25 3.98 2.77
C VAL A 56 -7.51 2.71 3.17
N VAL A 57 -6.42 2.41 2.47
CA VAL A 57 -5.63 1.23 2.75
C VAL A 57 -4.15 1.47 2.44
N ASN A 58 -3.29 0.66 3.05
CA ASN A 58 -1.84 0.79 2.84
C ASN A 58 -1.29 -0.43 2.11
N VAL A 59 -0.67 -0.18 0.96
CA VAL A 59 -0.09 -1.25 0.16
C VAL A 59 1.41 -1.38 0.41
N THR A 60 1.81 -2.55 0.91
CA THR A 60 3.22 -2.81 1.20
C THR A 60 3.79 -3.88 0.28
N TYR A 61 4.46 -3.44 -0.78
CA TYR A 61 5.06 -4.37 -1.74
C TYR A 61 6.42 -4.85 -1.26
N SER A 62 6.62 -6.17 -1.31
CA SER A 62 7.88 -6.77 -0.89
C SER A 62 9.07 -5.99 -1.43
N SER A 63 9.05 -5.71 -2.73
CA SER A 63 10.12 -4.97 -3.37
C SER A 63 9.76 -3.49 -3.53
N LYS A 64 10.71 -2.70 -3.98
CA LYS A 64 10.50 -1.27 -4.17
C LYS A 64 9.86 -0.99 -5.53
N ASP A 65 10.55 -1.38 -6.59
CA ASP A 65 10.05 -1.18 -7.95
C ASP A 65 8.58 -1.56 -8.05
N GLN A 66 8.25 -2.76 -7.57
CA GLN A 66 6.87 -3.23 -7.60
C GLN A 66 5.90 -2.15 -7.16
N ALA A 67 6.35 -1.31 -6.23
CA ALA A 67 5.53 -0.22 -5.71
C ALA A 67 5.48 0.94 -6.69
N ARG A 68 6.64 1.43 -7.08
CA ARG A 68 6.73 2.55 -8.01
C ARG A 68 5.61 2.48 -9.05
N GLN A 69 5.49 1.33 -9.71
CA GLN A 69 4.47 1.13 -10.73
C GLN A 69 3.07 1.19 -10.11
N ALA A 70 2.83 0.35 -9.12
CA ALA A 70 1.54 0.31 -8.44
C ALA A 70 0.98 1.72 -8.24
N LEU A 71 1.78 2.57 -7.62
CA LEU A 71 1.38 3.95 -7.36
C LEU A 71 1.35 4.77 -8.64
N ASP A 72 2.42 4.68 -9.42
CA ASP A 72 2.52 5.41 -10.67
C ASP A 72 1.26 5.22 -11.51
N LYS A 73 0.53 4.14 -11.23
CA LYS A 73 -0.70 3.83 -11.95
C LYS A 73 -1.93 4.14 -11.09
N LEU A 74 -2.05 3.43 -9.98
CA LEU A 74 -3.17 3.62 -9.06
C LEU A 74 -3.38 5.09 -8.76
N ASN A 75 -2.29 5.82 -8.55
CA ASN A 75 -2.35 7.25 -8.26
C ASN A 75 -3.34 7.94 -9.17
N GLY A 76 -3.62 7.33 -10.32
CA GLY A 76 -4.55 7.91 -11.27
C GLY A 76 -5.60 6.92 -11.73
N PHE A 77 -5.45 5.66 -11.32
CA PHE A 77 -6.38 4.61 -11.70
C PHE A 77 -7.80 4.97 -11.26
N GLN A 78 -8.63 5.35 -12.23
CA GLN A 78 -10.01 5.72 -11.95
C GLN A 78 -10.87 4.48 -11.73
N LEU A 79 -11.23 4.23 -10.47
CA LEU A 79 -12.04 3.08 -10.13
C LEU A 79 -13.41 3.51 -9.62
N GLU A 80 -14.45 3.17 -10.36
CA GLU A 80 -15.81 3.53 -9.98
C GLU A 80 -15.98 5.04 -9.89
N ASN A 81 -15.43 5.74 -10.88
CA ASN A 81 -15.52 7.20 -10.92
C ASN A 81 -14.80 7.81 -9.72
N PHE A 82 -13.80 7.11 -9.21
CA PHE A 82 -13.04 7.59 -8.06
C PHE A 82 -11.54 7.46 -8.31
N THR A 83 -10.90 8.58 -8.64
CA THR A 83 -9.47 8.59 -8.90
C THR A 83 -8.68 8.17 -7.66
N LEU A 84 -8.20 6.93 -7.66
CA LEU A 84 -7.43 6.41 -6.53
C LEU A 84 -6.18 7.27 -6.29
N LYS A 85 -6.17 7.98 -5.17
CA LYS A 85 -5.04 8.82 -4.82
C LYS A 85 -3.99 8.03 -4.02
N VAL A 86 -2.82 7.84 -4.64
CA VAL A 86 -1.75 7.11 -3.99
C VAL A 86 -0.55 8.02 -3.72
N ALA A 87 0.05 7.87 -2.54
CA ALA A 87 1.20 8.67 -2.17
C ALA A 87 2.21 7.84 -1.37
N TYR A 88 3.49 8.22 -1.47
CA TYR A 88 4.55 7.51 -0.77
C TYR A 88 4.54 7.86 0.72
N ILE A 89 4.02 6.94 1.53
CA ILE A 89 3.95 7.15 2.96
C ILE A 89 5.32 7.52 3.54
N PRO A 90 5.34 8.49 4.46
CA PRO A 90 6.57 8.96 5.11
C PRO A 90 7.17 7.90 6.04
N ASP A 91 8.38 8.18 6.52
CA ASP A 91 9.06 7.26 7.43
C ASP A 91 9.03 7.80 8.86
N GLU A 92 7.98 8.53 9.19
CA GLU A 92 7.84 9.10 10.53
C GLU A 92 6.52 8.69 11.17
N MET A 93 6.16 7.42 11.00
CA MET A 93 4.92 6.90 11.56
C MET A 93 5.06 6.64 13.05
N ALA A 94 4.28 7.35 13.85
CA ALA A 94 4.32 7.19 15.30
C ALA A 94 2.94 6.83 15.86
N ALA A 95 1.93 7.62 15.48
CA ALA A 95 0.57 7.38 15.93
C ALA A 95 -0.23 6.62 14.88
N GLN A 96 -1.29 5.94 15.32
CA GLN A 96 -2.13 5.17 14.43
C GLN A 96 -3.49 5.85 14.24
N GLY A 1 9.65 -18.00 23.16
CA GLY A 1 10.00 -17.41 21.87
C GLY A 1 9.60 -15.95 21.79
N SER A 2 9.09 -15.54 20.63
CA SER A 2 8.67 -14.17 20.42
C SER A 2 9.86 -13.22 20.54
N SER A 3 11.03 -13.67 20.11
CA SER A 3 12.24 -12.87 20.17
C SER A 3 13.15 -13.16 18.98
N GLY A 4 13.77 -12.11 18.45
CA GLY A 4 14.66 -12.28 17.31
C GLY A 4 16.07 -12.68 17.73
N SER A 5 16.21 -13.92 18.20
CA SER A 5 17.51 -14.42 18.64
C SER A 5 18.55 -14.28 17.53
N SER A 6 18.31 -14.97 16.41
CA SER A 6 19.23 -14.93 15.29
C SER A 6 18.81 -13.84 14.29
N GLY A 7 19.81 -13.16 13.72
CA GLY A 7 19.52 -12.12 12.76
C GLY A 7 20.72 -11.78 11.89
N SER A 8 20.95 -12.60 10.87
CA SER A 8 22.08 -12.39 9.97
C SER A 8 21.61 -12.32 8.52
N VAL A 9 20.54 -11.58 8.29
CA VAL A 9 19.98 -11.43 6.95
C VAL A 9 20.08 -9.99 6.47
N PRO A 10 21.01 -9.74 5.53
CA PRO A 10 21.22 -8.40 4.98
C PRO A 10 20.06 -7.94 4.10
N LYS A 11 19.08 -7.28 4.71
CA LYS A 11 17.92 -6.79 3.98
C LYS A 11 17.25 -5.64 4.74
N ARG A 12 17.44 -4.42 4.24
CA ARG A 12 16.85 -3.25 4.87
C ARG A 12 15.50 -3.58 5.50
N GLN A 13 15.19 -2.92 6.61
CA GLN A 13 13.93 -3.15 7.31
C GLN A 13 13.06 -1.88 7.29
N ARG A 14 11.77 -2.05 7.58
CA ARG A 14 10.85 -0.93 7.61
C ARG A 14 10.78 -0.26 6.24
N ILE A 15 10.64 -1.06 5.19
CA ILE A 15 10.55 -0.54 3.83
C ILE A 15 9.35 0.39 3.67
N ARG A 16 9.62 1.61 3.21
CA ARG A 16 8.56 2.59 3.01
C ARG A 16 7.28 1.93 2.52
N LYS A 17 6.14 2.39 3.02
CA LYS A 17 4.85 1.84 2.62
C LYS A 17 4.14 2.77 1.66
N LEU A 18 2.92 2.39 1.27
CA LEU A 18 2.13 3.20 0.34
C LEU A 18 0.70 3.34 0.84
N GLN A 19 0.18 4.57 0.78
CA GLN A 19 -1.18 4.83 1.23
C GLN A 19 -2.12 5.06 0.04
N ILE A 20 -3.27 4.39 0.06
CA ILE A 20 -4.24 4.52 -1.02
C ILE A 20 -5.56 5.10 -0.50
N ARG A 21 -6.07 6.11 -1.20
CA ARG A 21 -7.31 6.75 -0.82
C ARG A 21 -8.24 6.91 -2.02
N ASN A 22 -9.38 7.55 -1.80
CA ASN A 22 -10.36 7.77 -2.87
C ASN A 22 -10.90 6.44 -3.39
N ILE A 23 -10.93 5.43 -2.53
CA ILE A 23 -11.43 4.12 -2.90
C ILE A 23 -12.93 4.03 -2.70
N PRO A 24 -13.64 3.53 -3.73
CA PRO A 24 -15.09 3.37 -3.69
C PRO A 24 -15.54 2.28 -2.74
N PRO A 25 -16.39 2.64 -1.77
CA PRO A 25 -16.91 1.71 -0.77
C PRO A 25 -17.87 0.70 -1.38
N HIS A 26 -18.08 0.79 -2.69
CA HIS A 26 -18.99 -0.12 -3.38
C HIS A 26 -18.25 -1.37 -3.86
N LEU A 27 -17.09 -1.15 -4.49
CA LEU A 27 -16.28 -2.25 -5.00
C LEU A 27 -16.04 -3.29 -3.91
N GLN A 28 -15.80 -4.53 -4.33
CA GLN A 28 -15.56 -5.63 -3.39
C GLN A 28 -14.08 -5.70 -3.03
N TRP A 29 -13.80 -5.74 -1.73
CA TRP A 29 -12.43 -5.82 -1.25
C TRP A 29 -11.64 -6.87 -2.01
N GLU A 30 -12.22 -8.06 -2.17
CA GLU A 30 -11.57 -9.14 -2.89
C GLU A 30 -10.91 -8.63 -4.17
N VAL A 31 -11.63 -7.80 -4.91
CA VAL A 31 -11.12 -7.22 -6.15
C VAL A 31 -9.92 -6.33 -5.90
N LEU A 32 -9.97 -5.59 -4.80
CA LEU A 32 -8.88 -4.68 -4.44
C LEU A 32 -7.57 -5.45 -4.27
N ASP A 33 -7.54 -6.34 -3.30
CA ASP A 33 -6.35 -7.15 -3.04
C ASP A 33 -5.62 -7.47 -4.33
N SER A 34 -6.32 -8.16 -5.24
CA SER A 34 -5.73 -8.55 -6.52
C SER A 34 -5.21 -7.33 -7.27
N LEU A 35 -6.06 -6.32 -7.43
CA LEU A 35 -5.68 -5.10 -8.12
C LEU A 35 -4.31 -4.62 -7.66
N LEU A 36 -3.97 -4.91 -6.42
CA LEU A 36 -2.68 -4.51 -5.86
C LEU A 36 -1.62 -5.58 -6.12
N VAL A 37 -2.02 -6.84 -5.99
CA VAL A 37 -1.10 -7.95 -6.21
C VAL A 37 -0.74 -8.09 -7.69
N GLN A 38 -1.57 -7.49 -8.55
CA GLN A 38 -1.34 -7.54 -9.98
C GLN A 38 -0.07 -6.78 -10.36
N TYR A 39 0.10 -5.59 -9.78
CA TYR A 39 1.27 -4.76 -10.06
C TYR A 39 2.55 -5.47 -9.64
N GLY A 40 2.57 -5.97 -8.40
CA GLY A 40 3.74 -6.66 -7.90
C GLY A 40 3.41 -7.58 -6.74
N VAL A 41 4.42 -7.86 -5.92
CA VAL A 41 4.24 -8.73 -4.76
C VAL A 41 3.84 -7.93 -3.52
N VAL A 42 2.54 -7.81 -3.30
CA VAL A 42 2.03 -7.07 -2.16
C VAL A 42 2.23 -7.84 -0.86
N GLU A 43 3.32 -7.54 -0.17
CA GLU A 43 3.64 -8.21 1.08
C GLU A 43 2.39 -8.36 1.95
N SER A 44 1.71 -7.24 2.20
CA SER A 44 0.51 -7.24 3.02
C SER A 44 -0.32 -5.99 2.76
N CYS A 45 -1.63 -6.12 2.86
CA CYS A 45 -2.54 -4.99 2.64
C CYS A 45 -3.26 -4.62 3.92
N GLU A 46 -2.75 -3.60 4.61
CA GLU A 46 -3.35 -3.13 5.85
C GLU A 46 -4.43 -2.10 5.59
N GLN A 47 -5.37 -1.99 6.53
CA GLN A 47 -6.46 -1.02 6.39
C GLN A 47 -6.15 0.26 7.13
N VAL A 48 -6.79 1.35 6.71
CA VAL A 48 -6.58 2.65 7.34
C VAL A 48 -7.79 3.57 7.13
N ASN A 49 -7.92 4.57 7.98
CA ASN A 49 -9.03 5.51 7.90
C ASN A 49 -8.53 6.96 8.00
N THR A 50 -8.57 7.67 6.88
CA THR A 50 -8.12 9.06 6.84
C THR A 50 -9.27 10.01 7.13
N ASP A 51 -10.31 9.51 7.79
CA ASP A 51 -11.47 10.33 8.12
C ASP A 51 -12.15 10.84 6.86
N SER A 52 -12.25 9.98 5.86
CA SER A 52 -12.88 10.34 4.59
C SER A 52 -13.88 9.28 4.14
N GLU A 53 -14.95 9.71 3.49
CA GLU A 53 -15.97 8.79 3.01
C GLU A 53 -15.34 7.57 2.35
N THR A 54 -14.67 7.78 1.23
CA THR A 54 -14.02 6.69 0.51
C THR A 54 -13.18 5.83 1.44
N ALA A 55 -12.90 4.61 1.01
CA ALA A 55 -12.11 3.68 1.81
C ALA A 55 -10.62 3.98 1.69
N VAL A 56 -9.87 3.69 2.75
CA VAL A 56 -8.43 3.93 2.75
C VAL A 56 -7.67 2.70 3.26
N VAL A 57 -6.56 2.39 2.61
CA VAL A 57 -5.74 1.25 3.01
C VAL A 57 -4.28 1.47 2.63
N ASN A 58 -3.39 0.75 3.32
CA ASN A 58 -1.95 0.86 3.06
C ASN A 58 -1.43 -0.38 2.37
N VAL A 59 -0.74 -0.18 1.25
CA VAL A 59 -0.17 -1.29 0.48
C VAL A 59 1.31 -1.45 0.77
N THR A 60 1.72 -2.68 1.08
CA THR A 60 3.12 -2.97 1.38
C THR A 60 3.68 -4.02 0.42
N TYR A 61 4.42 -3.57 -0.58
CA TYR A 61 5.01 -4.47 -1.56
C TYR A 61 6.37 -5.00 -1.07
N SER A 62 6.82 -6.09 -1.67
CA SER A 62 8.09 -6.70 -1.31
C SER A 62 9.25 -6.01 -2.02
N SER A 63 9.06 -5.74 -3.31
CA SER A 63 10.10 -5.09 -4.11
C SER A 63 9.88 -3.58 -4.15
N LYS A 64 10.85 -2.86 -4.70
CA LYS A 64 10.77 -1.41 -4.81
C LYS A 64 10.10 -0.99 -6.11
N ASP A 65 10.69 -1.38 -7.23
CA ASP A 65 10.14 -1.04 -8.54
C ASP A 65 8.65 -1.39 -8.61
N GLN A 66 8.31 -2.57 -8.09
CA GLN A 66 6.92 -3.01 -8.11
C GLN A 66 6.00 -1.99 -7.46
N ALA A 67 6.45 -1.41 -6.35
CA ALA A 67 5.68 -0.40 -5.64
C ALA A 67 5.55 0.87 -6.46
N ARG A 68 6.64 1.27 -7.10
CA ARG A 68 6.65 2.48 -7.92
C ARG A 68 5.50 2.45 -8.94
N GLN A 69 5.35 1.31 -9.61
CA GLN A 69 4.29 1.16 -10.61
C GLN A 69 2.92 1.28 -9.97
N ALA A 70 2.63 0.37 -9.04
CA ALA A 70 1.35 0.36 -8.35
C ALA A 70 0.85 1.78 -8.10
N LEU A 71 1.72 2.63 -7.58
CA LEU A 71 1.38 4.01 -7.30
C LEU A 71 1.34 4.84 -8.58
N ASP A 72 2.40 4.75 -9.37
CA ASP A 72 2.49 5.48 -10.63
C ASP A 72 1.21 5.32 -11.44
N LYS A 73 0.44 4.28 -11.12
CA LYS A 73 -0.80 4.00 -11.83
C LYS A 73 -2.01 4.25 -10.92
N LEU A 74 -2.07 3.51 -9.81
CA LEU A 74 -3.16 3.64 -8.87
C LEU A 74 -3.38 5.11 -8.49
N ASN A 75 -2.28 5.86 -8.40
CA ASN A 75 -2.35 7.27 -8.04
C ASN A 75 -3.40 7.99 -8.89
N GLY A 76 -3.68 7.44 -10.06
CA GLY A 76 -4.66 8.04 -10.94
C GLY A 76 -5.62 7.02 -11.53
N PHE A 77 -5.58 5.81 -11.00
CA PHE A 77 -6.45 4.74 -11.48
C PHE A 77 -7.91 5.03 -11.15
N GLN A 78 -8.69 5.35 -12.17
CA GLN A 78 -10.11 5.65 -11.97
C GLN A 78 -10.92 4.37 -11.79
N LEU A 79 -11.56 4.25 -10.64
CA LEU A 79 -12.37 3.07 -10.34
C LEU A 79 -13.73 3.48 -9.77
N GLU A 80 -14.80 3.14 -10.51
CA GLU A 80 -16.14 3.48 -10.07
C GLU A 80 -16.33 4.99 -9.97
N ASN A 81 -15.71 5.72 -10.88
CA ASN A 81 -15.79 7.17 -10.88
C ASN A 81 -15.05 7.77 -9.70
N PHE A 82 -14.03 7.07 -9.23
CA PHE A 82 -13.23 7.53 -8.09
C PHE A 82 -11.75 7.42 -8.39
N THR A 83 -11.12 8.57 -8.64
CA THR A 83 -9.69 8.61 -8.94
C THR A 83 -8.86 8.25 -7.72
N LEU A 84 -8.44 6.99 -7.64
CA LEU A 84 -7.63 6.51 -6.52
C LEU A 84 -6.41 7.40 -6.32
N LYS A 85 -6.19 7.82 -5.08
CA LYS A 85 -5.05 8.67 -4.75
C LYS A 85 -4.02 7.90 -3.94
N VAL A 86 -2.80 7.82 -4.47
CA VAL A 86 -1.72 7.11 -3.79
C VAL A 86 -0.57 8.06 -3.43
N ALA A 87 0.08 7.79 -2.32
CA ALA A 87 1.20 8.62 -1.87
C ALA A 87 2.14 7.83 -0.98
N TYR A 88 3.45 8.04 -1.17
CA TYR A 88 4.46 7.34 -0.37
C TYR A 88 4.34 7.69 1.10
N ILE A 89 3.82 6.75 1.88
CA ILE A 89 3.66 6.96 3.32
C ILE A 89 4.98 7.36 3.97
N PRO A 90 4.92 8.35 4.88
CA PRO A 90 6.10 8.84 5.59
C PRO A 90 6.64 7.82 6.60
N ASP A 91 7.76 7.21 6.28
CA ASP A 91 8.37 6.21 7.15
C ASP A 91 9.55 6.81 7.91
N GLU A 92 9.46 8.10 8.23
CA GLU A 92 10.51 8.79 8.96
C GLU A 92 9.94 9.62 10.10
N MET A 93 10.34 9.27 11.32
CA MET A 93 9.86 9.99 12.50
C MET A 93 11.02 10.39 13.41
N ALA A 94 11.56 11.58 13.16
CA ALA A 94 12.69 12.08 13.96
C ALA A 94 12.24 13.20 14.88
N ALA A 95 11.77 12.82 16.07
CA ALA A 95 11.30 13.80 17.06
C ALA A 95 12.42 14.14 18.05
N GLN A 96 12.31 15.31 18.67
CA GLN A 96 13.31 15.75 19.64
C GLN A 96 12.84 15.48 21.06
N GLY A 1 21.47 -15.67 16.58
CA GLY A 1 20.86 -16.70 15.77
C GLY A 1 19.54 -16.27 15.17
N SER A 2 19.55 -15.98 13.87
CA SER A 2 18.35 -15.55 13.17
C SER A 2 17.52 -16.74 12.70
N SER A 3 16.22 -16.70 12.95
CA SER A 3 15.32 -17.79 12.56
C SER A 3 14.05 -17.23 11.92
N GLY A 4 13.70 -17.79 10.76
CA GLY A 4 12.51 -17.34 10.06
C GLY A 4 12.52 -15.85 9.79
N SER A 5 11.81 -15.09 10.62
CA SER A 5 11.74 -13.65 10.46
C SER A 5 12.70 -12.95 11.42
N SER A 6 12.89 -11.66 11.22
CA SER A 6 13.78 -10.87 12.05
C SER A 6 12.99 -10.05 13.08
N GLY A 7 13.12 -10.43 14.35
CA GLY A 7 12.41 -9.72 15.40
C GLY A 7 12.88 -8.29 15.56
N SER A 8 12.88 -7.80 16.80
CA SER A 8 13.30 -6.44 17.09
C SER A 8 14.80 -6.28 16.84
N VAL A 9 15.15 -5.65 15.71
CA VAL A 9 16.54 -5.43 15.36
C VAL A 9 16.77 -3.99 14.92
N PRO A 10 17.98 -3.48 15.19
CA PRO A 10 18.36 -2.11 14.82
C PRO A 10 18.52 -1.93 13.31
N LYS A 11 18.49 -3.05 12.59
CA LYS A 11 18.64 -3.02 11.14
C LYS A 11 17.87 -1.85 10.54
N ARG A 12 18.60 -0.97 9.85
CA ARG A 12 17.99 0.21 9.22
C ARG A 12 17.25 -0.18 7.95
N GLN A 13 15.93 -0.32 8.05
CA GLN A 13 15.12 -0.69 6.91
C GLN A 13 15.11 0.42 5.87
N ARG A 14 15.10 0.03 4.59
CA ARG A 14 15.10 0.99 3.50
C ARG A 14 13.86 0.83 2.64
N ILE A 15 12.74 0.48 3.28
CA ILE A 15 11.48 0.31 2.57
C ILE A 15 10.56 1.51 2.77
N ARG A 16 9.68 1.74 1.80
CA ARG A 16 8.74 2.86 1.87
C ARG A 16 7.32 2.40 1.58
N LYS A 17 6.50 2.34 2.62
CA LYS A 17 5.10 1.92 2.47
C LYS A 17 4.36 2.82 1.49
N LEU A 18 3.11 2.49 1.22
CA LEU A 18 2.29 3.27 0.31
C LEU A 18 0.87 3.45 0.87
N GLN A 19 0.31 4.64 0.68
CA GLN A 19 -1.03 4.94 1.16
C GLN A 19 -1.99 5.15 0.00
N ILE A 20 -3.12 4.46 0.04
CA ILE A 20 -4.12 4.58 -1.02
C ILE A 20 -5.42 5.18 -0.49
N ARG A 21 -6.02 6.07 -1.27
CA ARG A 21 -7.27 6.73 -0.88
C ARG A 21 -8.19 6.88 -2.09
N ASN A 22 -9.33 7.54 -1.85
CA ASN A 22 -10.31 7.75 -2.91
C ASN A 22 -10.86 6.42 -3.42
N ILE A 23 -10.94 5.44 -2.53
CA ILE A 23 -11.45 4.12 -2.90
C ILE A 23 -12.97 4.05 -2.73
N PRO A 24 -13.65 3.57 -3.78
CA PRO A 24 -15.11 3.45 -3.78
C PRO A 24 -15.60 2.36 -2.83
N PRO A 25 -16.48 2.73 -1.89
CA PRO A 25 -17.05 1.80 -0.92
C PRO A 25 -18.00 0.80 -1.55
N HIS A 26 -18.16 0.90 -2.87
CA HIS A 26 -19.04 -0.01 -3.59
C HIS A 26 -18.30 -1.26 -4.02
N LEU A 27 -17.05 -1.09 -4.47
CA LEU A 27 -16.24 -2.21 -4.92
C LEU A 27 -16.04 -3.23 -3.80
N GLN A 28 -15.81 -4.48 -4.17
CA GLN A 28 -15.59 -5.54 -3.19
C GLN A 28 -14.11 -5.74 -2.92
N TRP A 29 -13.78 -5.96 -1.65
CA TRP A 29 -12.39 -6.18 -1.25
C TRP A 29 -11.72 -7.21 -2.13
N GLU A 30 -12.34 -8.39 -2.25
CA GLU A 30 -11.81 -9.46 -3.07
C GLU A 30 -11.19 -8.92 -4.35
N VAL A 31 -11.89 -7.97 -4.98
CA VAL A 31 -11.41 -7.37 -6.22
C VAL A 31 -10.11 -6.60 -5.99
N LEU A 32 -10.08 -5.83 -4.90
CA LEU A 32 -8.89 -5.04 -4.59
C LEU A 32 -7.66 -5.94 -4.47
N ASP A 33 -7.71 -6.89 -3.56
CA ASP A 33 -6.60 -7.82 -3.35
C ASP A 33 -5.91 -8.13 -4.67
N SER A 34 -6.69 -8.53 -5.67
CA SER A 34 -6.14 -8.87 -6.98
C SER A 34 -5.45 -7.66 -7.61
N LEU A 35 -6.16 -6.53 -7.64
CA LEU A 35 -5.62 -5.31 -8.21
C LEU A 35 -4.26 -4.98 -7.60
N LEU A 36 -4.12 -5.25 -6.31
CA LEU A 36 -2.87 -4.98 -5.60
C LEU A 36 -1.74 -5.87 -6.13
N VAL A 37 -1.91 -7.18 -6.00
CA VAL A 37 -0.92 -8.14 -6.45
C VAL A 37 -0.67 -7.98 -7.95
N GLN A 38 -1.70 -7.55 -8.68
CA GLN A 38 -1.58 -7.36 -10.13
C GLN A 38 -0.38 -6.49 -10.47
N TYR A 39 -0.10 -5.51 -9.61
CA TYR A 39 1.02 -4.61 -9.83
C TYR A 39 2.35 -5.29 -9.47
N GLY A 40 2.40 -5.85 -8.27
CA GLY A 40 3.62 -6.53 -7.83
C GLY A 40 3.37 -7.46 -6.65
N VAL A 41 4.42 -7.77 -5.92
CA VAL A 41 4.32 -8.65 -4.77
C VAL A 41 4.02 -7.87 -3.50
N VAL A 42 2.74 -7.75 -3.16
CA VAL A 42 2.33 -7.02 -1.97
C VAL A 42 2.65 -7.81 -0.70
N GLU A 43 3.61 -7.31 0.07
CA GLU A 43 4.01 -7.97 1.31
C GLU A 43 2.84 -8.08 2.28
N SER A 44 2.16 -6.96 2.50
CA SER A 44 1.01 -6.93 3.41
C SER A 44 0.09 -5.76 3.09
N CYS A 45 -1.21 -5.97 3.25
CA CYS A 45 -2.19 -4.92 2.98
C CYS A 45 -2.92 -4.52 4.25
N GLU A 46 -2.48 -3.43 4.86
CA GLU A 46 -3.09 -2.93 6.09
C GLU A 46 -4.21 -1.95 5.78
N GLN A 47 -5.18 -1.85 6.70
CA GLN A 47 -6.31 -0.95 6.52
C GLN A 47 -6.06 0.37 7.23
N VAL A 48 -6.70 1.43 6.74
CA VAL A 48 -6.55 2.76 7.33
C VAL A 48 -7.80 3.60 7.11
N ASN A 49 -7.95 4.65 7.90
CA ASN A 49 -9.10 5.54 7.79
C ASN A 49 -8.69 7.00 7.95
N THR A 50 -8.80 7.75 6.86
CA THR A 50 -8.43 9.16 6.88
C THR A 50 -9.63 10.05 7.23
N ASP A 51 -10.67 9.42 7.78
CA ASP A 51 -11.88 10.15 8.17
C ASP A 51 -12.57 10.73 6.95
N SER A 52 -12.67 9.93 5.89
CA SER A 52 -13.32 10.37 4.65
C SER A 52 -14.34 9.34 4.18
N GLU A 53 -15.22 9.75 3.28
CA GLU A 53 -16.25 8.87 2.74
C GLU A 53 -15.63 7.62 2.12
N THR A 54 -14.75 7.82 1.15
CA THR A 54 -14.08 6.73 0.47
C THR A 54 -13.28 5.88 1.45
N ALA A 55 -12.81 4.72 0.99
CA ALA A 55 -12.03 3.82 1.82
C ALA A 55 -10.54 4.15 1.75
N VAL A 56 -9.79 3.75 2.76
CA VAL A 56 -8.36 4.00 2.80
C VAL A 56 -7.59 2.77 3.25
N VAL A 57 -6.45 2.53 2.63
CA VAL A 57 -5.62 1.37 2.98
C VAL A 57 -4.15 1.63 2.65
N ASN A 58 -3.27 0.83 3.25
CA ASN A 58 -1.83 0.99 3.02
C ASN A 58 -1.25 -0.29 2.40
N VAL A 59 -0.64 -0.13 1.23
CA VAL A 59 -0.04 -1.26 0.53
C VAL A 59 1.46 -1.33 0.79
N THR A 60 1.93 -2.51 1.17
CA THR A 60 3.35 -2.71 1.45
C THR A 60 3.95 -3.78 0.54
N TYR A 61 4.60 -3.34 -0.53
CA TYR A 61 5.21 -4.25 -1.48
C TYR A 61 6.60 -4.67 -1.01
N SER A 62 6.99 -5.90 -1.37
CA SER A 62 8.30 -6.42 -0.99
C SER A 62 9.41 -5.71 -1.74
N SER A 63 9.20 -5.53 -3.04
CA SER A 63 10.20 -4.87 -3.89
C SER A 63 9.87 -3.39 -4.05
N LYS A 64 10.81 -2.64 -4.62
CA LYS A 64 10.63 -1.21 -4.84
C LYS A 64 9.87 -0.96 -6.13
N ASP A 65 10.41 -1.46 -7.24
CA ASP A 65 9.78 -1.29 -8.54
C ASP A 65 8.30 -1.67 -8.50
N GLN A 66 8.01 -2.78 -7.81
CA GLN A 66 6.64 -3.27 -7.69
C GLN A 66 5.72 -2.17 -7.16
N ALA A 67 6.25 -1.37 -6.23
CA ALA A 67 5.47 -0.28 -5.64
C ALA A 67 5.36 0.90 -6.61
N ARG A 68 6.49 1.29 -7.19
CA ARG A 68 6.52 2.40 -8.13
C ARG A 68 5.32 2.35 -9.07
N GLN A 69 5.17 1.23 -9.77
CA GLN A 69 4.06 1.06 -10.70
C GLN A 69 2.72 1.24 -10.01
N ALA A 70 2.44 0.39 -9.03
CA ALA A 70 1.20 0.45 -8.28
C ALA A 70 0.77 1.90 -8.07
N LEU A 71 1.59 2.67 -7.37
CA LEU A 71 1.29 4.07 -7.11
C LEU A 71 1.21 4.88 -8.41
N ASP A 72 2.18 4.66 -9.29
CA ASP A 72 2.22 5.35 -10.57
C ASP A 72 0.84 5.32 -11.24
N LYS A 73 0.22 4.15 -11.25
CA LYS A 73 -1.09 3.98 -11.85
C LYS A 73 -2.20 4.30 -10.86
N LEU A 74 -2.25 3.54 -9.77
CA LEU A 74 -3.26 3.73 -8.74
C LEU A 74 -3.40 5.22 -8.41
N ASN A 75 -2.29 5.88 -8.15
CA ASN A 75 -2.29 7.31 -7.82
C ASN A 75 -3.36 8.04 -8.62
N GLY A 76 -3.65 7.54 -9.82
CA GLY A 76 -4.65 8.16 -10.66
C GLY A 76 -5.57 7.16 -11.31
N PHE A 77 -5.48 5.90 -10.88
CA PHE A 77 -6.32 4.84 -11.42
C PHE A 77 -7.79 5.10 -11.13
N GLN A 78 -8.54 5.41 -12.19
CA GLN A 78 -9.96 5.69 -12.06
C GLN A 78 -10.75 4.40 -11.82
N LEU A 79 -11.55 4.39 -10.76
CA LEU A 79 -12.36 3.23 -10.42
C LEU A 79 -13.71 3.65 -9.87
N GLU A 80 -14.78 3.17 -10.51
CA GLU A 80 -16.13 3.49 -10.09
C GLU A 80 -16.32 5.00 -9.94
N ASN A 81 -15.83 5.74 -10.93
CA ASN A 81 -15.94 7.20 -10.92
C ASN A 81 -15.22 7.78 -9.71
N PHE A 82 -14.08 7.18 -9.36
CA PHE A 82 -13.30 7.66 -8.22
C PHE A 82 -11.80 7.51 -8.50
N THR A 83 -11.15 8.65 -8.75
CA THR A 83 -9.72 8.66 -9.03
C THR A 83 -8.91 8.28 -7.80
N LEU A 84 -8.49 7.02 -7.75
CA LEU A 84 -7.71 6.52 -6.62
C LEU A 84 -6.45 7.36 -6.43
N LYS A 85 -6.23 7.81 -5.19
CA LYS A 85 -5.05 8.62 -4.88
C LYS A 85 -4.02 7.79 -4.11
N VAL A 86 -2.76 7.93 -4.50
CA VAL A 86 -1.68 7.20 -3.84
C VAL A 86 -0.49 8.12 -3.58
N ALA A 87 0.14 7.94 -2.42
CA ALA A 87 1.29 8.74 -2.04
C ALA A 87 2.30 7.92 -1.24
N TYR A 88 3.58 8.17 -1.48
CA TYR A 88 4.65 7.45 -0.79
C TYR A 88 4.63 7.78 0.71
N ILE A 89 4.17 6.82 1.51
CA ILE A 89 4.10 7.00 2.96
C ILE A 89 5.49 7.24 3.54
N PRO A 90 5.58 8.19 4.48
CA PRO A 90 6.85 8.53 5.14
C PRO A 90 7.33 7.43 6.07
N ASP A 91 8.61 7.48 6.42
CA ASP A 91 9.20 6.48 7.30
C ASP A 91 9.58 7.10 8.65
N GLU A 92 9.37 6.34 9.73
CA GLU A 92 9.68 6.82 11.07
C GLU A 92 9.06 8.19 11.31
N MET A 93 7.83 8.37 10.86
CA MET A 93 7.12 9.64 11.03
C MET A 93 6.61 9.78 12.47
N ALA A 94 6.11 8.69 13.03
CA ALA A 94 5.59 8.69 14.39
C ALA A 94 5.33 7.28 14.88
N ALA A 95 5.92 6.94 16.03
CA ALA A 95 5.74 5.61 16.61
C ALA A 95 6.38 5.54 18.00
N GLN A 96 5.65 4.94 18.94
CA GLN A 96 6.13 4.81 20.31
C GLN A 96 6.62 3.39 20.58
N GLY A 1 5.21 -23.10 4.47
CA GLY A 1 6.59 -23.55 4.37
C GLY A 1 7.53 -22.41 4.02
N SER A 2 8.83 -22.64 4.22
CA SER A 2 9.84 -21.63 3.93
C SER A 2 11.09 -22.27 3.33
N SER A 3 11.89 -21.45 2.65
CA SER A 3 13.11 -21.94 2.01
C SER A 3 14.33 -21.58 2.85
N GLY A 4 14.21 -21.73 4.17
CA GLY A 4 15.31 -21.42 5.06
C GLY A 4 15.17 -20.05 5.70
N SER A 5 15.17 -20.02 7.02
CA SER A 5 15.03 -18.77 7.75
C SER A 5 16.20 -18.57 8.71
N SER A 6 16.43 -17.32 9.10
CA SER A 6 17.52 -16.99 10.02
C SER A 6 17.00 -16.27 11.25
N GLY A 7 16.70 -17.04 12.30
CA GLY A 7 16.20 -16.47 13.52
C GLY A 7 15.22 -15.34 13.28
N SER A 8 15.13 -14.40 14.21
CA SER A 8 14.22 -13.28 14.09
C SER A 8 14.74 -12.06 14.87
N VAL A 9 14.87 -10.93 14.18
CA VAL A 9 15.36 -9.71 14.80
C VAL A 9 14.33 -8.58 14.68
N PRO A 10 14.12 -7.84 15.78
CA PRO A 10 13.18 -6.73 15.81
C PRO A 10 13.64 -5.54 14.98
N LYS A 11 14.80 -5.68 14.36
CA LYS A 11 15.35 -4.63 13.52
C LYS A 11 14.43 -4.31 12.35
N ARG A 12 14.18 -3.03 12.12
CA ARG A 12 13.32 -2.60 11.02
C ARG A 12 14.10 -1.76 10.02
N GLN A 13 13.88 -2.03 8.73
CA GLN A 13 14.56 -1.31 7.67
C GLN A 13 13.78 -0.05 7.29
N ARG A 14 14.33 0.71 6.35
CA ARG A 14 13.69 1.95 5.90
C ARG A 14 12.72 1.66 4.75
N ILE A 15 11.91 0.61 4.91
CA ILE A 15 10.95 0.23 3.89
C ILE A 15 9.75 1.18 3.88
N ARG A 16 9.69 2.03 2.85
CA ARG A 16 8.60 2.99 2.72
C ARG A 16 7.30 2.29 2.34
N LYS A 17 6.21 2.69 2.98
CA LYS A 17 4.90 2.11 2.71
C LYS A 17 4.11 2.97 1.75
N LEU A 18 3.11 2.37 1.11
CA LEU A 18 2.27 3.10 0.15
C LEU A 18 0.84 3.26 0.70
N GLN A 19 0.33 4.48 0.62
CA GLN A 19 -1.01 4.76 1.10
C GLN A 19 -1.97 4.99 -0.07
N ILE A 20 -3.11 4.28 -0.03
CA ILE A 20 -4.11 4.40 -1.09
C ILE A 20 -5.39 5.04 -0.56
N ARG A 21 -5.92 6.00 -1.31
CA ARG A 21 -7.15 6.69 -0.91
C ARG A 21 -8.07 6.87 -2.11
N ASN A 22 -9.19 7.55 -1.89
CA ASN A 22 -10.16 7.79 -2.94
C ASN A 22 -10.78 6.48 -3.43
N ILE A 23 -10.84 5.49 -2.54
CA ILE A 23 -11.41 4.20 -2.87
C ILE A 23 -12.92 4.18 -2.66
N PRO A 24 -13.65 3.70 -3.67
CA PRO A 24 -15.13 3.62 -3.62
C PRO A 24 -15.61 2.56 -2.64
N PRO A 25 -16.49 2.98 -1.72
CA PRO A 25 -17.05 2.07 -0.70
C PRO A 25 -18.00 1.05 -1.31
N HIS A 26 -18.17 1.10 -2.62
CA HIS A 26 -19.05 0.17 -3.32
C HIS A 26 -18.30 -1.10 -3.72
N LEU A 27 -17.13 -0.92 -4.31
CA LEU A 27 -16.30 -2.06 -4.74
C LEU A 27 -16.06 -3.02 -3.59
N GLN A 28 -15.91 -4.30 -3.92
CA GLN A 28 -15.68 -5.32 -2.91
C GLN A 28 -14.18 -5.49 -2.63
N TRP A 29 -13.86 -5.85 -1.40
CA TRP A 29 -12.47 -6.04 -1.01
C TRP A 29 -11.79 -7.10 -1.89
N GLU A 30 -12.41 -8.26 -1.98
CA GLU A 30 -11.86 -9.34 -2.79
C GLU A 30 -11.31 -8.82 -4.11
N VAL A 31 -11.93 -7.76 -4.62
CA VAL A 31 -11.50 -7.16 -5.88
C VAL A 31 -10.22 -6.36 -5.69
N LEU A 32 -10.16 -5.57 -4.62
CA LEU A 32 -9.00 -4.75 -4.33
C LEU A 32 -7.74 -5.61 -4.24
N ASP A 33 -7.76 -6.58 -3.34
CA ASP A 33 -6.62 -7.48 -3.17
C ASP A 33 -5.97 -7.81 -4.50
N SER A 34 -6.79 -8.24 -5.46
CA SER A 34 -6.29 -8.60 -6.79
C SER A 34 -5.58 -7.41 -7.44
N LEU A 35 -6.29 -6.28 -7.52
CA LEU A 35 -5.73 -5.07 -8.12
C LEU A 35 -4.35 -4.78 -7.55
N LEU A 36 -4.12 -5.18 -6.30
CA LEU A 36 -2.84 -4.96 -5.65
C LEU A 36 -1.76 -5.87 -6.22
N VAL A 37 -1.99 -7.18 -6.10
CA VAL A 37 -1.04 -8.16 -6.61
C VAL A 37 -0.84 -8.01 -8.12
N GLN A 38 -1.80 -7.35 -8.76
CA GLN A 38 -1.74 -7.14 -10.21
C GLN A 38 -0.54 -6.28 -10.59
N TYR A 39 -0.08 -5.46 -9.63
CA TYR A 39 1.06 -4.59 -9.87
C TYR A 39 2.36 -5.28 -9.48
N GLY A 40 2.37 -5.89 -8.31
CA GLY A 40 3.56 -6.58 -7.84
C GLY A 40 3.28 -7.50 -6.66
N VAL A 41 4.32 -7.88 -5.94
CA VAL A 41 4.18 -8.76 -4.79
C VAL A 41 3.97 -7.97 -3.51
N VAL A 42 2.70 -7.74 -3.17
CA VAL A 42 2.36 -6.98 -1.96
C VAL A 42 2.74 -7.76 -0.70
N GLU A 43 3.70 -7.23 0.04
CA GLU A 43 4.16 -7.87 1.26
C GLU A 43 3.04 -7.91 2.31
N SER A 44 2.42 -6.76 2.55
CA SER A 44 1.33 -6.67 3.52
C SER A 44 0.31 -5.64 3.08
N CYS A 45 -0.95 -5.84 3.49
CA CYS A 45 -2.03 -4.94 3.14
C CYS A 45 -2.85 -4.56 4.37
N GLU A 46 -2.49 -3.44 4.98
CA GLU A 46 -3.20 -2.97 6.18
C GLU A 46 -4.32 -2.00 5.81
N GLN A 47 -5.26 -1.82 6.72
CA GLN A 47 -6.38 -0.92 6.49
C GLN A 47 -6.22 0.38 7.27
N VAL A 48 -6.85 1.45 6.78
CA VAL A 48 -6.77 2.74 7.44
C VAL A 48 -8.00 3.58 7.14
N ASN A 49 -8.24 4.61 7.96
CA ASN A 49 -9.38 5.48 7.78
C ASN A 49 -8.96 6.95 7.80
N THR A 50 -9.23 7.66 6.72
CA THR A 50 -8.88 9.07 6.62
C THR A 50 -10.01 9.96 7.10
N ASP A 51 -10.98 9.36 7.79
CA ASP A 51 -12.12 10.10 8.31
C ASP A 51 -12.97 10.67 7.17
N SER A 52 -13.02 9.95 6.07
CA SER A 52 -13.79 10.39 4.90
C SER A 52 -14.74 9.28 4.44
N GLU A 53 -15.50 9.57 3.39
CA GLU A 53 -16.45 8.60 2.83
C GLU A 53 -15.72 7.47 2.12
N THR A 54 -14.73 7.82 1.30
CA THR A 54 -13.96 6.84 0.57
C THR A 54 -13.12 5.98 1.51
N ALA A 55 -12.77 4.78 1.04
CA ALA A 55 -11.96 3.87 1.85
C ALA A 55 -10.48 4.19 1.73
N VAL A 56 -9.69 3.72 2.69
CA VAL A 56 -8.25 3.96 2.69
C VAL A 56 -7.48 2.69 3.08
N VAL A 57 -6.61 2.24 2.19
CA VAL A 57 -5.81 1.05 2.44
C VAL A 57 -4.33 1.33 2.30
N ASN A 58 -3.50 0.59 3.02
CA ASN A 58 -2.05 0.76 2.97
C ASN A 58 -1.38 -0.46 2.35
N VAL A 59 -0.77 -0.26 1.19
CA VAL A 59 -0.08 -1.34 0.49
C VAL A 59 1.42 -1.31 0.77
N THR A 60 2.01 -2.48 0.97
CA THR A 60 3.44 -2.59 1.24
C THR A 60 4.08 -3.68 0.40
N TYR A 61 4.68 -3.29 -0.71
CA TYR A 61 5.33 -4.24 -1.60
C TYR A 61 6.72 -4.60 -1.10
N SER A 62 7.34 -5.59 -1.73
CA SER A 62 8.68 -6.03 -1.36
C SER A 62 9.74 -5.34 -2.20
N SER A 63 9.53 -5.31 -3.51
CA SER A 63 10.46 -4.68 -4.43
C SER A 63 10.16 -3.20 -4.58
N LYS A 64 11.21 -2.38 -4.61
CA LYS A 64 11.06 -0.94 -4.77
C LYS A 64 10.54 -0.59 -6.15
N ASP A 65 10.66 -1.53 -7.07
CA ASP A 65 10.19 -1.33 -8.44
C ASP A 65 8.70 -1.66 -8.57
N GLN A 66 8.30 -2.78 -7.99
CA GLN A 66 6.90 -3.21 -8.04
C GLN A 66 5.99 -2.16 -7.40
N ALA A 67 6.54 -1.38 -6.48
CA ALA A 67 5.78 -0.34 -5.81
C ALA A 67 5.65 0.90 -6.69
N ARG A 68 6.71 1.21 -7.42
CA ARG A 68 6.71 2.38 -8.30
C ARG A 68 5.52 2.34 -9.26
N GLN A 69 5.32 1.19 -9.89
CA GLN A 69 4.22 1.02 -10.84
C GLN A 69 2.88 1.16 -10.14
N ALA A 70 2.63 0.29 -9.16
CA ALA A 70 1.38 0.33 -8.41
C ALA A 70 0.89 1.76 -8.22
N LEU A 71 1.77 2.61 -7.68
CA LEU A 71 1.42 4.00 -7.44
C LEU A 71 1.32 4.77 -8.75
N ASP A 72 2.35 4.67 -9.58
CA ASP A 72 2.38 5.35 -10.86
C ASP A 72 1.05 5.17 -11.60
N LYS A 73 0.34 4.09 -11.27
CA LYS A 73 -0.94 3.80 -11.90
C LYS A 73 -2.09 4.10 -10.94
N LEU A 74 -2.17 3.33 -9.86
CA LEU A 74 -3.22 3.51 -8.88
C LEU A 74 -3.36 4.98 -8.49
N ASN A 75 -2.22 5.65 -8.32
CA ASN A 75 -2.21 7.07 -7.95
C ASN A 75 -3.27 7.84 -8.72
N GLY A 76 -3.62 7.33 -9.90
CA GLY A 76 -4.62 7.99 -10.73
C GLY A 76 -5.53 7.00 -11.42
N PHE A 77 -5.52 5.76 -10.96
CA PHE A 77 -6.36 4.72 -11.54
C PHE A 77 -7.83 4.96 -11.23
N GLN A 78 -8.58 5.40 -12.24
CA GLN A 78 -10.01 5.68 -12.07
C GLN A 78 -10.78 4.39 -11.80
N LEU A 79 -11.46 4.35 -10.66
CA LEU A 79 -12.24 3.17 -10.28
C LEU A 79 -13.60 3.58 -9.73
N GLU A 80 -14.65 3.31 -10.52
CA GLU A 80 -16.01 3.65 -10.11
C GLU A 80 -16.16 5.17 -9.94
N ASN A 81 -15.76 5.91 -10.96
CA ASN A 81 -15.86 7.37 -10.94
C ASN A 81 -15.11 7.93 -9.73
N PHE A 82 -14.12 7.19 -9.25
CA PHE A 82 -13.32 7.62 -8.11
C PHE A 82 -11.84 7.40 -8.37
N THR A 83 -11.14 8.48 -8.71
CA THR A 83 -9.70 8.41 -8.99
C THR A 83 -8.93 8.02 -7.74
N LEU A 84 -8.40 6.80 -7.73
CA LEU A 84 -7.62 6.30 -6.60
C LEU A 84 -6.36 7.13 -6.40
N LYS A 85 -6.11 7.54 -5.17
CA LYS A 85 -4.92 8.33 -4.85
C LYS A 85 -3.86 7.47 -4.16
N VAL A 86 -2.61 7.68 -4.55
CA VAL A 86 -1.50 6.92 -3.97
C VAL A 86 -0.30 7.83 -3.70
N ALA A 87 0.23 7.73 -2.48
CA ALA A 87 1.38 8.53 -2.08
C ALA A 87 2.34 7.73 -1.22
N TYR A 88 3.63 7.92 -1.45
CA TYR A 88 4.66 7.21 -0.70
C TYR A 88 4.63 7.61 0.77
N ILE A 89 4.06 6.75 1.61
CA ILE A 89 3.97 7.01 3.04
C ILE A 89 5.32 7.37 3.61
N PRO A 90 5.34 8.38 4.51
CA PRO A 90 6.57 8.84 5.16
C PRO A 90 7.12 7.82 6.15
N ASP A 91 8.44 7.68 6.18
CA ASP A 91 9.09 6.74 7.09
C ASP A 91 8.75 7.07 8.54
N GLU A 92 8.45 6.03 9.31
CA GLU A 92 8.12 6.20 10.72
C GLU A 92 9.37 6.35 11.56
N MET A 93 9.72 7.60 11.85
CA MET A 93 10.91 7.89 12.66
C MET A 93 10.73 9.19 13.44
N ALA A 94 11.51 9.34 14.51
CA ALA A 94 11.44 10.54 15.34
C ALA A 94 12.82 11.18 15.50
N ALA A 95 12.87 12.49 15.36
CA ALA A 95 14.12 13.23 15.49
C ALA A 95 13.96 14.42 16.44
N GLN A 96 15.05 14.78 17.11
CA GLN A 96 15.03 15.89 18.05
C GLN A 96 14.97 17.23 17.30
N GLY A 1 9.91 -29.15 6.76
CA GLY A 1 8.68 -28.47 7.10
C GLY A 1 8.46 -28.34 8.59
N SER A 2 9.24 -27.48 9.23
CA SER A 2 9.14 -27.27 10.67
C SER A 2 7.79 -26.66 11.03
N SER A 3 6.78 -27.50 11.16
CA SER A 3 5.43 -27.04 11.50
C SER A 3 5.39 -26.47 12.91
N GLY A 4 5.79 -25.21 13.04
CA GLY A 4 5.79 -24.57 14.34
C GLY A 4 4.40 -24.43 14.93
N SER A 5 4.09 -25.27 15.91
CA SER A 5 2.78 -25.23 16.55
C SER A 5 2.39 -23.81 16.94
N SER A 6 3.31 -23.12 17.62
CA SER A 6 3.07 -21.75 18.04
C SER A 6 3.96 -20.77 17.29
N GLY A 7 3.37 -20.00 16.39
CA GLY A 7 4.13 -19.03 15.61
C GLY A 7 3.27 -17.92 15.07
N SER A 8 3.54 -16.68 15.51
CA SER A 8 2.77 -15.54 15.06
C SER A 8 3.63 -14.62 14.19
N VAL A 9 3.17 -14.39 12.95
CA VAL A 9 3.89 -13.54 12.02
C VAL A 9 4.35 -12.25 12.69
N PRO A 10 5.47 -11.69 12.21
CA PRO A 10 6.03 -10.45 12.74
C PRO A 10 5.17 -9.23 12.43
N LYS A 11 4.95 -8.39 13.44
CA LYS A 11 4.14 -7.20 13.27
C LYS A 11 4.56 -6.43 12.02
N ARG A 12 3.70 -5.50 11.58
CA ARG A 12 3.98 -4.70 10.40
C ARG A 12 4.71 -3.42 10.77
N GLN A 13 5.86 -3.18 10.13
CA GLN A 13 6.65 -2.00 10.39
C GLN A 13 6.35 -0.90 9.37
N ARG A 14 6.76 0.32 9.69
CA ARG A 14 6.54 1.46 8.80
C ARG A 14 7.73 1.67 7.87
N ILE A 15 7.73 0.96 6.74
CA ILE A 15 8.81 1.07 5.77
C ILE A 15 8.29 0.92 4.35
N ARG A 16 8.80 1.76 3.44
CA ARG A 16 8.38 1.72 2.05
C ARG A 16 6.90 1.41 1.93
N LYS A 17 6.10 2.03 2.80
CA LYS A 17 4.66 1.82 2.79
C LYS A 17 3.96 2.80 1.86
N LEU A 18 2.82 2.40 1.31
CA LEU A 18 2.07 3.24 0.40
C LEU A 18 0.65 3.47 0.91
N GLN A 19 0.16 4.69 0.77
CA GLN A 19 -1.19 5.04 1.22
C GLN A 19 -2.13 5.22 0.03
N ILE A 20 -3.25 4.51 0.05
CA ILE A 20 -4.23 4.60 -1.03
C ILE A 20 -5.54 5.22 -0.53
N ARG A 21 -6.01 6.22 -1.24
CA ARG A 21 -7.25 6.91 -0.87
C ARG A 21 -8.15 7.10 -2.10
N ASN A 22 -9.28 7.77 -1.89
CA ASN A 22 -10.22 8.02 -2.98
C ASN A 22 -10.79 6.71 -3.51
N ILE A 23 -10.96 5.74 -2.63
CA ILE A 23 -11.49 4.44 -3.01
C ILE A 23 -12.98 4.36 -2.74
N PRO A 24 -13.74 3.84 -3.72
CA PRO A 24 -15.20 3.70 -3.61
C PRO A 24 -15.60 2.63 -2.61
N PRO A 25 -16.53 2.98 -1.71
CA PRO A 25 -17.02 2.06 -0.68
C PRO A 25 -17.87 0.94 -1.26
N HIS A 26 -18.00 0.92 -2.58
CA HIS A 26 -18.79 -0.10 -3.26
C HIS A 26 -17.93 -1.30 -3.63
N LEU A 27 -16.77 -1.04 -4.23
CA LEU A 27 -15.86 -2.09 -4.64
C LEU A 27 -15.74 -3.16 -3.55
N GLN A 28 -15.40 -4.37 -3.94
CA GLN A 28 -15.25 -5.47 -3.01
C GLN A 28 -13.78 -5.81 -2.78
N TRP A 29 -13.40 -5.94 -1.52
CA TRP A 29 -12.02 -6.26 -1.16
C TRP A 29 -11.46 -7.34 -2.08
N GLU A 30 -12.16 -8.48 -2.15
CA GLU A 30 -11.72 -9.59 -2.99
C GLU A 30 -11.14 -9.07 -4.30
N VAL A 31 -11.79 -8.06 -4.88
CA VAL A 31 -11.33 -7.49 -6.13
C VAL A 31 -10.03 -6.71 -5.95
N LEU A 32 -9.98 -5.90 -4.90
CA LEU A 32 -8.79 -5.11 -4.61
C LEU A 32 -7.55 -5.99 -4.56
N ASP A 33 -7.58 -6.98 -3.67
CA ASP A 33 -6.46 -7.91 -3.52
C ASP A 33 -5.82 -8.22 -4.86
N SER A 34 -6.65 -8.58 -5.83
CA SER A 34 -6.16 -8.91 -7.18
C SER A 34 -5.45 -7.72 -7.81
N LEU A 35 -6.12 -6.57 -7.78
CA LEU A 35 -5.56 -5.35 -8.36
C LEU A 35 -4.20 -5.04 -7.75
N LEU A 36 -4.04 -5.35 -6.46
CA LEU A 36 -2.78 -5.11 -5.77
C LEU A 36 -1.69 -6.04 -6.28
N VAL A 37 -1.90 -7.34 -6.09
CA VAL A 37 -0.93 -8.34 -6.53
C VAL A 37 -0.73 -8.28 -8.04
N GLN A 38 -1.61 -7.56 -8.73
CA GLN A 38 -1.53 -7.41 -10.17
C GLN A 38 -0.34 -6.57 -10.58
N TYR A 39 -0.02 -5.57 -9.75
CA TYR A 39 1.11 -4.69 -10.02
C TYR A 39 2.42 -5.32 -9.58
N GLY A 40 2.44 -5.83 -8.35
CA GLY A 40 3.64 -6.46 -7.83
C GLY A 40 3.35 -7.41 -6.68
N VAL A 41 4.38 -7.74 -5.92
CA VAL A 41 4.22 -8.65 -4.79
C VAL A 41 3.94 -7.89 -3.50
N VAL A 42 2.66 -7.72 -3.18
CA VAL A 42 2.26 -7.00 -1.98
C VAL A 42 2.59 -7.81 -0.73
N GLU A 43 3.48 -7.27 0.10
CA GLU A 43 3.87 -7.93 1.34
C GLU A 43 2.70 -8.04 2.31
N SER A 44 2.00 -6.93 2.50
CA SER A 44 0.85 -6.90 3.40
C SER A 44 -0.05 -5.70 3.09
N CYS A 45 -1.36 -5.91 3.20
CA CYS A 45 -2.33 -4.85 2.93
C CYS A 45 -3.07 -4.46 4.20
N GLU A 46 -2.63 -3.38 4.83
CA GLU A 46 -3.26 -2.90 6.06
C GLU A 46 -4.41 -1.94 5.74
N GLN A 47 -5.36 -1.84 6.66
CA GLN A 47 -6.50 -0.95 6.48
C GLN A 47 -6.27 0.38 7.20
N VAL A 48 -6.91 1.44 6.69
CA VAL A 48 -6.78 2.76 7.28
C VAL A 48 -8.04 3.60 7.04
N ASN A 49 -8.21 4.64 7.85
CA ASN A 49 -9.37 5.51 7.73
C ASN A 49 -8.98 6.97 7.93
N THR A 50 -9.00 7.74 6.85
CA THR A 50 -8.65 9.15 6.90
C THR A 50 -9.87 10.01 7.19
N ASP A 51 -10.77 9.49 8.02
CA ASP A 51 -11.99 10.22 8.37
C ASP A 51 -12.72 10.69 7.13
N SER A 52 -12.77 9.83 6.11
CA SER A 52 -13.44 10.17 4.86
C SER A 52 -14.39 9.04 4.44
N GLU A 53 -15.32 9.38 3.56
CA GLU A 53 -16.30 8.40 3.08
C GLU A 53 -15.61 7.29 2.30
N THR A 54 -14.78 7.67 1.34
CA THR A 54 -14.06 6.70 0.51
C THR A 54 -13.18 5.79 1.38
N ALA A 55 -12.99 4.55 0.91
CA ALA A 55 -12.17 3.59 1.64
C ALA A 55 -10.70 3.96 1.58
N VAL A 56 -9.97 3.65 2.65
CA VAL A 56 -8.54 3.95 2.72
C VAL A 56 -7.75 2.74 3.21
N VAL A 57 -6.65 2.44 2.52
CA VAL A 57 -5.80 1.32 2.89
C VAL A 57 -4.34 1.60 2.59
N ASN A 58 -3.45 0.81 3.18
CA ASN A 58 -2.02 0.99 2.96
C ASN A 58 -1.41 -0.27 2.34
N VAL A 59 -0.78 -0.10 1.18
CA VAL A 59 -0.15 -1.21 0.47
C VAL A 59 1.36 -1.26 0.75
N THR A 60 1.82 -2.42 1.18
CA THR A 60 3.24 -2.60 1.49
C THR A 60 3.86 -3.70 0.62
N TYR A 61 4.55 -3.28 -0.44
CA TYR A 61 5.18 -4.22 -1.36
C TYR A 61 6.53 -4.66 -0.82
N SER A 62 7.10 -5.69 -1.44
CA SER A 62 8.39 -6.23 -1.03
C SER A 62 9.52 -5.55 -1.78
N SER A 63 9.35 -5.40 -3.09
CA SER A 63 10.37 -4.77 -3.93
C SER A 63 10.07 -3.29 -4.11
N LYS A 64 11.05 -2.55 -4.65
CA LYS A 64 10.89 -1.12 -4.88
C LYS A 64 10.04 -0.86 -6.12
N ASP A 65 10.49 -1.35 -7.26
CA ASP A 65 9.77 -1.17 -8.52
C ASP A 65 8.31 -1.56 -8.36
N GLN A 66 8.08 -2.81 -7.95
CA GLN A 66 6.73 -3.31 -7.76
C GLN A 66 5.81 -2.22 -7.20
N ALA A 67 6.36 -1.40 -6.31
CA ALA A 67 5.59 -0.31 -5.71
C ALA A 67 5.47 0.88 -6.66
N ARG A 68 6.58 1.23 -7.31
CA ARG A 68 6.60 2.34 -8.24
C ARG A 68 5.41 2.27 -9.19
N GLN A 69 5.30 1.17 -9.93
CA GLN A 69 4.21 0.98 -10.87
C GLN A 69 2.86 1.12 -10.19
N ALA A 70 2.60 0.23 -9.23
CA ALA A 70 1.34 0.26 -8.49
C ALA A 70 0.84 1.69 -8.31
N LEU A 71 1.67 2.52 -7.69
CA LEU A 71 1.31 3.92 -7.45
C LEU A 71 1.21 4.68 -8.76
N ASP A 72 2.23 4.57 -9.59
CA ASP A 72 2.24 5.25 -10.88
C ASP A 72 0.92 5.08 -11.61
N LYS A 73 0.25 3.96 -11.34
CA LYS A 73 -1.03 3.67 -11.98
C LYS A 73 -2.19 4.02 -11.04
N LEU A 74 -2.29 3.27 -9.94
CA LEU A 74 -3.36 3.50 -8.97
C LEU A 74 -3.47 4.98 -8.62
N ASN A 75 -2.32 5.62 -8.39
CA ASN A 75 -2.29 7.04 -8.06
C ASN A 75 -3.28 7.82 -8.91
N GLY A 76 -3.57 7.29 -10.10
CA GLY A 76 -4.50 7.96 -11.00
C GLY A 76 -5.49 6.99 -11.63
N PHE A 77 -5.57 5.78 -11.08
CA PHE A 77 -6.47 4.76 -11.60
C PHE A 77 -7.92 5.09 -11.23
N GLN A 78 -8.67 5.57 -12.22
CA GLN A 78 -10.08 5.91 -12.01
C GLN A 78 -10.92 4.66 -11.82
N LEU A 79 -11.55 4.55 -10.65
CA LEU A 79 -12.38 3.39 -10.34
C LEU A 79 -13.73 3.84 -9.77
N GLU A 80 -14.79 3.60 -10.53
CA GLU A 80 -16.14 3.97 -10.10
C GLU A 80 -16.25 5.49 -9.92
N ASN A 81 -15.69 6.23 -10.86
CA ASN A 81 -15.72 7.69 -10.80
C ASN A 81 -14.97 8.20 -9.58
N PHE A 82 -14.01 7.40 -9.10
CA PHE A 82 -13.22 7.78 -7.94
C PHE A 82 -11.73 7.58 -8.23
N THR A 83 -11.07 8.66 -8.65
CA THR A 83 -9.65 8.61 -8.95
C THR A 83 -8.83 8.22 -7.73
N LEU A 84 -8.37 6.97 -7.70
CA LEU A 84 -7.58 6.48 -6.58
C LEU A 84 -6.33 7.34 -6.37
N LYS A 85 -6.17 7.86 -5.16
CA LYS A 85 -5.02 8.70 -4.83
C LYS A 85 -3.98 7.90 -4.05
N VAL A 86 -2.78 7.80 -4.61
CA VAL A 86 -1.69 7.07 -3.98
C VAL A 86 -0.50 7.98 -3.70
N ALA A 87 0.08 7.85 -2.51
CA ALA A 87 1.23 8.66 -2.14
C ALA A 87 2.22 7.85 -1.31
N TYR A 88 3.51 8.13 -1.50
CA TYR A 88 4.56 7.42 -0.78
C TYR A 88 4.57 7.82 0.69
N ILE A 89 4.14 6.90 1.55
CA ILE A 89 4.10 7.14 2.98
C ILE A 89 5.50 7.43 3.53
N PRO A 90 5.59 8.41 4.44
CA PRO A 90 6.85 8.80 5.07
C PRO A 90 7.39 7.73 6.01
N ASP A 91 8.54 8.00 6.62
CA ASP A 91 9.15 7.07 7.56
C ASP A 91 9.45 7.75 8.88
N GLU A 92 9.74 6.95 9.91
CA GLU A 92 10.06 7.47 11.23
C GLU A 92 11.54 7.29 11.56
N MET A 93 12.28 8.38 11.54
CA MET A 93 13.71 8.33 11.84
C MET A 93 13.99 7.39 13.01
N ALA A 94 15.15 6.74 12.98
CA ALA A 94 15.53 5.82 14.04
C ALA A 94 15.77 6.55 15.36
N ALA A 95 14.94 6.25 16.34
CA ALA A 95 15.05 6.89 17.66
C ALA A 95 16.26 6.36 18.41
N GLN A 96 17.07 7.27 18.95
CA GLN A 96 18.26 6.88 19.69
C GLN A 96 17.89 6.15 20.97
N GLY A 1 -6.02 3.72 13.12
CA GLY A 1 -7.21 3.07 13.63
C GLY A 1 -7.15 2.82 15.12
N SER A 2 -8.29 2.95 15.79
CA SER A 2 -8.35 2.74 17.23
C SER A 2 -9.10 1.46 17.56
N SER A 3 -8.36 0.45 18.00
CA SER A 3 -8.95 -0.84 18.35
C SER A 3 -9.65 -1.46 17.16
N GLY A 4 -9.02 -1.35 15.98
CA GLY A 4 -9.60 -1.91 14.77
C GLY A 4 -9.29 -3.39 14.61
N SER A 5 -8.68 -3.74 13.48
CA SER A 5 -8.34 -5.13 13.21
C SER A 5 -6.89 -5.25 12.72
N SER A 6 -6.20 -6.27 13.19
CA SER A 6 -4.81 -6.49 12.80
C SER A 6 -4.54 -7.97 12.53
N GLY A 7 -4.14 -8.29 11.31
CA GLY A 7 -3.86 -9.66 10.94
C GLY A 7 -2.38 -10.00 11.02
N SER A 8 -1.91 -10.30 12.22
CA SER A 8 -0.50 -10.63 12.43
C SER A 8 0.39 -9.76 11.56
N VAL A 9 0.06 -8.47 11.46
CA VAL A 9 0.82 -7.54 10.66
C VAL A 9 2.32 -7.71 10.91
N PRO A 10 3.07 -8.04 9.84
CA PRO A 10 4.51 -8.23 9.92
C PRO A 10 5.26 -6.93 10.16
N LYS A 11 5.64 -6.70 11.41
CA LYS A 11 6.38 -5.49 11.78
C LYS A 11 7.55 -5.25 10.84
N ARG A 12 8.46 -6.22 10.77
CA ARG A 12 9.62 -6.12 9.90
C ARG A 12 9.21 -5.97 8.45
N GLN A 13 10.18 -5.66 7.59
CA GLN A 13 9.91 -5.50 6.16
C GLN A 13 9.00 -4.29 5.92
N ARG A 14 9.39 -3.14 6.47
CA ARG A 14 8.61 -1.91 6.31
C ARG A 14 9.51 -0.75 5.89
N ILE A 15 10.50 -1.05 5.05
CA ILE A 15 11.42 -0.04 4.56
C ILE A 15 10.70 1.02 3.73
N ARG A 16 9.50 0.67 3.27
CA ARG A 16 8.70 1.59 2.46
C ARG A 16 7.24 1.12 2.39
N LYS A 17 6.32 2.07 2.41
CA LYS A 17 4.89 1.76 2.34
C LYS A 17 4.18 2.69 1.38
N LEU A 18 2.91 2.40 1.10
CA LEU A 18 2.11 3.23 0.20
C LEU A 18 0.70 3.42 0.74
N GLN A 19 0.17 4.63 0.60
CA GLN A 19 -1.16 4.96 1.07
C GLN A 19 -2.12 5.17 -0.09
N ILE A 20 -3.28 4.52 -0.02
CA ILE A 20 -4.28 4.64 -1.09
C ILE A 20 -5.56 5.26 -0.55
N ARG A 21 -6.13 6.19 -1.32
CA ARG A 21 -7.36 6.86 -0.92
C ARG A 21 -8.30 7.02 -2.11
N ASN A 22 -9.44 7.68 -1.89
CA ASN A 22 -10.42 7.90 -2.94
C ASN A 22 -10.95 6.57 -3.47
N ILE A 23 -11.03 5.58 -2.59
CA ILE A 23 -11.52 4.27 -2.98
C ILE A 23 -13.02 4.16 -2.79
N PRO A 24 -13.72 3.62 -3.80
CA PRO A 24 -15.18 3.45 -3.77
C PRO A 24 -15.61 2.37 -2.78
N PRO A 25 -16.49 2.76 -1.84
CA PRO A 25 -17.00 1.83 -0.82
C PRO A 25 -17.94 0.79 -1.41
N HIS A 26 -18.12 0.82 -2.72
CA HIS A 26 -18.98 -0.13 -3.40
C HIS A 26 -18.20 -1.36 -3.84
N LEU A 27 -17.01 -1.13 -4.37
CA LEU A 27 -16.16 -2.23 -4.84
C LEU A 27 -15.90 -3.23 -3.72
N GLN A 28 -15.67 -4.48 -4.09
CA GLN A 28 -15.41 -5.54 -3.11
C GLN A 28 -13.92 -5.72 -2.88
N TRP A 29 -13.52 -5.74 -1.61
CA TRP A 29 -12.12 -5.89 -1.27
C TRP A 29 -11.48 -7.04 -2.05
N GLU A 30 -12.12 -8.20 -2.02
CA GLU A 30 -11.62 -9.37 -2.74
C GLU A 30 -11.06 -8.97 -4.10
N VAL A 31 -11.66 -7.96 -4.71
CA VAL A 31 -11.23 -7.48 -6.02
C VAL A 31 -9.99 -6.61 -5.90
N LEU A 32 -9.98 -5.74 -4.90
CA LEU A 32 -8.85 -4.85 -4.67
C LEU A 32 -7.56 -5.64 -4.44
N ASP A 33 -7.60 -6.55 -3.48
CA ASP A 33 -6.44 -7.37 -3.17
C ASP A 33 -5.70 -7.79 -4.45
N SER A 34 -6.44 -8.38 -5.37
CA SER A 34 -5.85 -8.82 -6.64
C SER A 34 -5.24 -7.64 -7.40
N LEU A 35 -6.00 -6.57 -7.52
CA LEU A 35 -5.52 -5.38 -8.21
C LEU A 35 -4.14 -4.98 -7.73
N LEU A 36 -3.94 -5.01 -6.41
CA LEU A 36 -2.65 -4.64 -5.83
C LEU A 36 -1.58 -5.67 -6.18
N VAL A 37 -1.99 -6.94 -6.24
CA VAL A 37 -1.07 -8.02 -6.57
C VAL A 37 -0.63 -7.94 -8.02
N GLN A 38 -1.57 -7.61 -8.91
CA GLN A 38 -1.28 -7.51 -10.33
C GLN A 38 0.00 -6.70 -10.57
N TYR A 39 0.08 -5.54 -9.92
CA TYR A 39 1.25 -4.68 -10.05
C TYR A 39 2.52 -5.40 -9.60
N GLY A 40 2.52 -5.86 -8.35
CA GLY A 40 3.67 -6.56 -7.82
C GLY A 40 3.30 -7.50 -6.70
N VAL A 41 4.28 -7.80 -5.84
CA VAL A 41 4.06 -8.70 -4.71
C VAL A 41 3.71 -7.91 -3.44
N VAL A 42 2.41 -7.74 -3.20
CA VAL A 42 1.95 -7.01 -2.03
C VAL A 42 2.23 -7.79 -0.75
N GLU A 43 3.37 -7.51 -0.12
CA GLU A 43 3.75 -8.18 1.11
C GLU A 43 2.58 -8.27 2.07
N SER A 44 2.00 -7.12 2.40
CA SER A 44 0.87 -7.07 3.32
C SER A 44 -0.02 -5.87 3.02
N CYS A 45 -1.32 -6.02 3.25
CA CYS A 45 -2.28 -4.96 3.00
C CYS A 45 -2.91 -4.48 4.30
N GLU A 46 -2.40 -3.39 4.84
CA GLU A 46 -2.92 -2.84 6.09
C GLU A 46 -4.07 -1.87 5.82
N GLN A 47 -5.00 -1.78 6.77
CA GLN A 47 -6.15 -0.89 6.63
C GLN A 47 -5.94 0.39 7.43
N VAL A 48 -6.53 1.47 6.95
CA VAL A 48 -6.42 2.76 7.62
C VAL A 48 -7.63 3.64 7.34
N ASN A 49 -7.83 4.65 8.19
CA ASN A 49 -8.96 5.56 8.03
C ASN A 49 -8.54 7.01 8.28
N THR A 50 -8.44 7.78 7.21
CA THR A 50 -8.04 9.18 7.31
C THR A 50 -9.25 10.09 7.51
N ASP A 51 -10.31 9.53 8.10
CA ASP A 51 -11.53 10.29 8.35
C ASP A 51 -12.15 10.78 7.05
N SER A 52 -12.12 9.93 6.03
CA SER A 52 -12.67 10.27 4.73
C SER A 52 -13.79 9.32 4.33
N GLU A 53 -14.69 9.79 3.49
CA GLU A 53 -15.82 8.98 3.04
C GLU A 53 -15.34 7.71 2.35
N THR A 54 -14.52 7.88 1.31
CA THR A 54 -13.98 6.74 0.57
C THR A 54 -13.18 5.82 1.48
N ALA A 55 -12.88 4.62 0.98
CA ALA A 55 -12.12 3.65 1.75
C ALA A 55 -10.62 3.95 1.67
N VAL A 56 -9.95 3.89 2.82
CA VAL A 56 -8.52 4.16 2.89
C VAL A 56 -7.76 2.91 3.30
N VAL A 57 -6.71 2.58 2.55
CA VAL A 57 -5.89 1.41 2.83
C VAL A 57 -4.42 1.67 2.48
N ASN A 58 -3.53 0.90 3.11
CA ASN A 58 -2.10 1.05 2.86
C ASN A 58 -1.51 -0.24 2.32
N VAL A 59 -0.86 -0.16 1.16
CA VAL A 59 -0.26 -1.32 0.53
C VAL A 59 1.23 -1.37 0.83
N THR A 60 1.73 -2.58 1.09
CA THR A 60 3.15 -2.78 1.38
C THR A 60 3.76 -3.86 0.50
N TYR A 61 4.40 -3.44 -0.59
CA TYR A 61 5.02 -4.38 -1.51
C TYR A 61 6.36 -4.86 -0.98
N SER A 62 6.97 -5.81 -1.69
CA SER A 62 8.26 -6.36 -1.29
C SER A 62 9.41 -5.60 -1.95
N SER A 63 9.28 -5.35 -3.24
CA SER A 63 10.30 -4.63 -4.00
C SER A 63 9.89 -3.19 -4.21
N LYS A 64 10.86 -2.36 -4.61
CA LYS A 64 10.61 -0.94 -4.87
C LYS A 64 9.97 -0.74 -6.24
N ASP A 65 10.59 -1.31 -7.26
CA ASP A 65 10.08 -1.20 -8.62
C ASP A 65 8.61 -1.62 -8.70
N GLN A 66 8.28 -2.71 -8.02
CA GLN A 66 6.92 -3.21 -8.01
C GLN A 66 5.95 -2.18 -7.43
N ALA A 67 6.43 -1.45 -6.41
CA ALA A 67 5.62 -0.43 -5.77
C ALA A 67 5.50 0.81 -6.64
N ARG A 68 6.57 1.13 -7.35
CA ARG A 68 6.58 2.30 -8.23
C ARG A 68 5.38 2.29 -9.17
N GLN A 69 5.25 1.21 -9.94
CA GLN A 69 4.15 1.08 -10.89
C GLN A 69 2.81 1.19 -10.17
N ALA A 70 2.58 0.29 -9.21
CA ALA A 70 1.33 0.30 -8.45
C ALA A 70 0.82 1.72 -8.24
N LEU A 71 1.68 2.57 -7.70
CA LEU A 71 1.32 3.97 -7.43
C LEU A 71 1.23 4.76 -8.74
N ASP A 72 2.30 4.72 -9.52
CA ASP A 72 2.34 5.44 -10.80
C ASP A 72 1.02 5.27 -11.55
N LYS A 73 0.31 4.18 -11.26
CA LYS A 73 -0.96 3.90 -11.92
C LYS A 73 -2.13 4.21 -10.99
N LEU A 74 -2.19 3.49 -9.87
CA LEU A 74 -3.26 3.68 -8.90
C LEU A 74 -3.45 5.16 -8.59
N ASN A 75 -2.35 5.87 -8.36
CA ASN A 75 -2.40 7.29 -8.07
C ASN A 75 -3.42 8.00 -8.95
N GLY A 76 -3.65 7.45 -10.13
CA GLY A 76 -4.61 8.04 -11.05
C GLY A 76 -5.57 7.02 -11.62
N PHE A 77 -5.50 5.79 -11.12
CA PHE A 77 -6.36 4.71 -11.59
C PHE A 77 -7.83 5.02 -11.27
N GLN A 78 -8.59 5.36 -12.31
CA GLN A 78 -10.00 5.68 -12.14
C GLN A 78 -10.82 4.40 -11.93
N LEU A 79 -11.64 4.40 -10.89
CA LEU A 79 -12.48 3.25 -10.58
C LEU A 79 -13.85 3.69 -10.09
N GLU A 80 -14.90 3.02 -10.57
CA GLU A 80 -16.26 3.34 -10.19
C GLU A 80 -16.43 4.84 -9.97
N ASN A 81 -15.85 5.63 -10.88
CA ASN A 81 -15.93 7.08 -10.79
C ASN A 81 -15.22 7.60 -9.54
N PHE A 82 -14.01 7.10 -9.32
CA PHE A 82 -13.22 7.52 -8.15
C PHE A 82 -11.73 7.40 -8.44
N THR A 83 -11.09 8.55 -8.64
CA THR A 83 -9.66 8.59 -8.91
C THR A 83 -8.84 8.17 -7.70
N LEU A 84 -8.39 6.93 -7.69
CA LEU A 84 -7.60 6.40 -6.58
C LEU A 84 -6.38 7.29 -6.33
N LYS A 85 -6.32 7.87 -5.13
CA LYS A 85 -5.19 8.73 -4.76
C LYS A 85 -4.14 7.94 -4.02
N VAL A 86 -2.92 7.92 -4.57
CA VAL A 86 -1.81 7.20 -3.95
C VAL A 86 -0.64 8.14 -3.66
N ALA A 87 0.02 7.90 -2.53
CA ALA A 87 1.16 8.72 -2.13
C ALA A 87 2.15 7.93 -1.29
N TYR A 88 3.43 8.18 -1.50
CA TYR A 88 4.48 7.48 -0.76
C TYR A 88 4.43 7.85 0.72
N ILE A 89 4.04 6.89 1.55
CA ILE A 89 3.96 7.10 2.99
C ILE A 89 5.33 7.40 3.58
N PRO A 90 5.38 8.38 4.50
CA PRO A 90 6.62 8.79 5.17
C PRO A 90 7.14 7.72 6.13
N ASP A 91 8.27 8.01 6.77
CA ASP A 91 8.86 7.08 7.71
C ASP A 91 8.71 7.57 9.14
N GLU A 92 8.23 6.70 10.03
CA GLU A 92 8.03 7.06 11.43
C GLU A 92 9.37 7.34 12.11
N MET A 93 9.58 8.60 12.49
CA MET A 93 10.81 8.99 13.15
C MET A 93 10.58 9.21 14.65
N ALA A 94 11.67 9.35 15.40
CA ALA A 94 11.58 9.55 16.84
C ALA A 94 12.92 10.01 17.41
N ALA A 95 12.89 10.59 18.60
CA ALA A 95 14.10 11.07 19.25
C ALA A 95 15.07 9.92 19.52
N GLN A 96 14.54 8.79 19.98
CA GLN A 96 15.36 7.62 20.27
C GLN A 96 15.85 6.98 18.98
N GLY A 1 20.08 -18.87 -1.33
CA GLY A 1 20.44 -17.50 -1.68
C GLY A 1 20.03 -16.50 -0.61
N SER A 2 20.58 -15.29 -0.69
CA SER A 2 20.28 -14.26 0.28
C SER A 2 20.72 -12.89 -0.23
N SER A 3 19.91 -11.87 0.05
CA SER A 3 20.22 -10.51 -0.40
C SER A 3 21.00 -9.76 0.67
N GLY A 4 22.11 -9.14 0.27
CA GLY A 4 22.93 -8.41 1.21
C GLY A 4 24.17 -7.82 0.55
N SER A 5 24.46 -6.56 0.84
CA SER A 5 25.63 -5.88 0.27
C SER A 5 26.17 -4.84 1.22
N SER A 6 27.39 -4.38 0.97
CA SER A 6 28.03 -3.38 1.81
C SER A 6 28.47 -2.18 0.98
N GLY A 7 27.60 -1.20 0.85
CA GLY A 7 27.92 -0.01 0.08
C GLY A 7 28.30 1.17 0.95
N SER A 8 27.90 2.37 0.55
CA SER A 8 28.21 3.58 1.30
C SER A 8 26.95 4.13 1.97
N VAL A 9 25.87 4.21 1.21
CA VAL A 9 24.61 4.73 1.72
C VAL A 9 24.40 4.33 3.18
N PRO A 10 23.90 5.27 3.98
CA PRO A 10 23.64 5.04 5.41
C PRO A 10 22.48 4.07 5.64
N LYS A 11 22.39 3.55 6.87
CA LYS A 11 21.32 2.62 7.22
C LYS A 11 20.40 3.22 8.27
N ARG A 12 19.15 3.45 7.89
CA ARG A 12 18.16 4.03 8.80
C ARG A 12 16.95 3.11 8.93
N GLN A 13 16.41 2.67 7.79
CA GLN A 13 15.25 1.79 7.78
C GLN A 13 15.14 1.05 6.47
N ARG A 14 14.59 -0.16 6.52
CA ARG A 14 14.43 -0.98 5.32
C ARG A 14 12.99 -1.44 5.17
N ILE A 15 12.14 -0.54 4.66
CA ILE A 15 10.72 -0.86 4.46
C ILE A 15 10.01 0.27 3.74
N ARG A 16 9.21 -0.10 2.74
CA ARG A 16 8.46 0.89 1.96
C ARG A 16 6.97 0.57 1.97
N LYS A 17 6.16 1.58 2.26
CA LYS A 17 4.70 1.41 2.30
C LYS A 17 4.01 2.44 1.42
N LEU A 18 2.77 2.15 1.04
CA LEU A 18 2.00 3.05 0.20
C LEU A 18 0.58 3.21 0.74
N GLN A 19 0.06 4.44 0.64
CA GLN A 19 -1.29 4.72 1.12
C GLN A 19 -2.22 5.06 -0.05
N ILE A 20 -3.31 4.31 -0.16
CA ILE A 20 -4.28 4.53 -1.23
C ILE A 20 -5.57 5.13 -0.69
N ARG A 21 -6.08 6.14 -1.36
CA ARG A 21 -7.31 6.80 -0.95
C ARG A 21 -8.25 7.00 -2.14
N ASN A 22 -9.38 7.65 -1.90
CA ASN A 22 -10.36 7.91 -2.95
C ASN A 22 -10.95 6.60 -3.45
N ILE A 23 -11.00 5.59 -2.59
CA ILE A 23 -11.55 4.29 -2.95
C ILE A 23 -13.05 4.24 -2.72
N PRO A 24 -13.80 3.80 -3.74
CA PRO A 24 -15.25 3.68 -3.67
C PRO A 24 -15.71 2.58 -2.72
N PRO A 25 -16.67 2.91 -1.85
CA PRO A 25 -17.22 1.95 -0.87
C PRO A 25 -18.05 0.86 -1.54
N HIS A 26 -18.13 0.90 -2.86
CA HIS A 26 -18.90 -0.08 -3.62
C HIS A 26 -18.03 -1.28 -3.98
N LEU A 27 -16.76 -1.02 -4.25
CA LEU A 27 -15.82 -2.09 -4.61
C LEU A 27 -15.67 -3.09 -3.46
N GLN A 28 -15.31 -4.32 -3.80
CA GLN A 28 -15.12 -5.37 -2.81
C GLN A 28 -13.65 -5.64 -2.56
N TRP A 29 -13.32 -6.08 -1.35
CA TRP A 29 -11.94 -6.36 -0.98
C TRP A 29 -11.36 -7.45 -1.89
N GLU A 30 -12.02 -8.60 -1.93
CA GLU A 30 -11.55 -9.71 -2.76
C GLU A 30 -11.01 -9.20 -4.10
N VAL A 31 -11.65 -8.17 -4.65
CA VAL A 31 -11.22 -7.60 -5.91
C VAL A 31 -10.05 -6.65 -5.72
N LEU A 32 -10.08 -5.91 -4.62
CA LEU A 32 -9.01 -4.95 -4.32
C LEU A 32 -7.68 -5.67 -4.12
N ASP A 33 -7.68 -6.68 -3.26
CA ASP A 33 -6.47 -7.46 -2.98
C ASP A 33 -5.72 -7.76 -4.27
N SER A 34 -6.43 -8.29 -5.25
CA SER A 34 -5.83 -8.63 -6.54
C SER A 34 -5.28 -7.39 -7.23
N LEU A 35 -6.07 -6.32 -7.22
CA LEU A 35 -5.67 -5.07 -7.85
C LEU A 35 -4.29 -4.64 -7.38
N LEU A 36 -4.00 -4.91 -6.11
CA LEU A 36 -2.71 -4.55 -5.53
C LEU A 36 -1.67 -5.63 -5.81
N VAL A 37 -2.07 -6.89 -5.66
CA VAL A 37 -1.17 -8.02 -5.89
C VAL A 37 -0.80 -8.12 -7.36
N GLN A 38 -1.62 -7.53 -8.22
CA GLN A 38 -1.37 -7.55 -9.65
C GLN A 38 -0.11 -6.75 -10.01
N TYR A 39 -0.02 -5.54 -9.46
CA TYR A 39 1.12 -4.67 -9.71
C TYR A 39 2.43 -5.38 -9.38
N GLY A 40 2.57 -5.80 -8.13
CA GLY A 40 3.78 -6.49 -7.71
C GLY A 40 3.53 -7.43 -6.54
N VAL A 41 4.57 -7.67 -5.75
CA VAL A 41 4.46 -8.56 -4.60
C VAL A 41 4.07 -7.79 -3.35
N VAL A 42 2.77 -7.70 -3.10
CA VAL A 42 2.25 -6.99 -1.93
C VAL A 42 2.53 -7.76 -0.65
N GLU A 43 3.63 -7.42 0.01
CA GLU A 43 4.01 -8.08 1.26
C GLU A 43 2.83 -8.16 2.21
N SER A 44 2.26 -7.01 2.55
CA SER A 44 1.12 -6.95 3.46
C SER A 44 0.14 -5.86 3.05
N CYS A 45 -1.11 -6.02 3.44
CA CYS A 45 -2.15 -5.04 3.11
C CYS A 45 -2.88 -4.57 4.35
N GLU A 46 -2.43 -3.45 4.91
CA GLU A 46 -3.04 -2.90 6.11
C GLU A 46 -4.20 -1.97 5.76
N GLN A 47 -5.11 -1.79 6.71
CA GLN A 47 -6.28 -0.94 6.51
C GLN A 47 -6.10 0.40 7.21
N VAL A 48 -6.70 1.44 6.64
CA VAL A 48 -6.61 2.78 7.21
C VAL A 48 -7.88 3.58 6.93
N ASN A 49 -8.09 4.64 7.70
CA ASN A 49 -9.25 5.50 7.53
C ASN A 49 -8.86 6.97 7.49
N THR A 50 -9.13 7.64 6.38
CA THR A 50 -8.79 9.04 6.23
C THR A 50 -9.95 9.94 6.65
N ASP A 51 -10.88 9.36 7.42
CA ASP A 51 -12.04 10.10 7.89
C ASP A 51 -12.83 10.70 6.73
N SER A 52 -13.10 9.87 5.73
CA SER A 52 -13.84 10.32 4.56
C SER A 52 -14.70 9.18 3.99
N GLU A 53 -15.79 9.55 3.32
CA GLU A 53 -16.69 8.57 2.73
C GLU A 53 -15.90 7.42 2.12
N THR A 54 -15.11 7.71 1.09
CA THR A 54 -14.32 6.70 0.42
C THR A 54 -13.45 5.94 1.41
N ALA A 55 -13.13 4.69 1.07
CA ALA A 55 -12.31 3.85 1.93
C ALA A 55 -10.83 4.14 1.72
N VAL A 56 -9.99 3.59 2.60
CA VAL A 56 -8.55 3.79 2.52
C VAL A 56 -7.79 2.54 2.93
N VAL A 57 -6.72 2.23 2.20
CA VAL A 57 -5.92 1.05 2.49
C VAL A 57 -4.44 1.33 2.25
N ASN A 58 -3.58 0.62 2.96
CA ASN A 58 -2.14 0.78 2.81
C ASN A 58 -1.50 -0.47 2.24
N VAL A 59 -0.81 -0.32 1.10
CA VAL A 59 -0.15 -1.45 0.46
C VAL A 59 1.33 -1.48 0.80
N THR A 60 1.84 -2.68 1.08
CA THR A 60 3.24 -2.85 1.43
C THR A 60 3.91 -3.89 0.53
N TYR A 61 4.58 -3.41 -0.51
CA TYR A 61 5.26 -4.30 -1.45
C TYR A 61 6.64 -4.70 -0.92
N SER A 62 7.21 -5.74 -1.50
CA SER A 62 8.53 -6.23 -1.10
C SER A 62 9.63 -5.44 -1.78
N SER A 63 9.50 -5.25 -3.09
CA SER A 63 10.49 -4.51 -3.86
C SER A 63 10.04 -3.06 -4.07
N LYS A 64 11.00 -2.20 -4.43
CA LYS A 64 10.72 -0.79 -4.66
C LYS A 64 10.00 -0.59 -6.00
N ASP A 65 10.66 -1.04 -7.07
CA ASP A 65 10.09 -0.91 -8.41
C ASP A 65 8.61 -1.29 -8.41
N GLN A 66 8.30 -2.44 -7.81
CA GLN A 66 6.92 -2.92 -7.75
C GLN A 66 5.99 -1.84 -7.21
N ALA A 67 6.45 -1.12 -6.18
CA ALA A 67 5.67 -0.06 -5.57
C ALA A 67 5.53 1.13 -6.51
N ARG A 68 6.63 1.48 -7.18
CA ARG A 68 6.63 2.60 -8.11
C ARG A 68 5.45 2.52 -9.07
N GLN A 69 5.25 1.35 -9.66
CA GLN A 69 4.15 1.14 -10.59
C GLN A 69 2.81 1.28 -9.90
N ALA A 70 2.55 0.42 -8.92
CA ALA A 70 1.30 0.45 -8.17
C ALA A 70 0.81 1.89 -7.98
N LEU A 71 1.70 2.76 -7.50
CA LEU A 71 1.36 4.15 -7.27
C LEU A 71 1.29 4.91 -8.60
N ASP A 72 2.33 4.77 -9.41
CA ASP A 72 2.38 5.44 -10.70
C ASP A 72 1.09 5.22 -11.50
N LYS A 73 0.35 4.18 -11.12
CA LYS A 73 -0.91 3.86 -11.78
C LYS A 73 -2.10 4.18 -10.89
N LEU A 74 -2.16 3.53 -9.73
CA LEU A 74 -3.25 3.76 -8.78
C LEU A 74 -3.43 5.24 -8.51
N ASN A 75 -2.32 5.97 -8.47
CA ASN A 75 -2.35 7.40 -8.21
C ASN A 75 -3.35 8.10 -9.13
N GLY A 76 -3.64 7.47 -10.26
CA GLY A 76 -4.58 8.04 -11.21
C GLY A 76 -5.55 7.01 -11.76
N PHE A 77 -5.61 5.86 -11.10
CA PHE A 77 -6.51 4.79 -11.53
C PHE A 77 -7.96 5.14 -11.20
N GLN A 78 -8.70 5.56 -12.22
CA GLN A 78 -10.11 5.93 -12.04
C GLN A 78 -10.97 4.68 -11.85
N LEU A 79 -11.64 4.61 -10.70
CA LEU A 79 -12.50 3.48 -10.39
C LEU A 79 -13.85 3.94 -9.85
N GLU A 80 -14.91 3.75 -10.63
CA GLU A 80 -16.24 4.16 -10.23
C GLU A 80 -16.32 5.67 -10.02
N ASN A 81 -15.76 6.41 -10.96
CA ASN A 81 -15.76 7.87 -10.90
C ASN A 81 -15.01 8.35 -9.65
N PHE A 82 -14.08 7.53 -9.18
CA PHE A 82 -13.30 7.88 -7.99
C PHE A 82 -11.81 7.69 -8.25
N THR A 83 -11.16 8.75 -8.72
CA THR A 83 -9.73 8.71 -9.02
C THR A 83 -8.93 8.31 -7.78
N LEU A 84 -8.42 7.08 -7.78
CA LEU A 84 -7.63 6.58 -6.66
C LEU A 84 -6.39 7.44 -6.44
N LYS A 85 -6.24 7.94 -5.22
CA LYS A 85 -5.09 8.77 -4.88
C LYS A 85 -4.08 7.99 -4.04
N VAL A 86 -2.86 7.87 -4.56
CA VAL A 86 -1.80 7.16 -3.86
C VAL A 86 -0.63 8.08 -3.53
N ALA A 87 -0.03 7.86 -2.37
CA ALA A 87 1.11 8.67 -1.94
C ALA A 87 2.10 7.84 -1.14
N TYR A 88 3.38 8.15 -1.29
CA TYR A 88 4.44 7.43 -0.59
C TYR A 88 4.38 7.71 0.90
N ILE A 89 4.05 6.68 1.68
CA ILE A 89 3.96 6.82 3.13
C ILE A 89 5.33 7.08 3.74
N PRO A 90 5.39 8.00 4.72
CA PRO A 90 6.63 8.35 5.41
C PRO A 90 7.14 7.22 6.30
N ASP A 91 8.30 6.67 5.95
CA ASP A 91 8.89 5.58 6.72
C ASP A 91 10.21 6.03 7.36
N GLU A 92 10.11 6.69 8.51
CA GLU A 92 11.29 7.16 9.22
C GLU A 92 10.92 7.69 10.61
N MET A 93 11.90 7.73 11.50
CA MET A 93 11.68 8.21 12.85
C MET A 93 12.51 9.46 13.13
N ALA A 94 12.78 10.23 12.08
CA ALA A 94 13.56 11.45 12.20
C ALA A 94 12.71 12.69 11.88
N ALA A 95 12.99 13.78 12.56
CA ALA A 95 12.27 15.03 12.34
C ALA A 95 13.15 16.24 12.60
N GLN A 96 12.61 17.43 12.31
CA GLN A 96 13.36 18.66 12.50
C GLN A 96 14.13 18.64 13.83
#